data_2ROT
#
_entry.id   2ROT
#
_entity_poly.entity_id   1
_entity_poly.type   'polypeptide(L)'
_entity_poly.pdbx_seq_one_letter_code
;MDETGKELVLALYDYQEKSPREVTMKKGDILTLLNSTNKDWWKVEVKITVNGKTYERQGFVPAAYVKKLD
;
_entity_poly.pdbx_strand_id   A
#
# COMPACT_ATOMS: atom_id res chain seq x y z
N MET A 1 -2.21 9.63 2.55
CA MET A 1 -2.14 9.65 4.00
C MET A 1 -3.11 10.68 4.58
N ASP A 2 -4.39 10.30 4.64
CA ASP A 2 -5.42 11.18 5.17
C ASP A 2 -5.72 10.84 6.62
N GLU A 3 -4.71 10.37 7.34
CA GLU A 3 -4.87 10.01 8.75
C GLU A 3 -6.21 9.33 8.99
N THR A 4 -6.58 8.43 8.08
CA THR A 4 -7.84 7.71 8.19
C THR A 4 -7.89 6.89 9.48
N GLY A 5 -6.73 6.42 9.92
CA GLY A 5 -6.67 5.62 11.14
C GLY A 5 -7.64 4.46 11.11
N LYS A 6 -7.62 3.70 10.02
CA LYS A 6 -8.50 2.55 9.88
C LYS A 6 -7.70 1.25 9.82
N GLU A 7 -6.96 1.06 8.73
CA GLU A 7 -6.14 -0.13 8.56
C GLU A 7 -4.82 0.20 7.89
N LEU A 8 -3.75 0.19 8.67
CA LEU A 8 -2.41 0.49 8.15
C LEU A 8 -1.56 -0.77 8.08
N VAL A 9 -0.68 -0.83 7.09
CA VAL A 9 0.20 -1.97 6.91
C VAL A 9 1.63 -1.53 6.59
N LEU A 10 2.60 -2.22 7.17
CA LEU A 10 4.01 -1.90 6.96
C LEU A 10 4.68 -2.95 6.08
N ALA A 11 5.46 -2.49 5.11
CA ALA A 11 6.17 -3.40 4.20
C ALA A 11 7.45 -3.91 4.84
N LEU A 12 7.66 -5.23 4.77
CA LEU A 12 8.84 -5.85 5.34
C LEU A 12 9.93 -6.01 4.28
N TYR A 13 9.52 -6.36 3.06
CA TYR A 13 10.46 -6.53 1.96
C TYR A 13 10.19 -5.54 0.85
N ASP A 14 11.10 -5.49 -0.13
CA ASP A 14 10.95 -4.57 -1.26
C ASP A 14 10.13 -5.21 -2.36
N TYR A 15 9.35 -4.38 -3.06
CA TYR A 15 8.51 -4.86 -4.14
C TYR A 15 8.38 -3.81 -5.24
N GLN A 16 8.06 -4.26 -6.45
CA GLN A 16 7.91 -3.36 -7.59
C GLN A 16 6.57 -3.58 -8.29
N GLU A 17 6.06 -2.53 -8.91
CA GLU A 17 4.78 -2.61 -9.62
C GLU A 17 4.99 -2.90 -11.10
N LYS A 18 4.33 -3.93 -11.60
CA LYS A 18 4.44 -4.30 -13.01
C LYS A 18 3.34 -3.65 -13.84
N SER A 19 2.18 -3.44 -13.22
CA SER A 19 1.05 -2.82 -13.91
C SER A 19 0.73 -1.46 -13.30
N PRO A 20 0.01 -0.62 -14.07
CA PRO A 20 -0.38 0.72 -13.63
C PRO A 20 -1.42 0.69 -12.51
N ARG A 21 -1.94 -0.51 -12.22
CA ARG A 21 -2.94 -0.67 -11.18
C ARG A 21 -2.28 -0.97 -9.85
N GLU A 22 -1.13 -1.62 -9.89
CA GLU A 22 -0.40 -1.98 -8.68
C GLU A 22 0.42 -0.79 -8.17
N VAL A 23 1.01 -0.96 -6.99
CA VAL A 23 1.81 0.11 -6.38
C VAL A 23 3.17 -0.42 -5.93
N THR A 24 4.19 0.42 -6.03
CA THR A 24 5.54 0.04 -5.63
C THR A 24 5.79 0.35 -4.16
N MET A 25 6.18 -0.68 -3.41
CA MET A 25 6.45 -0.51 -1.98
C MET A 25 7.88 -0.96 -1.64
N LYS A 26 8.36 -0.52 -0.48
CA LYS A 26 9.71 -0.88 -0.05
C LYS A 26 9.74 -1.18 1.45
N LYS A 27 10.68 -2.00 1.86
CA LYS A 27 10.82 -2.38 3.28
C LYS A 27 10.86 -1.13 4.16
N GLY A 28 9.78 -0.91 4.91
CA GLY A 28 9.72 0.24 5.78
C GLY A 28 8.67 1.25 5.35
N ASP A 29 8.01 0.96 4.22
CA ASP A 29 6.98 1.85 3.70
C ASP A 29 5.64 1.58 4.37
N ILE A 30 4.79 2.62 4.42
CA ILE A 30 3.48 2.48 5.04
C ILE A 30 2.37 2.65 3.99
N LEU A 31 1.43 1.73 3.98
CA LEU A 31 0.31 1.77 3.05
C LEU A 31 -1.03 1.63 3.77
N THR A 32 -2.08 2.19 3.17
CA THR A 32 -3.41 2.12 3.77
C THR A 32 -4.19 0.93 3.24
N LEU A 33 -4.33 -0.10 4.06
CA LEU A 33 -5.06 -1.30 3.68
C LEU A 33 -6.50 -0.97 3.31
N LEU A 34 -6.80 -0.99 2.02
CA LEU A 34 -8.15 -0.69 1.54
C LEU A 34 -9.00 -1.97 1.47
N ASN A 35 -8.40 -3.04 0.94
CA ASN A 35 -9.08 -4.31 0.81
C ASN A 35 -8.15 -5.47 1.09
N SER A 36 -8.49 -6.28 2.09
CA SER A 36 -7.67 -7.43 2.46
C SER A 36 -8.46 -8.73 2.29
N THR A 37 -9.47 -8.70 1.43
CA THR A 37 -10.29 -9.88 1.18
C THR A 37 -9.43 -11.08 0.79
N ASN A 38 -8.32 -10.81 0.10
CA ASN A 38 -7.42 -11.88 -0.33
C ASN A 38 -6.31 -12.08 0.69
N LYS A 39 -5.53 -13.14 0.49
CA LYS A 39 -4.42 -13.46 1.40
C LYS A 39 -3.08 -13.28 0.71
N ASP A 40 -3.08 -13.38 -0.62
CA ASP A 40 -1.87 -13.23 -1.40
C ASP A 40 -1.74 -11.79 -1.92
N TRP A 41 -2.79 -11.32 -2.57
CA TRP A 41 -2.80 -9.96 -3.13
C TRP A 41 -3.63 -9.03 -2.27
N TRP A 42 -2.95 -8.12 -1.58
CA TRP A 42 -3.64 -7.15 -0.71
C TRP A 42 -3.79 -5.81 -1.40
N LYS A 43 -4.98 -5.22 -1.28
CA LYS A 43 -5.26 -3.93 -1.89
C LYS A 43 -4.99 -2.79 -0.91
N VAL A 44 -3.95 -2.01 -1.17
CA VAL A 44 -3.60 -0.89 -0.32
C VAL A 44 -3.60 0.41 -1.09
N GLU A 45 -3.71 1.54 -0.37
CA GLU A 45 -3.72 2.85 -1.00
C GLU A 45 -2.46 3.62 -0.65
N VAL A 46 -1.92 4.34 -1.63
CA VAL A 46 -0.71 5.13 -1.44
C VAL A 46 -0.94 6.59 -1.82
N LYS A 47 0.03 7.43 -1.48
CA LYS A 47 -0.06 8.86 -1.78
C LYS A 47 1.06 9.30 -2.72
N ILE A 48 0.68 9.87 -3.86
CA ILE A 48 1.65 10.32 -4.84
C ILE A 48 1.53 11.83 -5.07
N THR A 49 2.60 12.56 -4.71
CA THR A 49 2.61 14.01 -4.87
C THR A 49 3.20 14.40 -6.23
N VAL A 50 2.32 14.87 -7.12
CA VAL A 50 2.75 15.29 -8.46
C VAL A 50 2.43 16.76 -8.71
N ASN A 51 3.44 17.53 -9.08
CA ASN A 51 3.26 18.95 -9.34
C ASN A 51 2.60 19.65 -8.16
N GLY A 52 3.04 19.31 -6.96
CA GLY A 52 2.47 19.91 -5.76
C GLY A 52 1.03 19.51 -5.53
N LYS A 53 0.61 18.42 -6.17
CA LYS A 53 -0.75 17.93 -6.04
C LYS A 53 -0.77 16.49 -5.53
N THR A 54 -1.32 16.31 -4.32
CA THR A 54 -1.40 14.98 -3.73
C THR A 54 -2.48 14.13 -4.39
N TYR A 55 -2.08 12.96 -4.88
CA TYR A 55 -3.00 12.06 -5.54
C TYR A 55 -3.17 10.77 -4.75
N GLU A 56 -4.35 10.16 -4.85
CA GLU A 56 -4.65 8.93 -4.14
C GLU A 56 -5.00 7.81 -5.11
N ARG A 57 -4.59 6.59 -4.78
CA ARG A 57 -4.87 5.43 -5.62
C ARG A 57 -4.60 4.14 -4.87
N GLN A 58 -5.36 3.10 -5.18
CA GLN A 58 -5.21 1.80 -4.54
C GLN A 58 -4.63 0.77 -5.51
N GLY A 59 -3.66 -0.01 -5.03
CA GLY A 59 -3.04 -1.01 -5.86
C GLY A 59 -2.83 -2.33 -5.14
N PHE A 60 -2.66 -3.41 -5.89
CA PHE A 60 -2.45 -4.73 -5.31
C PHE A 60 -0.98 -4.96 -4.98
N VAL A 61 -0.73 -5.67 -3.89
CA VAL A 61 0.64 -5.96 -3.47
C VAL A 61 0.70 -7.29 -2.71
N PRO A 62 1.88 -7.91 -2.71
CA PRO A 62 2.11 -9.18 -2.03
C PRO A 62 2.08 -9.05 -0.51
N ALA A 63 1.03 -9.59 0.10
CA ALA A 63 0.88 -9.53 1.55
C ALA A 63 2.04 -10.23 2.26
N ALA A 64 2.59 -11.24 1.60
CA ALA A 64 3.70 -12.01 2.16
C ALA A 64 4.94 -11.13 2.32
N TYR A 65 4.92 -9.97 1.66
CA TYR A 65 6.05 -9.05 1.72
C TYR A 65 5.75 -7.90 2.70
N VAL A 66 4.54 -7.87 3.21
CA VAL A 66 4.14 -6.83 4.15
C VAL A 66 3.43 -7.43 5.37
N LYS A 67 2.99 -6.57 6.27
CA LYS A 67 2.30 -7.02 7.49
C LYS A 67 1.37 -5.93 8.01
N LYS A 68 0.47 -6.31 8.91
CA LYS A 68 -0.47 -5.36 9.50
C LYS A 68 0.16 -4.62 10.68
N LEU A 69 -0.17 -3.34 10.81
CA LEU A 69 0.37 -2.53 11.90
C LEU A 69 -0.20 -2.97 13.24
N ASP A 70 -1.51 -3.15 13.29
CA ASP A 70 -2.18 -3.58 14.51
C ASP A 70 -2.86 -4.94 14.32
N MET A 1 -7.56 13.65 10.86
CA MET A 1 -8.13 13.44 9.54
C MET A 1 -9.02 12.19 9.53
N ASP A 2 -8.58 11.15 10.24
CA ASP A 2 -9.33 9.91 10.30
C ASP A 2 -9.65 9.38 8.91
N GLU A 3 -8.67 9.49 8.00
CA GLU A 3 -8.84 9.02 6.63
C GLU A 3 -7.97 7.80 6.36
N THR A 4 -6.88 7.68 7.10
CA THR A 4 -5.96 6.56 6.94
C THR A 4 -5.59 5.95 8.28
N GLY A 5 -6.42 6.19 9.29
CA GLY A 5 -6.16 5.66 10.62
C GLY A 5 -7.09 4.52 10.98
N LYS A 6 -7.32 3.63 10.02
CA LYS A 6 -8.20 2.48 10.23
C LYS A 6 -7.41 1.18 10.22
N GLU A 7 -6.90 0.81 9.04
CA GLU A 7 -6.13 -0.41 8.90
C GLU A 7 -4.88 -0.16 8.05
N LEU A 8 -3.78 0.17 8.72
CA LEU A 8 -2.52 0.43 8.04
C LEU A 8 -1.63 -0.81 8.03
N VAL A 9 -0.83 -0.95 6.98
CA VAL A 9 0.07 -2.09 6.86
C VAL A 9 1.49 -1.64 6.54
N LEU A 10 2.47 -2.33 7.11
CA LEU A 10 3.87 -2.00 6.89
C LEU A 10 4.54 -3.04 5.98
N ALA A 11 5.40 -2.57 5.08
CA ALA A 11 6.10 -3.44 4.16
C ALA A 11 7.36 -4.00 4.80
N LEU A 12 7.50 -5.33 4.76
CA LEU A 12 8.67 -5.99 5.34
C LEU A 12 9.80 -6.11 4.31
N TYR A 13 9.42 -6.35 3.06
CA TYR A 13 10.39 -6.49 1.99
C TYR A 13 10.14 -5.45 0.89
N ASP A 14 11.05 -5.40 -0.08
CA ASP A 14 10.92 -4.46 -1.18
C ASP A 14 10.14 -5.07 -2.33
N TYR A 15 9.38 -4.24 -3.04
CA TYR A 15 8.58 -4.71 -4.17
C TYR A 15 8.54 -3.66 -5.28
N GLN A 16 8.47 -4.14 -6.52
CA GLN A 16 8.44 -3.24 -7.67
C GLN A 16 7.10 -3.36 -8.41
N GLU A 17 6.61 -2.23 -8.91
CA GLU A 17 5.34 -2.22 -9.64
C GLU A 17 5.54 -2.60 -11.09
N LYS A 18 4.69 -3.50 -11.59
CA LYS A 18 4.77 -3.95 -12.97
C LYS A 18 3.56 -3.48 -13.78
N SER A 19 2.44 -3.27 -13.08
CA SER A 19 1.22 -2.81 -13.73
C SER A 19 0.82 -1.42 -13.24
N PRO A 20 -0.03 -0.74 -14.02
CA PRO A 20 -0.50 0.60 -13.69
C PRO A 20 -1.44 0.61 -12.50
N ARG A 21 -1.96 -0.57 -12.16
CA ARG A 21 -2.88 -0.70 -11.03
C ARG A 21 -2.13 -1.02 -9.75
N GLU A 22 -0.95 -1.63 -9.88
CA GLU A 22 -0.13 -1.98 -8.72
C GLU A 22 0.71 -0.80 -8.28
N VAL A 23 1.08 -0.78 -7.00
CA VAL A 23 1.89 0.29 -6.44
C VAL A 23 3.23 -0.24 -5.94
N THR A 24 4.25 0.61 -6.03
CA THR A 24 5.59 0.24 -5.59
C THR A 24 5.78 0.49 -4.09
N MET A 25 6.19 -0.54 -3.37
CA MET A 25 6.41 -0.42 -1.93
C MET A 25 7.83 -0.84 -1.56
N LYS A 26 8.28 -0.40 -0.39
CA LYS A 26 9.62 -0.73 0.09
C LYS A 26 9.60 -1.06 1.58
N LYS A 27 10.53 -1.92 2.00
CA LYS A 27 10.62 -2.30 3.40
C LYS A 27 10.67 -1.08 4.31
N GLY A 28 9.63 -0.91 5.12
CA GLY A 28 9.57 0.22 6.02
C GLY A 28 8.45 1.19 5.67
N ASP A 29 7.96 1.09 4.44
CA ASP A 29 6.89 1.97 3.98
C ASP A 29 5.55 1.55 4.59
N ILE A 30 4.63 2.50 4.68
CA ILE A 30 3.31 2.23 5.24
C ILE A 30 2.20 2.61 4.26
N LEU A 31 1.22 1.73 4.11
CA LEU A 31 0.11 1.97 3.20
C LEU A 31 -1.22 1.79 3.91
N THR A 32 -2.30 2.25 3.29
CA THR A 32 -3.63 2.13 3.86
C THR A 32 -4.37 0.91 3.31
N LEU A 33 -4.45 -0.14 4.13
CA LEU A 33 -5.13 -1.37 3.73
C LEU A 33 -6.58 -1.09 3.35
N LEU A 34 -6.86 -1.10 2.05
CA LEU A 34 -8.21 -0.85 1.55
C LEU A 34 -9.02 -2.14 1.51
N ASN A 35 -8.39 -3.21 1.02
CA ASN A 35 -9.05 -4.51 0.93
C ASN A 35 -8.12 -5.63 1.37
N SER A 36 -8.59 -6.47 2.29
CA SER A 36 -7.79 -7.58 2.78
C SER A 36 -8.55 -8.90 2.64
N THR A 37 -9.59 -8.89 1.82
CA THR A 37 -10.40 -10.08 1.59
C THR A 37 -9.54 -11.24 1.10
N ASN A 38 -8.48 -10.92 0.36
CA ASN A 38 -7.58 -11.93 -0.17
C ASN A 38 -6.44 -12.21 0.81
N LYS A 39 -5.62 -13.20 0.47
CA LYS A 39 -4.49 -13.58 1.31
C LYS A 39 -3.17 -13.35 0.58
N ASP A 40 -3.18 -13.53 -0.74
CA ASP A 40 -2.00 -13.35 -1.55
C ASP A 40 -1.86 -11.90 -2.00
N TRP A 41 -2.89 -11.39 -2.66
CA TRP A 41 -2.89 -10.02 -3.14
C TRP A 41 -3.69 -9.10 -2.20
N TRP A 42 -3.03 -8.05 -1.73
CA TRP A 42 -3.67 -7.10 -0.83
C TRP A 42 -3.78 -5.72 -1.46
N LYS A 43 -4.95 -5.11 -1.34
CA LYS A 43 -5.17 -3.78 -1.90
C LYS A 43 -4.91 -2.69 -0.87
N VAL A 44 -3.93 -1.84 -1.14
CA VAL A 44 -3.58 -0.76 -0.24
C VAL A 44 -3.54 0.58 -0.96
N GLU A 45 -3.75 1.66 -0.22
CA GLU A 45 -3.75 3.00 -0.80
C GLU A 45 -2.44 3.72 -0.48
N VAL A 46 -1.89 4.41 -1.48
CA VAL A 46 -0.66 5.15 -1.31
C VAL A 46 -0.84 6.63 -1.59
N LYS A 47 0.23 7.40 -1.47
CA LYS A 47 0.18 8.83 -1.72
C LYS A 47 1.21 9.24 -2.76
N ILE A 48 0.73 9.70 -3.92
CA ILE A 48 1.62 10.12 -5.00
C ILE A 48 1.53 11.62 -5.22
N THR A 49 2.66 12.31 -5.06
CA THR A 49 2.71 13.75 -5.25
C THR A 49 3.19 14.11 -6.64
N VAL A 50 2.29 14.63 -7.46
CA VAL A 50 2.62 15.01 -8.84
C VAL A 50 2.29 16.48 -9.08
N ASN A 51 3.27 17.23 -9.60
CA ASN A 51 3.08 18.64 -9.89
C ASN A 51 2.59 19.40 -8.64
N GLY A 52 3.11 18.99 -7.49
CA GLY A 52 2.72 19.63 -6.24
C GLY A 52 1.30 19.31 -5.84
N LYS A 53 0.75 18.24 -6.40
CA LYS A 53 -0.61 17.83 -6.11
C LYS A 53 -0.63 16.41 -5.54
N THR A 54 -1.12 16.28 -4.30
CA THR A 54 -1.20 14.99 -3.65
C THR A 54 -2.35 14.16 -4.20
N TYR A 55 -2.03 12.96 -4.69
CA TYR A 55 -3.05 12.07 -5.25
C TYR A 55 -3.15 10.78 -4.44
N GLU A 56 -4.35 10.22 -4.38
CA GLU A 56 -4.58 8.99 -3.64
C GLU A 56 -5.13 7.90 -4.55
N ARG A 57 -4.55 6.71 -4.46
CA ARG A 57 -4.98 5.58 -5.28
C ARG A 57 -4.69 4.26 -4.58
N GLN A 58 -5.48 3.24 -4.89
CA GLN A 58 -5.31 1.92 -4.29
C GLN A 58 -4.75 0.94 -5.31
N GLY A 59 -3.80 0.12 -4.87
CA GLY A 59 -3.20 -0.86 -5.77
C GLY A 59 -2.99 -2.20 -5.09
N PHE A 60 -2.79 -3.24 -5.89
CA PHE A 60 -2.58 -4.58 -5.37
C PHE A 60 -1.10 -4.82 -5.07
N VAL A 61 -0.82 -5.56 -4.00
CA VAL A 61 0.54 -5.87 -3.61
C VAL A 61 0.63 -7.21 -2.88
N PRO A 62 1.82 -7.82 -2.91
CA PRO A 62 2.06 -9.12 -2.26
C PRO A 62 2.03 -9.01 -0.74
N ALA A 63 1.01 -9.60 -0.13
CA ALA A 63 0.87 -9.58 1.32
C ALA A 63 2.05 -10.27 2.00
N ALA A 64 2.64 -11.24 1.30
CA ALA A 64 3.77 -11.98 1.83
C ALA A 64 4.99 -11.07 2.02
N TYR A 65 4.94 -9.89 1.40
CA TYR A 65 6.03 -8.94 1.49
C TYR A 65 5.69 -7.83 2.50
N VAL A 66 4.48 -7.86 3.02
CA VAL A 66 4.04 -6.86 3.99
C VAL A 66 3.35 -7.53 5.19
N LYS A 67 2.86 -6.70 6.11
CA LYS A 67 2.18 -7.20 7.30
C LYS A 67 1.35 -6.11 7.95
N LYS A 68 0.49 -6.50 8.88
CA LYS A 68 -0.37 -5.55 9.59
C LYS A 68 0.46 -4.62 10.47
N LEU A 69 0.15 -3.33 10.40
CA LEU A 69 0.87 -2.34 11.21
C LEU A 69 0.68 -2.60 12.70
N ASP A 70 -0.50 -3.09 13.06
CA ASP A 70 -0.81 -3.38 14.46
C ASP A 70 -0.48 -4.83 14.79
N MET A 1 -1.72 0.10 20.83
CA MET A 1 -3.07 0.46 20.42
C MET A 1 -3.38 -0.09 19.03
N ASP A 2 -4.54 -0.72 18.89
CA ASP A 2 -4.95 -1.29 17.62
C ASP A 2 -6.07 -0.45 16.99
N GLU A 3 -5.92 0.87 17.05
CA GLU A 3 -6.91 1.78 16.49
C GLU A 3 -6.25 3.03 15.92
N THR A 4 -5.37 2.82 14.95
CA THR A 4 -4.66 3.93 14.31
C THR A 4 -5.61 4.81 13.52
N GLY A 5 -6.72 4.22 13.08
CA GLY A 5 -7.70 4.97 12.31
C GLY A 5 -8.51 4.07 11.38
N LYS A 6 -7.83 3.42 10.44
CA LYS A 6 -8.48 2.54 9.49
C LYS A 6 -7.80 1.17 9.45
N GLU A 7 -6.63 1.13 8.81
CA GLU A 7 -5.87 -0.11 8.70
C GLU A 7 -4.57 0.12 7.93
N LEU A 8 -3.54 0.53 8.65
CA LEU A 8 -2.24 0.79 8.04
C LEU A 8 -1.38 -0.48 8.03
N VAL A 9 -0.66 -0.68 6.94
CA VAL A 9 0.21 -1.85 6.80
C VAL A 9 1.63 -1.45 6.43
N LEU A 10 2.60 -2.13 7.01
CA LEU A 10 4.00 -1.85 6.74
C LEU A 10 4.62 -2.92 5.85
N ALA A 11 5.58 -2.53 5.02
CA ALA A 11 6.26 -3.46 4.12
C ALA A 11 7.48 -4.07 4.79
N LEU A 12 7.54 -5.41 4.79
CA LEU A 12 8.66 -6.11 5.40
C LEU A 12 9.75 -6.40 4.37
N TYR A 13 9.33 -6.67 3.13
CA TYR A 13 10.27 -6.96 2.05
C TYR A 13 10.16 -5.92 0.95
N ASP A 14 10.97 -6.08 -0.09
CA ASP A 14 10.97 -5.15 -1.22
C ASP A 14 10.12 -5.70 -2.37
N TYR A 15 9.27 -4.86 -2.92
CA TYR A 15 8.41 -5.26 -4.03
C TYR A 15 8.44 -4.23 -5.15
N GLN A 16 8.07 -4.66 -6.35
CA GLN A 16 8.06 -3.78 -7.52
C GLN A 16 6.73 -3.85 -8.25
N GLU A 17 6.38 -2.77 -8.94
CA GLU A 17 5.13 -2.72 -9.69
C GLU A 17 5.36 -3.01 -11.16
N LYS A 18 4.52 -3.87 -11.74
CA LYS A 18 4.63 -4.24 -13.14
C LYS A 18 3.54 -3.57 -13.97
N SER A 19 2.42 -3.25 -13.31
CA SER A 19 1.31 -2.60 -13.99
C SER A 19 1.02 -1.23 -13.39
N PRO A 20 0.31 -0.39 -14.16
CA PRO A 20 -0.03 0.97 -13.73
C PRO A 20 -1.05 0.98 -12.60
N ARG A 21 -1.61 -0.19 -12.30
CA ARG A 21 -2.60 -0.32 -11.24
C ARG A 21 -1.94 -0.68 -9.92
N GLU A 22 -0.78 -1.35 -10.00
CA GLU A 22 -0.05 -1.76 -8.81
C GLU A 22 0.81 -0.61 -8.28
N VAL A 23 1.36 -0.81 -7.08
CA VAL A 23 2.19 0.21 -6.46
C VAL A 23 3.52 -0.38 -5.99
N THR A 24 4.60 0.39 -6.12
CA THR A 24 5.91 -0.06 -5.71
C THR A 24 6.15 0.21 -4.23
N MET A 25 6.45 -0.84 -3.47
CA MET A 25 6.70 -0.71 -2.04
C MET A 25 8.05 -1.31 -1.67
N LYS A 26 8.59 -0.87 -0.54
CA LYS A 26 9.89 -1.37 -0.07
C LYS A 26 9.87 -1.58 1.43
N LYS A 27 10.76 -2.44 1.92
CA LYS A 27 10.86 -2.74 3.34
C LYS A 27 10.95 -1.45 4.16
N GLY A 28 9.86 -1.10 4.83
CA GLY A 28 9.84 0.10 5.64
C GLY A 28 8.73 1.05 5.25
N ASP A 29 8.20 0.88 4.05
CA ASP A 29 7.12 1.73 3.56
C ASP A 29 5.81 1.40 4.28
N ILE A 30 4.83 2.29 4.15
CA ILE A 30 3.54 2.09 4.79
C ILE A 30 2.40 2.54 3.87
N LEU A 31 1.40 1.68 3.73
CA LEU A 31 0.25 1.97 2.88
C LEU A 31 -1.05 1.86 3.66
N THR A 32 -2.13 2.36 3.07
CA THR A 32 -3.45 2.31 3.71
C THR A 32 -4.28 1.15 3.19
N LEU A 33 -4.36 0.08 3.97
CA LEU A 33 -5.13 -1.10 3.58
C LEU A 33 -6.55 -0.71 3.19
N LEU A 34 -6.87 -0.87 1.90
CA LEU A 34 -8.20 -0.54 1.40
C LEU A 34 -9.05 -1.80 1.27
N ASN A 35 -8.42 -2.91 0.92
CA ASN A 35 -9.13 -4.17 0.76
C ASN A 35 -8.20 -5.35 1.03
N SER A 36 -8.51 -6.12 2.06
CA SER A 36 -7.70 -7.28 2.43
C SER A 36 -8.52 -8.57 2.32
N THR A 37 -9.51 -8.56 1.44
CA THR A 37 -10.36 -9.72 1.23
C THR A 37 -9.54 -10.94 0.86
N ASN A 38 -8.40 -10.71 0.20
CA ASN A 38 -7.52 -11.79 -0.22
C ASN A 38 -6.42 -12.02 0.81
N LYS A 39 -5.75 -13.16 0.71
CA LYS A 39 -4.67 -13.51 1.62
C LYS A 39 -3.31 -13.33 0.95
N ASP A 40 -3.27 -13.52 -0.36
CA ASP A 40 -2.04 -13.38 -1.13
C ASP A 40 -1.89 -11.95 -1.66
N TRP A 41 -2.94 -11.46 -2.31
CA TRP A 41 -2.92 -10.11 -2.87
C TRP A 41 -3.71 -9.15 -1.99
N TRP A 42 -3.03 -8.13 -1.48
CA TRP A 42 -3.66 -7.14 -0.62
C TRP A 42 -3.79 -5.79 -1.34
N LYS A 43 -4.98 -5.19 -1.26
CA LYS A 43 -5.23 -3.92 -1.90
C LYS A 43 -5.00 -2.77 -0.93
N VAL A 44 -3.97 -1.97 -1.18
CA VAL A 44 -3.64 -0.84 -0.32
C VAL A 44 -3.69 0.48 -1.11
N GLU A 45 -3.76 1.59 -0.39
CA GLU A 45 -3.81 2.90 -1.02
C GLU A 45 -2.53 3.67 -0.76
N VAL A 46 -1.99 4.30 -1.82
CA VAL A 46 -0.77 5.07 -1.70
C VAL A 46 -1.03 6.56 -1.90
N LYS A 47 0.02 7.36 -1.82
CA LYS A 47 -0.10 8.80 -1.99
C LYS A 47 0.98 9.33 -2.92
N ILE A 48 0.56 9.91 -4.04
CA ILE A 48 1.50 10.45 -5.02
C ILE A 48 1.29 11.95 -5.20
N THR A 49 2.33 12.73 -4.93
CA THR A 49 2.25 14.19 -5.07
C THR A 49 2.69 14.63 -6.46
N VAL A 50 1.76 15.24 -7.19
CA VAL A 50 2.05 15.70 -8.54
C VAL A 50 1.67 17.18 -8.70
N ASN A 51 2.63 17.98 -9.17
CA ASN A 51 2.40 19.40 -9.37
C ASN A 51 1.89 20.06 -8.08
N GLY A 52 2.40 19.58 -6.95
CA GLY A 52 1.98 20.13 -5.67
C GLY A 52 0.59 19.67 -5.26
N LYS A 53 0.13 18.58 -5.86
CA LYS A 53 -1.19 18.03 -5.56
C LYS A 53 -1.10 16.55 -5.18
N THR A 54 -1.48 16.24 -3.94
CA THR A 54 -1.44 14.87 -3.45
C THR A 54 -2.61 14.06 -4.01
N TYR A 55 -2.30 12.89 -4.56
CA TYR A 55 -3.33 12.02 -5.12
C TYR A 55 -3.26 10.62 -4.49
N GLU A 56 -4.42 9.99 -4.36
CA GLU A 56 -4.50 8.66 -3.78
C GLU A 56 -4.94 7.63 -4.83
N ARG A 57 -4.28 6.48 -4.84
CA ARG A 57 -4.60 5.43 -5.79
C ARG A 57 -4.50 4.05 -5.13
N GLN A 58 -5.13 3.07 -5.74
CA GLN A 58 -5.12 1.70 -5.21
C GLN A 58 -3.99 0.89 -5.84
N GLY A 59 -3.35 0.05 -5.02
CA GLY A 59 -2.26 -0.78 -5.53
C GLY A 59 -2.27 -2.17 -4.92
N PHE A 60 -2.14 -3.17 -5.77
CA PHE A 60 -2.14 -4.57 -5.33
C PHE A 60 -0.72 -5.03 -5.02
N VAL A 61 -0.51 -5.52 -3.80
CA VAL A 61 0.79 -6.00 -3.38
C VAL A 61 0.67 -7.30 -2.58
N PRO A 62 1.75 -8.09 -2.58
CA PRO A 62 1.79 -9.37 -1.86
C PRO A 62 1.80 -9.19 -0.34
N ALA A 63 0.75 -9.65 0.31
CA ALA A 63 0.64 -9.54 1.77
C ALA A 63 1.79 -10.26 2.46
N ALA A 64 2.27 -11.34 1.84
CA ALA A 64 3.37 -12.10 2.40
C ALA A 64 4.63 -11.26 2.53
N TYR A 65 4.66 -10.14 1.81
CA TYR A 65 5.80 -9.24 1.83
C TYR A 65 5.58 -8.11 2.83
N VAL A 66 4.33 -7.92 3.24
CA VAL A 66 3.99 -6.87 4.19
C VAL A 66 3.34 -7.45 5.44
N LYS A 67 2.88 -6.57 6.32
CA LYS A 67 2.23 -6.99 7.56
C LYS A 67 1.42 -5.86 8.17
N LYS A 68 0.49 -6.21 9.05
CA LYS A 68 -0.36 -5.22 9.70
C LYS A 68 0.45 -4.35 10.65
N LEU A 69 0.22 -3.04 10.61
CA LEU A 69 0.93 -2.11 11.47
C LEU A 69 0.79 -2.50 12.94
N ASP A 70 -0.31 -3.17 13.26
CA ASP A 70 -0.57 -3.61 14.63
C ASP A 70 -1.12 -5.03 14.64
N MET A 1 0.60 9.80 5.16
CA MET A 1 0.90 8.97 6.32
C MET A 1 -0.35 8.69 7.13
N ASP A 2 -1.18 9.71 7.29
CA ASP A 2 -2.42 9.58 8.05
C ASP A 2 -3.64 9.72 7.14
N GLU A 3 -3.67 8.94 6.07
CA GLU A 3 -4.77 8.98 5.11
C GLU A 3 -6.11 8.77 5.83
N THR A 4 -6.35 7.54 6.26
CA THR A 4 -7.59 7.21 6.96
C THR A 4 -7.32 6.84 8.41
N GLY A 5 -6.17 6.23 8.67
CA GLY A 5 -5.81 5.85 10.03
C GLY A 5 -6.71 4.75 10.56
N LYS A 6 -7.02 3.77 9.73
CA LYS A 6 -7.88 2.66 10.12
C LYS A 6 -7.10 1.35 10.13
N GLU A 7 -6.60 0.95 8.96
CA GLU A 7 -5.84 -0.28 8.84
C GLU A 7 -4.58 -0.06 8.00
N LEU A 8 -3.50 0.33 8.67
CA LEU A 8 -2.24 0.59 7.99
C LEU A 8 -1.37 -0.67 7.98
N VAL A 9 -0.61 -0.86 6.90
CA VAL A 9 0.26 -2.01 6.77
C VAL A 9 1.68 -1.59 6.41
N LEU A 10 2.66 -2.28 6.97
CA LEU A 10 4.07 -1.98 6.72
C LEU A 10 4.68 -3.03 5.80
N ALA A 11 5.60 -2.59 4.94
CA ALA A 11 6.28 -3.49 4.02
C ALA A 11 7.57 -4.03 4.62
N LEU A 12 7.68 -5.35 4.68
CA LEU A 12 8.87 -6.00 5.23
C LEU A 12 9.94 -6.17 4.16
N TYR A 13 9.52 -6.49 2.94
CA TYR A 13 10.44 -6.68 1.84
C TYR A 13 10.20 -5.66 0.74
N ASP A 14 11.20 -5.45 -0.11
CA ASP A 14 11.09 -4.50 -1.20
C ASP A 14 10.24 -5.07 -2.33
N TYR A 15 9.51 -4.19 -3.01
CA TYR A 15 8.64 -4.61 -4.12
C TYR A 15 8.55 -3.51 -5.17
N GLN A 16 8.38 -3.91 -6.43
CA GLN A 16 8.28 -2.97 -7.53
C GLN A 16 6.97 -3.15 -8.28
N GLU A 17 6.51 -2.09 -8.93
CA GLU A 17 5.26 -2.14 -9.68
C GLU A 17 5.53 -2.44 -11.16
N LYS A 18 4.75 -3.35 -11.72
CA LYS A 18 4.89 -3.75 -13.12
C LYS A 18 3.70 -3.29 -13.94
N SER A 19 2.56 -3.12 -13.27
CA SER A 19 1.33 -2.69 -13.94
C SER A 19 0.78 -1.42 -13.30
N PRO A 20 -0.08 -0.72 -14.04
CA PRO A 20 -0.71 0.52 -13.57
C PRO A 20 -1.72 0.27 -12.46
N ARG A 21 -2.02 -1.00 -12.21
CA ARG A 21 -2.98 -1.37 -11.17
C ARG A 21 -2.27 -1.63 -9.85
N GLU A 22 -1.00 -2.03 -9.92
CA GLU A 22 -0.22 -2.30 -8.73
C GLU A 22 0.67 -1.11 -8.37
N VAL A 23 1.02 -1.02 -7.09
CA VAL A 23 1.87 0.07 -6.62
C VAL A 23 3.25 -0.43 -6.22
N THR A 24 4.16 0.50 -5.97
CA THR A 24 5.52 0.16 -5.58
C THR A 24 5.76 0.45 -4.10
N MET A 25 6.28 -0.55 -3.39
CA MET A 25 6.56 -0.40 -1.96
C MET A 25 7.98 -0.86 -1.64
N LYS A 26 8.56 -0.28 -0.59
CA LYS A 26 9.91 -0.63 -0.17
C LYS A 26 9.95 -0.94 1.32
N LYS A 27 11.06 -1.52 1.77
CA LYS A 27 11.24 -1.86 3.18
C LYS A 27 10.94 -0.67 4.07
N GLY A 28 9.99 -0.84 4.98
CA GLY A 28 9.62 0.23 5.88
C GLY A 28 8.42 1.02 5.40
N ASP A 29 8.20 1.00 4.09
CA ASP A 29 7.07 1.71 3.50
C ASP A 29 5.75 1.29 4.14
N ILE A 30 4.86 2.26 4.34
CA ILE A 30 3.57 1.98 4.94
C ILE A 30 2.43 2.49 4.05
N LEU A 31 1.43 1.64 3.84
CA LEU A 31 0.29 2.00 3.02
C LEU A 31 -1.02 1.85 3.79
N THR A 32 -2.12 2.28 3.20
CA THR A 32 -3.42 2.19 3.83
C THR A 32 -4.22 1.02 3.29
N LEU A 33 -4.29 -0.05 4.06
CA LEU A 33 -5.02 -1.25 3.66
C LEU A 33 -6.47 -0.92 3.33
N LEU A 34 -6.81 -0.97 2.05
CA LEU A 34 -8.16 -0.67 1.59
C LEU A 34 -9.01 -1.93 1.55
N ASN A 35 -8.45 -3.01 1.00
CA ASN A 35 -9.16 -4.28 0.90
C ASN A 35 -8.23 -5.45 1.19
N SER A 36 -8.56 -6.21 2.23
CA SER A 36 -7.74 -7.35 2.63
C SER A 36 -8.54 -8.65 2.51
N THR A 37 -9.54 -8.64 1.64
CA THR A 37 -10.38 -9.82 1.44
C THR A 37 -9.55 -11.04 1.06
N ASN A 38 -8.47 -10.79 0.32
CA ASN A 38 -7.59 -11.88 -0.11
C ASN A 38 -6.45 -12.09 0.90
N LYS A 39 -5.72 -13.18 0.73
CA LYS A 39 -4.60 -13.49 1.61
C LYS A 39 -3.27 -13.32 0.90
N ASP A 40 -3.29 -13.45 -0.42
CA ASP A 40 -2.09 -13.31 -1.23
C ASP A 40 -1.94 -11.88 -1.74
N TRP A 41 -2.98 -11.38 -2.39
CA TRP A 41 -2.98 -10.02 -2.93
C TRP A 41 -3.75 -9.08 -2.02
N TRP A 42 -3.03 -8.18 -1.36
CA TRP A 42 -3.65 -7.20 -0.46
C TRP A 42 -3.78 -5.85 -1.14
N LYS A 43 -4.96 -5.25 -1.02
CA LYS A 43 -5.23 -3.95 -1.63
C LYS A 43 -4.90 -2.82 -0.64
N VAL A 44 -3.99 -1.93 -1.05
CA VAL A 44 -3.60 -0.81 -0.21
C VAL A 44 -3.63 0.49 -0.99
N GLU A 45 -3.73 1.61 -0.27
CA GLU A 45 -3.77 2.92 -0.90
C GLU A 45 -2.49 3.70 -0.61
N VAL A 46 -1.95 4.35 -1.64
CA VAL A 46 -0.74 5.13 -1.51
C VAL A 46 -0.96 6.59 -1.88
N LYS A 47 0.00 7.44 -1.57
CA LYS A 47 -0.09 8.86 -1.87
C LYS A 47 1.02 9.28 -2.83
N ILE A 48 0.63 9.87 -3.96
CA ILE A 48 1.60 10.32 -4.95
C ILE A 48 1.50 11.83 -5.16
N THR A 49 2.58 12.53 -4.80
CA THR A 49 2.62 13.98 -4.94
C THR A 49 3.19 14.39 -6.30
N VAL A 50 2.31 14.87 -7.17
CA VAL A 50 2.71 15.31 -8.50
C VAL A 50 2.41 16.78 -8.72
N ASN A 51 3.45 17.54 -9.07
CA ASN A 51 3.31 18.97 -9.30
C ASN A 51 2.64 19.66 -8.12
N GLY A 52 3.08 19.30 -6.91
CA GLY A 52 2.51 19.89 -5.72
C GLY A 52 1.07 19.48 -5.50
N LYS A 53 0.65 18.40 -6.15
CA LYS A 53 -0.72 17.91 -6.03
C LYS A 53 -0.73 16.46 -5.54
N THR A 54 -1.26 16.25 -4.33
CA THR A 54 -1.33 14.92 -3.75
C THR A 54 -2.45 14.10 -4.39
N TYR A 55 -2.09 12.93 -4.90
CA TYR A 55 -3.07 12.05 -5.54
C TYR A 55 -3.24 10.76 -4.74
N GLU A 56 -4.44 10.19 -4.80
CA GLU A 56 -4.74 8.95 -4.09
C GLU A 56 -5.09 7.84 -5.07
N ARG A 57 -4.67 6.62 -4.73
CA ARG A 57 -4.94 5.46 -5.57
C ARG A 57 -4.65 4.16 -4.83
N GLN A 58 -5.42 3.13 -5.12
CA GLN A 58 -5.25 1.83 -4.48
C GLN A 58 -4.62 0.82 -5.44
N GLY A 59 -3.71 0.01 -4.92
CA GLY A 59 -3.05 -0.99 -5.74
C GLY A 59 -2.89 -2.32 -5.04
N PHE A 60 -2.72 -3.39 -5.81
CA PHE A 60 -2.56 -4.73 -5.25
C PHE A 60 -1.10 -5.02 -4.97
N VAL A 61 -0.83 -5.64 -3.83
CA VAL A 61 0.53 -6.00 -3.43
C VAL A 61 0.56 -7.31 -2.67
N PRO A 62 1.73 -7.98 -2.70
CA PRO A 62 1.92 -9.26 -2.01
C PRO A 62 1.94 -9.11 -0.49
N ALA A 63 0.90 -9.62 0.15
CA ALA A 63 0.79 -9.54 1.61
C ALA A 63 1.95 -10.27 2.29
N ALA A 64 2.47 -11.29 1.62
CA ALA A 64 3.59 -12.07 2.15
C ALA A 64 4.84 -11.21 2.27
N TYR A 65 4.83 -10.05 1.62
CA TYR A 65 5.97 -9.15 1.66
C TYR A 65 5.72 -7.99 2.63
N VAL A 66 4.51 -7.94 3.17
CA VAL A 66 4.15 -6.89 4.11
C VAL A 66 3.47 -7.48 5.34
N LYS A 67 3.06 -6.60 6.26
CA LYS A 67 2.40 -7.03 7.49
C LYS A 67 1.36 -6.00 7.94
N LYS A 68 0.32 -6.47 8.61
CA LYS A 68 -0.74 -5.60 9.10
C LYS A 68 -0.37 -4.99 10.45
N LEU A 69 -0.58 -3.69 10.59
CA LEU A 69 -0.27 -2.99 11.82
C LEU A 69 -1.35 -3.24 12.87
N ASP A 70 -2.59 -2.91 12.52
CA ASP A 70 -3.72 -3.09 13.43
C ASP A 70 -5.03 -2.79 12.72
N MET A 1 -10.18 14.75 6.34
CA MET A 1 -9.32 14.03 5.41
C MET A 1 -8.22 13.28 6.16
N ASP A 2 -8.58 12.69 7.29
CA ASP A 2 -7.63 11.94 8.10
C ASP A 2 -8.10 10.50 8.30
N GLU A 3 -8.35 9.81 7.20
CA GLU A 3 -8.81 8.42 7.26
C GLU A 3 -7.67 7.46 6.95
N THR A 4 -6.52 7.66 7.60
CA THR A 4 -5.36 6.82 7.40
C THR A 4 -4.93 6.13 8.68
N GLY A 5 -5.54 6.56 9.80
CA GLY A 5 -5.21 5.97 11.09
C GLY A 5 -6.13 4.84 11.46
N LYS A 6 -6.58 4.08 10.45
CA LYS A 6 -7.47 2.96 10.68
C LYS A 6 -6.73 1.63 10.54
N GLU A 7 -6.38 1.29 9.31
CA GLU A 7 -5.66 0.05 9.05
C GLU A 7 -4.47 0.29 8.12
N LEU A 8 -3.28 0.36 8.71
CA LEU A 8 -2.06 0.59 7.94
C LEU A 8 -1.17 -0.64 7.94
N VAL A 9 -0.58 -0.94 6.80
CA VAL A 9 0.30 -2.10 6.66
C VAL A 9 1.72 -1.68 6.30
N LEU A 10 2.70 -2.26 6.98
CA LEU A 10 4.10 -1.95 6.75
C LEU A 10 4.75 -3.00 5.84
N ALA A 11 5.64 -2.54 4.96
CA ALA A 11 6.33 -3.44 4.04
C ALA A 11 7.61 -3.99 4.67
N LEU A 12 7.64 -5.31 4.86
CA LEU A 12 8.80 -5.98 5.45
C LEU A 12 9.89 -6.18 4.42
N TYR A 13 9.49 -6.43 3.17
CA TYR A 13 10.44 -6.64 2.10
C TYR A 13 10.25 -5.60 0.99
N ASP A 14 11.20 -5.56 0.06
CA ASP A 14 11.14 -4.62 -1.05
C ASP A 14 10.34 -5.20 -2.21
N TYR A 15 9.53 -4.36 -2.85
CA TYR A 15 8.72 -4.79 -3.98
C TYR A 15 8.66 -3.71 -5.06
N GLN A 16 8.32 -4.12 -6.27
CA GLN A 16 8.24 -3.19 -7.40
C GLN A 16 6.94 -3.37 -8.16
N GLU A 17 6.40 -2.28 -8.70
CA GLU A 17 5.15 -2.33 -9.46
C GLU A 17 5.42 -2.75 -10.90
N LYS A 18 4.60 -3.67 -11.40
CA LYS A 18 4.73 -4.16 -12.77
C LYS A 18 3.58 -3.66 -13.64
N SER A 19 2.45 -3.36 -13.00
CA SER A 19 1.28 -2.88 -13.72
C SER A 19 0.83 -1.53 -13.18
N PRO A 20 0.04 -0.80 -13.99
CA PRO A 20 -0.47 0.52 -13.63
C PRO A 20 -1.51 0.46 -12.51
N ARG A 21 -1.93 -0.76 -12.17
CA ARG A 21 -2.92 -0.97 -11.13
C ARG A 21 -2.25 -1.27 -9.79
N GLU A 22 -1.03 -1.81 -9.86
CA GLU A 22 -0.29 -2.15 -8.66
C GLU A 22 0.58 -0.99 -8.20
N VAL A 23 0.94 -0.98 -6.92
CA VAL A 23 1.77 0.08 -6.36
C VAL A 23 3.12 -0.46 -5.89
N THR A 24 4.14 0.38 -5.95
CA THR A 24 5.48 -0.01 -5.53
C THR A 24 5.70 0.27 -4.05
N MET A 25 6.27 -0.69 -3.34
CA MET A 25 6.53 -0.54 -1.91
C MET A 25 7.93 -1.03 -1.57
N LYS A 26 8.50 -0.49 -0.49
CA LYS A 26 9.84 -0.88 -0.05
C LYS A 26 9.87 -1.10 1.46
N LYS A 27 10.97 -1.64 1.95
CA LYS A 27 11.14 -1.90 3.38
C LYS A 27 10.86 -0.64 4.20
N GLY A 28 9.78 -0.67 4.98
CA GLY A 28 9.43 0.48 5.80
C GLY A 28 8.21 1.21 5.27
N ASP A 29 7.90 0.99 4.00
CA ASP A 29 6.75 1.64 3.37
C ASP A 29 5.49 1.41 4.19
N ILE A 30 4.61 2.41 4.23
CA ILE A 30 3.37 2.32 4.97
C ILE A 30 2.18 2.65 4.08
N LEU A 31 1.29 1.67 3.90
CA LEU A 31 0.11 1.86 3.08
C LEU A 31 -1.17 1.65 3.90
N THR A 32 -2.29 2.13 3.38
CA THR A 32 -3.57 2.00 4.06
C THR A 32 -4.39 0.85 3.47
N LEU A 33 -4.55 -0.21 4.25
CA LEU A 33 -5.31 -1.38 3.81
C LEU A 33 -6.74 -0.98 3.46
N LEU A 34 -7.10 -1.14 2.19
CA LEU A 34 -8.45 -0.80 1.73
C LEU A 34 -9.27 -2.07 1.50
N ASN A 35 -8.63 -3.11 0.98
CA ASN A 35 -9.31 -4.37 0.73
C ASN A 35 -8.37 -5.55 0.98
N SER A 36 -8.69 -6.35 1.98
CA SER A 36 -7.88 -7.51 2.33
C SER A 36 -8.65 -8.80 2.10
N THR A 37 -9.57 -8.78 1.14
CA THR A 37 -10.38 -9.95 0.83
C THR A 37 -9.51 -11.14 0.46
N ASN A 38 -8.40 -10.86 -0.22
CA ASN A 38 -7.48 -11.92 -0.63
C ASN A 38 -6.39 -12.12 0.41
N LYS A 39 -5.63 -13.20 0.26
CA LYS A 39 -4.54 -13.51 1.19
C LYS A 39 -3.18 -13.27 0.53
N ASP A 40 -3.13 -13.41 -0.78
CA ASP A 40 -1.90 -13.21 -1.54
C ASP A 40 -1.78 -11.76 -2.01
N TRP A 41 -2.81 -11.29 -2.70
CA TRP A 41 -2.83 -9.92 -3.20
C TRP A 41 -3.66 -9.02 -2.31
N TRP A 42 -3.00 -8.12 -1.60
CA TRP A 42 -3.69 -7.19 -0.71
C TRP A 42 -3.85 -5.83 -1.36
N LYS A 43 -5.02 -5.23 -1.20
CA LYS A 43 -5.31 -3.91 -1.77
C LYS A 43 -5.07 -2.81 -0.74
N VAL A 44 -4.11 -1.94 -1.03
CA VAL A 44 -3.79 -0.83 -0.12
C VAL A 44 -3.78 0.50 -0.87
N GLU A 45 -3.93 1.59 -0.13
CA GLU A 45 -3.95 2.92 -0.72
C GLU A 45 -2.65 3.67 -0.41
N VAL A 46 -2.14 4.37 -1.41
CA VAL A 46 -0.90 5.14 -1.25
C VAL A 46 -1.12 6.62 -1.52
N LYS A 47 -0.05 7.41 -1.41
CA LYS A 47 -0.14 8.84 -1.64
C LYS A 47 0.94 9.28 -2.64
N ILE A 48 0.51 9.75 -3.79
CA ILE A 48 1.43 10.21 -4.82
C ILE A 48 1.44 11.74 -4.91
N THR A 49 2.61 12.30 -5.17
CA THR A 49 2.77 13.74 -5.29
C THR A 49 3.31 14.14 -6.66
N VAL A 50 2.47 14.78 -7.46
CA VAL A 50 2.87 15.22 -8.78
C VAL A 50 2.60 16.70 -8.99
N ASN A 51 3.61 17.44 -9.41
CA ASN A 51 3.48 18.87 -9.64
C ASN A 51 2.99 19.58 -8.39
N GLY A 52 3.33 19.03 -7.23
CA GLY A 52 2.91 19.62 -5.97
C GLY A 52 1.47 19.30 -5.63
N LYS A 53 0.90 18.34 -6.34
CA LYS A 53 -0.49 17.94 -6.11
C LYS A 53 -0.57 16.54 -5.49
N THR A 54 -1.34 16.41 -4.42
CA THR A 54 -1.50 15.14 -3.74
C THR A 54 -2.59 14.30 -4.39
N TYR A 55 -2.25 13.05 -4.72
CA TYR A 55 -3.20 12.15 -5.36
C TYR A 55 -3.34 10.85 -4.55
N GLU A 56 -4.54 10.28 -4.56
CA GLU A 56 -4.80 9.05 -3.84
C GLU A 56 -5.22 7.93 -4.80
N ARG A 57 -4.81 6.71 -4.49
CA ARG A 57 -5.14 5.57 -5.32
C ARG A 57 -4.82 4.26 -4.60
N GLN A 58 -5.60 3.22 -4.89
CA GLN A 58 -5.41 1.92 -4.27
C GLN A 58 -4.92 0.89 -5.28
N GLY A 59 -4.00 0.04 -4.85
CA GLY A 59 -3.46 -0.98 -5.75
C GLY A 59 -3.19 -2.28 -5.03
N PHE A 60 -2.95 -3.34 -5.80
CA PHE A 60 -2.68 -4.66 -5.23
C PHE A 60 -1.20 -4.81 -4.91
N VAL A 61 -0.91 -5.60 -3.88
CA VAL A 61 0.47 -5.83 -3.46
C VAL A 61 0.61 -7.18 -2.75
N PRO A 62 1.83 -7.73 -2.76
CA PRO A 62 2.12 -9.02 -2.12
C PRO A 62 2.08 -8.93 -0.60
N ALA A 63 1.06 -9.53 0.00
CA ALA A 63 0.90 -9.52 1.44
C ALA A 63 2.09 -10.20 2.13
N ALA A 64 2.67 -11.18 1.45
CA ALA A 64 3.82 -11.90 1.99
C ALA A 64 5.03 -10.99 2.16
N TYR A 65 4.96 -9.82 1.52
CA TYR A 65 6.05 -8.85 1.59
C TYR A 65 5.74 -7.75 2.59
N VAL A 66 4.51 -7.76 3.11
CA VAL A 66 4.09 -6.76 4.09
C VAL A 66 3.42 -7.42 5.29
N LYS A 67 2.96 -6.59 6.23
CA LYS A 67 2.31 -7.08 7.43
C LYS A 67 1.51 -5.98 8.12
N LYS A 68 0.50 -6.38 8.88
CA LYS A 68 -0.34 -5.42 9.58
C LYS A 68 0.47 -4.64 10.62
N LEU A 69 0.38 -3.32 10.55
CA LEU A 69 1.11 -2.46 11.48
C LEU A 69 0.83 -2.86 12.93
N ASP A 70 -0.45 -3.04 13.24
CA ASP A 70 -0.84 -3.44 14.59
C ASP A 70 -1.69 -4.71 14.56
N MET A 1 -7.85 11.64 11.90
CA MET A 1 -7.52 10.58 12.84
C MET A 1 -8.32 9.32 12.54
N ASP A 2 -9.53 9.50 12.02
CA ASP A 2 -10.40 8.37 11.68
C ASP A 2 -10.79 8.41 10.21
N GLU A 3 -9.80 8.63 9.35
CA GLU A 3 -10.04 8.68 7.91
C GLU A 3 -9.30 7.57 7.19
N THR A 4 -7.98 7.49 7.42
CA THR A 4 -7.16 6.47 6.79
C THR A 4 -6.28 5.75 7.82
N GLY A 5 -6.71 5.80 9.08
CA GLY A 5 -5.96 5.15 10.14
C GLY A 5 -6.70 3.98 10.74
N LYS A 6 -7.47 3.28 9.92
CA LYS A 6 -8.23 2.13 10.37
C LYS A 6 -7.40 0.86 10.31
N GLU A 7 -6.93 0.52 9.11
CA GLU A 7 -6.11 -0.68 8.92
C GLU A 7 -4.83 -0.33 8.17
N LEU A 8 -3.81 0.05 8.92
CA LEU A 8 -2.52 0.41 8.33
C LEU A 8 -1.62 -0.82 8.20
N VAL A 9 -0.83 -0.85 7.13
CA VAL A 9 0.07 -1.97 6.89
C VAL A 9 1.48 -1.49 6.58
N LEU A 10 2.48 -2.20 7.09
CA LEU A 10 3.87 -1.84 6.87
C LEU A 10 4.57 -2.88 6.00
N ALA A 11 5.40 -2.40 5.08
CA ALA A 11 6.14 -3.29 4.19
C ALA A 11 7.33 -3.92 4.90
N LEU A 12 7.53 -5.22 4.68
CA LEU A 12 8.63 -5.95 5.30
C LEU A 12 9.76 -6.17 4.29
N TYR A 13 9.39 -6.37 3.04
CA TYR A 13 10.37 -6.60 1.98
C TYR A 13 10.22 -5.58 0.86
N ASP A 14 11.15 -5.63 -0.10
CA ASP A 14 11.12 -4.71 -1.23
C ASP A 14 10.32 -5.28 -2.39
N TYR A 15 9.40 -4.49 -2.93
CA TYR A 15 8.57 -4.94 -4.05
C TYR A 15 8.58 -3.90 -5.17
N GLN A 16 8.35 -4.37 -6.40
CA GLN A 16 8.32 -3.49 -7.55
C GLN A 16 7.04 -3.67 -8.36
N GLU A 17 6.46 -2.56 -8.81
CA GLU A 17 5.23 -2.60 -9.58
C GLU A 17 5.52 -2.87 -11.06
N LYS A 18 4.76 -3.78 -11.64
CA LYS A 18 4.94 -4.13 -13.05
C LYS A 18 3.86 -3.49 -13.91
N SER A 19 2.68 -3.28 -13.32
CA SER A 19 1.56 -2.68 -14.03
C SER A 19 1.19 -1.33 -13.41
N PRO A 20 0.48 -0.50 -14.20
CA PRO A 20 0.04 0.83 -13.75
C PRO A 20 -1.03 0.76 -12.67
N ARG A 21 -1.55 -0.44 -12.44
CA ARG A 21 -2.59 -0.64 -11.43
C ARG A 21 -1.97 -0.97 -10.08
N GLU A 22 -0.80 -1.60 -10.10
CA GLU A 22 -0.11 -1.97 -8.87
C GLU A 22 0.69 -0.79 -8.32
N VAL A 23 1.17 -0.92 -7.08
CA VAL A 23 1.94 0.14 -6.45
C VAL A 23 3.29 -0.39 -5.97
N THR A 24 4.31 0.45 -6.04
CA THR A 24 5.65 0.08 -5.62
C THR A 24 5.85 0.35 -4.13
N MET A 25 6.33 -0.65 -3.41
CA MET A 25 6.56 -0.52 -1.98
C MET A 25 7.96 -1.03 -1.60
N LYS A 26 8.44 -0.62 -0.44
CA LYS A 26 9.75 -1.04 0.04
C LYS A 26 9.72 -1.36 1.53
N LYS A 27 10.65 -2.20 1.97
CA LYS A 27 10.73 -2.58 3.38
C LYS A 27 10.75 -1.34 4.28
N GLY A 28 9.62 -1.10 4.94
CA GLY A 28 9.53 0.06 5.82
C GLY A 28 8.43 1.01 5.43
N ASP A 29 7.88 0.82 4.23
CA ASP A 29 6.81 1.67 3.74
C ASP A 29 5.53 1.45 4.54
N ILE A 30 4.61 2.40 4.44
CA ILE A 30 3.34 2.31 5.14
C ILE A 30 2.17 2.71 4.25
N LEU A 31 1.26 1.77 4.04
CA LEU A 31 0.09 2.02 3.20
C LEU A 31 -1.20 1.82 3.98
N THR A 32 -2.33 2.21 3.38
CA THR A 32 -3.62 2.08 4.03
C THR A 32 -4.41 0.89 3.47
N LEU A 33 -4.46 -0.19 4.23
CA LEU A 33 -5.17 -1.39 3.81
C LEU A 33 -6.62 -1.07 3.45
N LEU A 34 -6.94 -1.13 2.16
CA LEU A 34 -8.29 -0.85 1.70
C LEU A 34 -9.13 -2.12 1.63
N ASN A 35 -8.54 -3.18 1.08
CA ASN A 35 -9.23 -4.46 0.96
C ASN A 35 -8.28 -5.62 1.26
N SER A 36 -8.58 -6.37 2.31
CA SER A 36 -7.75 -7.52 2.70
C SER A 36 -8.50 -8.82 2.51
N THR A 37 -9.45 -8.82 1.58
CA THR A 37 -10.25 -10.01 1.31
C THR A 37 -9.37 -11.17 0.85
N ASN A 38 -8.32 -10.85 0.10
CA ASN A 38 -7.41 -11.87 -0.40
C ASN A 38 -6.25 -12.08 0.57
N LYS A 39 -5.55 -13.20 0.41
CA LYS A 39 -4.42 -13.52 1.28
C LYS A 39 -3.10 -13.28 0.56
N ASP A 40 -3.10 -13.50 -0.75
CA ASP A 40 -1.90 -13.29 -1.55
C ASP A 40 -1.79 -11.84 -2.01
N TRP A 41 -2.86 -11.33 -2.61
CA TRP A 41 -2.89 -9.96 -3.09
C TRP A 41 -3.68 -9.06 -2.14
N TRP A 42 -2.97 -8.15 -1.49
CA TRP A 42 -3.61 -7.23 -0.54
C TRP A 42 -3.79 -5.86 -1.18
N LYS A 43 -4.99 -5.28 -1.01
CA LYS A 43 -5.30 -3.97 -1.56
C LYS A 43 -4.99 -2.87 -0.55
N VAL A 44 -4.11 -1.94 -0.93
CA VAL A 44 -3.75 -0.84 -0.06
C VAL A 44 -3.79 0.49 -0.80
N GLU A 45 -3.84 1.58 -0.05
CA GLU A 45 -3.89 2.91 -0.64
C GLU A 45 -2.59 3.67 -0.39
N VAL A 46 -2.10 4.36 -1.41
CA VAL A 46 -0.87 5.12 -1.30
C VAL A 46 -1.08 6.58 -1.73
N LYS A 47 -0.02 7.37 -1.67
CA LYS A 47 -0.09 8.77 -2.06
C LYS A 47 1.02 9.12 -3.06
N ILE A 48 0.67 9.89 -4.08
CA ILE A 48 1.63 10.29 -5.09
C ILE A 48 1.58 11.80 -5.34
N THR A 49 2.72 12.46 -5.16
CA THR A 49 2.80 13.90 -5.36
C THR A 49 3.16 14.24 -6.80
N VAL A 50 2.23 14.84 -7.52
CA VAL A 50 2.45 15.21 -8.91
C VAL A 50 2.14 16.69 -9.15
N ASN A 51 3.11 17.43 -9.64
CA ASN A 51 2.94 18.85 -9.91
C ASN A 51 2.52 19.60 -8.64
N GLY A 52 3.00 19.13 -7.50
CA GLY A 52 2.66 19.76 -6.24
C GLY A 52 1.29 19.37 -5.74
N LYS A 53 0.62 18.49 -6.49
CA LYS A 53 -0.71 18.04 -6.14
C LYS A 53 -0.68 16.59 -5.65
N THR A 54 -0.99 16.39 -4.37
CA THR A 54 -0.99 15.06 -3.78
C THR A 54 -2.20 14.26 -4.24
N TYR A 55 -1.96 13.06 -4.76
CA TYR A 55 -3.04 12.20 -5.23
C TYR A 55 -3.13 10.94 -4.38
N GLU A 56 -4.30 10.31 -4.40
CA GLU A 56 -4.54 9.09 -3.63
C GLU A 56 -5.20 8.02 -4.49
N ARG A 57 -4.83 6.77 -4.26
CA ARG A 57 -5.38 5.65 -5.02
C ARG A 57 -5.08 4.32 -4.33
N GLN A 58 -5.81 3.28 -4.72
CA GLN A 58 -5.61 1.96 -4.14
C GLN A 58 -5.03 0.99 -5.17
N GLY A 59 -4.09 0.16 -4.73
CA GLY A 59 -3.47 -0.80 -5.62
C GLY A 59 -3.30 -2.16 -4.99
N PHE A 60 -2.84 -3.13 -5.78
CA PHE A 60 -2.65 -4.49 -5.28
C PHE A 60 -1.16 -4.76 -5.02
N VAL A 61 -0.88 -5.42 -3.91
CA VAL A 61 0.49 -5.75 -3.54
C VAL A 61 0.57 -7.09 -2.83
N PRO A 62 1.75 -7.72 -2.88
CA PRO A 62 1.98 -9.02 -2.24
C PRO A 62 1.99 -8.93 -0.73
N ALA A 63 0.99 -9.53 -0.08
CA ALA A 63 0.89 -9.51 1.37
C ALA A 63 2.09 -10.20 2.00
N ALA A 64 2.69 -11.14 1.29
CA ALA A 64 3.84 -11.87 1.79
C ALA A 64 5.05 -10.95 1.95
N TYR A 65 4.95 -9.75 1.37
CA TYR A 65 6.03 -8.78 1.45
C TYR A 65 5.69 -7.67 2.43
N VAL A 66 4.51 -7.76 3.04
CA VAL A 66 4.07 -6.77 4.00
C VAL A 66 3.41 -7.43 5.22
N LYS A 67 2.98 -6.61 6.17
CA LYS A 67 2.33 -7.12 7.38
C LYS A 67 1.45 -6.04 8.00
N LYS A 68 0.56 -6.47 8.90
CA LYS A 68 -0.33 -5.54 9.58
C LYS A 68 0.42 -4.69 10.61
N LEU A 69 0.06 -3.42 10.69
CA LEU A 69 0.70 -2.51 11.63
C LEU A 69 0.66 -3.06 13.05
N ASP A 70 -0.48 -3.61 13.43
CA ASP A 70 -0.65 -4.19 14.76
C ASP A 70 0.16 -5.48 14.90
N MET A 1 -1.37 -0.99 19.59
CA MET A 1 -1.10 0.23 18.84
C MET A 1 -2.09 0.39 17.69
N ASP A 2 -3.36 0.58 18.04
CA ASP A 2 -4.40 0.76 17.04
C ASP A 2 -4.90 2.20 17.01
N GLU A 3 -4.00 3.12 16.65
CA GLU A 3 -4.35 4.54 16.60
C GLU A 3 -3.85 5.16 15.31
N THR A 4 -4.24 4.58 14.18
CA THR A 4 -3.83 5.08 12.87
C THR A 4 -5.03 5.56 12.06
N GLY A 5 -6.17 4.91 12.27
CA GLY A 5 -7.38 5.29 11.56
C GLY A 5 -8.28 4.10 11.28
N LYS A 6 -7.83 3.22 10.39
CA LYS A 6 -8.60 2.03 10.04
C LYS A 6 -7.73 0.78 10.11
N GLU A 7 -6.86 0.62 9.12
CA GLU A 7 -5.97 -0.55 9.06
C GLU A 7 -4.71 -0.23 8.27
N LEU A 8 -3.62 0.01 8.99
CA LEU A 8 -2.34 0.33 8.34
C LEU A 8 -1.45 -0.91 8.24
N VAL A 9 -0.71 -1.02 7.15
CA VAL A 9 0.18 -2.16 6.92
C VAL A 9 1.59 -1.70 6.60
N LEU A 10 2.58 -2.42 7.12
CA LEU A 10 3.98 -2.08 6.89
C LEU A 10 4.65 -3.12 6.00
N ALA A 11 5.50 -2.67 5.09
CA ALA A 11 6.21 -3.56 4.19
C ALA A 11 7.48 -4.11 4.84
N LEU A 12 7.63 -5.43 4.82
CA LEU A 12 8.79 -6.07 5.41
C LEU A 12 9.85 -6.36 4.34
N TYR A 13 9.41 -6.52 3.10
CA TYR A 13 10.32 -6.79 1.99
C TYR A 13 10.18 -5.73 0.90
N ASP A 14 11.20 -5.65 0.04
CA ASP A 14 11.20 -4.68 -1.05
C ASP A 14 10.40 -5.20 -2.24
N TYR A 15 9.58 -4.33 -2.82
CA TYR A 15 8.76 -4.71 -3.96
C TYR A 15 8.69 -3.57 -4.98
N GLN A 16 8.35 -3.92 -6.21
CA GLN A 16 8.26 -2.92 -7.29
C GLN A 16 6.93 -3.05 -8.03
N GLU A 17 6.53 -1.98 -8.70
CA GLU A 17 5.27 -1.98 -9.44
C GLU A 17 5.53 -2.22 -10.93
N LYS A 18 4.73 -3.08 -11.54
CA LYS A 18 4.87 -3.40 -12.95
C LYS A 18 3.63 -2.98 -13.73
N SER A 19 2.49 -2.93 -13.03
CA SER A 19 1.23 -2.55 -13.65
C SER A 19 0.75 -1.20 -13.12
N PRO A 20 -0.15 -0.56 -13.88
CA PRO A 20 -0.71 0.74 -13.51
C PRO A 20 -1.64 0.65 -12.30
N ARG A 21 -1.95 -0.57 -11.89
CA ARG A 21 -2.82 -0.79 -10.74
C ARG A 21 -2.02 -1.16 -9.50
N GLU A 22 -0.81 -1.67 -9.72
CA GLU A 22 0.07 -2.07 -8.61
C GLU A 22 0.89 -0.88 -8.12
N VAL A 23 1.32 -0.94 -6.87
CA VAL A 23 2.12 0.12 -6.28
C VAL A 23 3.49 -0.39 -5.84
N THR A 24 4.48 0.49 -5.81
CA THR A 24 5.83 0.12 -5.41
C THR A 24 6.03 0.38 -3.92
N MET A 25 6.40 -0.67 -3.19
CA MET A 25 6.65 -0.56 -1.76
C MET A 25 8.05 -1.05 -1.40
N LYS A 26 8.56 -0.58 -0.27
CA LYS A 26 9.89 -0.98 0.19
C LYS A 26 9.90 -1.21 1.69
N LYS A 27 10.95 -1.86 2.17
CA LYS A 27 11.08 -2.15 3.60
C LYS A 27 10.89 -0.90 4.44
N GLY A 28 9.77 -0.83 5.14
CA GLY A 28 9.49 0.33 5.98
C GLY A 28 8.39 1.20 5.41
N ASP A 29 7.80 0.77 4.30
CA ASP A 29 6.73 1.51 3.66
C ASP A 29 5.42 1.32 4.40
N ILE A 30 4.65 2.41 4.52
CA ILE A 30 3.37 2.36 5.22
C ILE A 30 2.21 2.64 4.26
N LEU A 31 1.28 1.70 4.17
CA LEU A 31 0.13 1.85 3.29
C LEU A 31 -1.17 1.68 4.08
N THR A 32 -2.28 2.11 3.48
CA THR A 32 -3.58 2.02 4.12
C THR A 32 -4.38 0.84 3.55
N LEU A 33 -4.43 -0.25 4.31
CA LEU A 33 -5.16 -1.43 3.89
C LEU A 33 -6.61 -1.09 3.55
N LEU A 34 -6.90 -1.02 2.25
CA LEU A 34 -8.25 -0.71 1.79
C LEU A 34 -9.09 -1.97 1.66
N ASN A 35 -8.50 -3.01 1.07
CA ASN A 35 -9.20 -4.28 0.88
C ASN A 35 -8.26 -5.46 1.19
N SER A 36 -8.68 -6.29 2.14
CA SER A 36 -7.88 -7.45 2.52
C SER A 36 -8.65 -8.75 2.26
N THR A 37 -9.60 -8.69 1.33
CA THR A 37 -10.40 -9.86 0.98
C THR A 37 -9.53 -11.00 0.49
N ASN A 38 -8.43 -10.66 -0.17
CA ASN A 38 -7.50 -11.66 -0.70
C ASN A 38 -6.39 -11.96 0.30
N LYS A 39 -5.64 -13.03 0.05
CA LYS A 39 -4.55 -13.42 0.93
C LYS A 39 -3.20 -13.16 0.26
N ASP A 40 -3.15 -13.34 -1.06
CA ASP A 40 -1.92 -13.12 -1.81
C ASP A 40 -1.80 -11.67 -2.24
N TRP A 41 -2.87 -11.14 -2.85
CA TRP A 41 -2.88 -9.76 -3.31
C TRP A 41 -3.69 -8.88 -2.37
N TRP A 42 -3.00 -7.97 -1.67
CA TRP A 42 -3.66 -7.07 -0.74
C TRP A 42 -3.81 -5.67 -1.35
N LYS A 43 -5.01 -5.10 -1.21
CA LYS A 43 -5.28 -3.78 -1.74
C LYS A 43 -5.04 -2.70 -0.69
N VAL A 44 -4.05 -1.86 -0.94
CA VAL A 44 -3.69 -0.78 -0.01
C VAL A 44 -3.72 0.57 -0.71
N GLU A 45 -3.87 1.63 0.07
CA GLU A 45 -3.91 2.98 -0.47
C GLU A 45 -2.58 3.70 -0.25
N VAL A 46 -2.11 4.42 -1.27
CA VAL A 46 -0.86 5.15 -1.18
C VAL A 46 -1.03 6.61 -1.58
N LYS A 47 0.06 7.36 -1.54
CA LYS A 47 0.03 8.77 -1.91
C LYS A 47 1.07 9.09 -2.97
N ILE A 48 0.66 9.77 -4.02
CA ILE A 48 1.57 10.15 -5.10
C ILE A 48 1.44 11.63 -5.44
N THR A 49 2.54 12.35 -5.32
CA THR A 49 2.56 13.78 -5.62
C THR A 49 2.95 14.03 -7.07
N VAL A 50 1.96 14.40 -7.88
CA VAL A 50 2.20 14.68 -9.29
C VAL A 50 1.92 16.14 -9.62
N ASN A 51 2.89 16.80 -10.23
CA ASN A 51 2.75 18.21 -10.61
C ASN A 51 2.55 19.07 -9.37
N GLY A 52 3.02 18.59 -8.22
CA GLY A 52 2.88 19.33 -6.98
C GLY A 52 1.56 19.07 -6.29
N LYS A 53 0.70 18.28 -6.94
CA LYS A 53 -0.60 17.96 -6.39
C LYS A 53 -0.61 16.54 -5.81
N THR A 54 -1.03 16.42 -4.56
CA THR A 54 -1.08 15.13 -3.89
C THR A 54 -2.26 14.30 -4.39
N TYR A 55 -1.99 13.05 -4.77
CA TYR A 55 -3.03 12.16 -5.27
C TYR A 55 -3.17 10.94 -4.37
N GLU A 56 -4.37 10.37 -4.35
CA GLU A 56 -4.63 9.18 -3.54
C GLU A 56 -5.31 8.09 -4.36
N ARG A 57 -4.92 6.85 -4.12
CA ARG A 57 -5.49 5.71 -4.85
C ARG A 57 -5.10 4.39 -4.18
N GLN A 58 -5.70 3.31 -4.65
CA GLN A 58 -5.43 1.99 -4.09
C GLN A 58 -4.69 1.12 -5.10
N GLY A 59 -3.88 0.19 -4.61
CA GLY A 59 -3.13 -0.69 -5.48
C GLY A 59 -2.93 -2.07 -4.89
N PHE A 60 -2.76 -3.07 -5.75
CA PHE A 60 -2.56 -4.44 -5.29
C PHE A 60 -1.09 -4.72 -5.02
N VAL A 61 -0.81 -5.40 -3.91
CA VAL A 61 0.57 -5.72 -3.55
C VAL A 61 0.64 -7.08 -2.86
N PRO A 62 1.82 -7.71 -2.92
CA PRO A 62 2.05 -9.02 -2.30
C PRO A 62 2.05 -8.95 -0.77
N ALA A 63 1.03 -9.55 -0.17
CA ALA A 63 0.91 -9.57 1.28
C ALA A 63 2.09 -10.28 1.92
N ALA A 64 2.68 -11.23 1.20
CA ALA A 64 3.82 -11.99 1.70
C ALA A 64 5.03 -11.08 1.88
N TYR A 65 4.97 -9.87 1.32
CA TYR A 65 6.06 -8.93 1.43
C TYR A 65 5.73 -7.83 2.43
N VAL A 66 4.55 -7.92 3.03
CA VAL A 66 4.11 -6.93 4.02
C VAL A 66 3.42 -7.61 5.19
N LYS A 67 2.98 -6.80 6.16
CA LYS A 67 2.31 -7.33 7.35
C LYS A 67 1.44 -6.25 7.98
N LYS A 68 0.43 -6.68 8.74
CA LYS A 68 -0.47 -5.76 9.41
C LYS A 68 0.22 -5.06 10.58
N LEU A 69 0.00 -3.76 10.70
CA LEU A 69 0.61 -2.97 11.77
C LEU A 69 0.33 -3.61 13.13
N ASP A 70 -0.83 -4.24 13.25
CA ASP A 70 -1.22 -4.90 14.50
C ASP A 70 -0.33 -6.11 14.78
N MET A 1 -6.31 15.81 11.66
CA MET A 1 -7.77 15.72 11.66
C MET A 1 -8.24 14.53 10.81
N ASP A 2 -7.46 14.20 9.79
CA ASP A 2 -7.80 13.08 8.91
C ASP A 2 -6.80 11.95 9.08
N GLU A 3 -6.56 11.55 10.33
CA GLU A 3 -5.63 10.47 10.62
C GLU A 3 -6.10 9.64 11.81
N THR A 4 -7.25 8.98 11.64
CA THR A 4 -7.82 8.16 12.71
C THR A 4 -7.24 6.75 12.68
N GLY A 5 -6.27 6.53 11.79
CA GLY A 5 -5.65 5.22 11.68
C GLY A 5 -6.60 4.17 11.15
N LYS A 6 -7.09 4.38 9.93
CA LYS A 6 -8.01 3.44 9.30
C LYS A 6 -7.44 2.03 9.30
N GLU A 7 -6.37 1.84 8.52
CA GLU A 7 -5.72 0.53 8.43
C GLU A 7 -4.44 0.62 7.60
N LEU A 8 -3.37 1.08 8.22
CA LEU A 8 -2.09 1.21 7.54
C LEU A 8 -1.27 -0.07 7.66
N VAL A 9 -0.55 -0.42 6.60
CA VAL A 9 0.27 -1.62 6.59
C VAL A 9 1.72 -1.29 6.23
N LEU A 10 2.65 -1.96 6.89
CA LEU A 10 4.07 -1.74 6.65
C LEU A 10 4.67 -2.87 5.81
N ALA A 11 5.61 -2.53 4.94
CA ALA A 11 6.26 -3.52 4.09
C ALA A 11 7.51 -4.09 4.75
N LEU A 12 7.56 -5.41 4.88
CA LEU A 12 8.69 -6.08 5.51
C LEU A 12 9.78 -6.38 4.47
N TYR A 13 9.35 -6.73 3.27
CA TYR A 13 10.28 -7.04 2.19
C TYR A 13 10.12 -6.06 1.03
N ASP A 14 10.95 -6.24 0.00
CA ASP A 14 10.90 -5.38 -1.18
C ASP A 14 10.05 -5.99 -2.27
N TYR A 15 9.31 -5.15 -2.99
CA TYR A 15 8.45 -5.63 -4.07
C TYR A 15 8.49 -4.68 -5.25
N GLN A 16 8.14 -5.17 -6.43
CA GLN A 16 8.13 -4.37 -7.64
C GLN A 16 6.78 -4.46 -8.36
N GLU A 17 6.45 -3.42 -9.11
CA GLU A 17 5.18 -3.38 -9.84
C GLU A 17 5.39 -3.78 -11.30
N LYS A 18 4.51 -4.63 -11.80
CA LYS A 18 4.59 -5.09 -13.18
C LYS A 18 3.57 -4.37 -14.06
N SER A 19 2.40 -4.10 -13.49
CA SER A 19 1.33 -3.43 -14.21
C SER A 19 1.09 -2.03 -13.66
N PRO A 20 0.44 -1.18 -14.45
CA PRO A 20 0.14 0.20 -14.06
C PRO A 20 -0.92 0.27 -12.97
N ARG A 21 -1.62 -0.84 -12.75
CA ARG A 21 -2.66 -0.90 -11.73
C ARG A 21 -2.05 -1.20 -10.36
N GLU A 22 -0.91 -1.87 -10.36
CA GLU A 22 -0.23 -2.22 -9.11
C GLU A 22 0.65 -1.07 -8.63
N VAL A 23 1.28 -1.26 -7.48
CA VAL A 23 2.16 -0.24 -6.90
C VAL A 23 3.44 -0.86 -6.37
N THR A 24 4.54 -0.11 -6.49
CA THR A 24 5.84 -0.58 -6.01
C THR A 24 6.06 -0.21 -4.55
N MET A 25 6.51 -1.17 -3.76
CA MET A 25 6.76 -0.94 -2.35
C MET A 25 8.13 -1.49 -1.94
N LYS A 26 8.65 -1.02 -0.81
CA LYS A 26 9.94 -1.48 -0.32
C LYS A 26 9.92 -1.61 1.20
N LYS A 27 10.79 -2.46 1.73
CA LYS A 27 10.88 -2.68 3.17
C LYS A 27 11.00 -1.36 3.91
N GLY A 28 9.98 -1.02 4.68
CA GLY A 28 9.99 0.22 5.42
C GLY A 28 8.87 1.16 5.02
N ASP A 29 8.35 0.97 3.82
CA ASP A 29 7.26 1.81 3.31
C ASP A 29 5.94 1.46 3.98
N ILE A 30 4.97 2.36 3.89
CA ILE A 30 3.66 2.15 4.49
C ILE A 30 2.55 2.57 3.54
N LEU A 31 1.56 1.70 3.36
CA LEU A 31 0.43 1.97 2.49
C LEU A 31 -0.88 1.94 3.26
N THR A 32 -1.94 2.43 2.63
CA THR A 32 -3.26 2.46 3.26
C THR A 32 -4.10 1.27 2.81
N LEU A 33 -4.20 0.26 3.68
CA LEU A 33 -4.98 -0.93 3.38
C LEU A 33 -6.41 -0.57 3.00
N LEU A 34 -6.75 -0.76 1.72
CA LEU A 34 -8.09 -0.46 1.24
C LEU A 34 -8.96 -1.71 1.25
N ASN A 35 -8.38 -2.85 0.89
CA ASN A 35 -9.11 -4.10 0.86
C ASN A 35 -8.20 -5.27 1.24
N SER A 36 -8.51 -5.92 2.35
CA SER A 36 -7.72 -7.06 2.82
C SER A 36 -8.53 -8.35 2.77
N THR A 37 -9.50 -8.40 1.87
CA THR A 37 -10.35 -9.58 1.72
C THR A 37 -9.53 -10.81 1.36
N ASN A 38 -8.50 -10.61 0.53
CA ASN A 38 -7.64 -11.71 0.11
C ASN A 38 -6.53 -11.95 1.13
N LYS A 39 -5.77 -13.01 0.92
CA LYS A 39 -4.68 -13.36 1.82
C LYS A 39 -3.33 -13.18 1.13
N ASP A 40 -3.28 -13.50 -0.15
CA ASP A 40 -2.05 -13.37 -0.93
C ASP A 40 -1.90 -11.96 -1.50
N TRP A 41 -2.95 -11.50 -2.17
CA TRP A 41 -2.93 -10.16 -2.77
C TRP A 41 -3.74 -9.19 -1.91
N TRP A 42 -3.08 -8.13 -1.46
CA TRP A 42 -3.74 -7.12 -0.63
C TRP A 42 -3.87 -5.80 -1.39
N LYS A 43 -5.06 -5.20 -1.31
CA LYS A 43 -5.31 -3.94 -2.00
C LYS A 43 -5.05 -2.76 -1.06
N VAL A 44 -4.04 -1.96 -1.41
CA VAL A 44 -3.69 -0.80 -0.61
C VAL A 44 -3.77 0.49 -1.44
N GLU A 45 -3.58 1.63 -0.76
CA GLU A 45 -3.63 2.92 -1.44
C GLU A 45 -2.33 3.70 -1.22
N VAL A 46 -1.88 4.38 -2.27
CA VAL A 46 -0.66 5.16 -2.19
C VAL A 46 -0.96 6.66 -2.12
N LYS A 47 0.00 7.43 -1.64
CA LYS A 47 -0.15 8.87 -1.52
C LYS A 47 1.02 9.61 -2.17
N ILE A 48 0.75 10.25 -3.31
CA ILE A 48 1.77 10.99 -4.03
C ILE A 48 1.38 12.45 -4.19
N THR A 49 2.22 13.36 -3.72
CA THR A 49 1.96 14.79 -3.81
C THR A 49 2.74 15.41 -4.97
N VAL A 50 2.02 15.82 -6.01
CA VAL A 50 2.64 16.43 -7.17
C VAL A 50 2.05 17.82 -7.46
N ASN A 51 2.93 18.80 -7.62
CA ASN A 51 2.51 20.17 -7.88
C ASN A 51 1.55 20.66 -6.80
N GLY A 52 1.81 20.26 -5.55
CA GLY A 52 0.96 20.67 -4.45
C GLY A 52 -0.39 19.99 -4.47
N LYS A 53 -0.54 19.02 -5.37
CA LYS A 53 -1.80 18.29 -5.49
C LYS A 53 -1.64 16.85 -5.02
N THR A 54 -2.36 16.50 -3.95
CA THR A 54 -2.29 15.15 -3.40
C THR A 54 -3.05 14.16 -4.28
N TYR A 55 -2.40 13.08 -4.63
CA TYR A 55 -3.01 12.05 -5.47
C TYR A 55 -3.02 10.70 -4.76
N GLU A 56 -4.04 9.89 -5.04
CA GLU A 56 -4.16 8.57 -4.43
C GLU A 56 -4.55 7.53 -5.47
N ARG A 57 -4.00 6.32 -5.33
CA ARG A 57 -4.29 5.24 -6.26
C ARG A 57 -4.24 3.89 -5.54
N GLN A 58 -5.03 2.94 -6.03
CA GLN A 58 -5.08 1.61 -5.44
C GLN A 58 -4.11 0.66 -6.15
N GLY A 59 -3.35 -0.09 -5.35
CA GLY A 59 -2.39 -1.02 -5.92
C GLY A 59 -2.39 -2.36 -5.21
N PHE A 60 -2.19 -3.43 -5.97
CA PHE A 60 -2.17 -4.78 -5.39
C PHE A 60 -0.76 -5.20 -5.05
N VAL A 61 -0.55 -5.65 -3.82
CA VAL A 61 0.76 -6.10 -3.36
C VAL A 61 0.65 -7.37 -2.53
N PRO A 62 1.74 -8.14 -2.49
CA PRO A 62 1.81 -9.39 -1.74
C PRO A 62 1.80 -9.17 -0.22
N ALA A 63 0.72 -9.57 0.42
CA ALA A 63 0.58 -9.40 1.86
C ALA A 63 1.69 -10.16 2.61
N ALA A 64 2.14 -11.27 2.02
CA ALA A 64 3.19 -12.07 2.62
C ALA A 64 4.49 -11.28 2.75
N TYR A 65 4.58 -10.17 2.01
CA TYR A 65 5.77 -9.32 2.05
C TYR A 65 5.56 -8.13 2.98
N VAL A 66 4.31 -7.92 3.38
CA VAL A 66 3.99 -6.81 4.29
C VAL A 66 3.26 -7.31 5.52
N LYS A 67 2.80 -6.38 6.36
CA LYS A 67 2.09 -6.72 7.58
C LYS A 67 1.31 -5.52 8.11
N LYS A 68 0.43 -5.77 9.08
CA LYS A 68 -0.38 -4.71 9.66
C LYS A 68 0.47 -3.80 10.54
N LEU A 69 0.33 -2.50 10.35
CA LEU A 69 1.08 -1.53 11.14
C LEU A 69 0.84 -1.72 12.63
N ASP A 70 -0.32 -2.27 12.97
CA ASP A 70 -0.67 -2.51 14.36
C ASP A 70 -0.79 -4.00 14.65
N MET A 1 -12.71 12.49 4.23
CA MET A 1 -12.19 11.13 4.23
C MET A 1 -10.67 11.12 4.09
N ASP A 2 -9.99 11.84 4.99
CA ASP A 2 -8.54 11.92 4.97
C ASP A 2 -7.95 11.56 6.33
N GLU A 3 -8.34 10.40 6.84
CA GLU A 3 -7.85 9.94 8.14
C GLU A 3 -6.84 8.81 7.98
N THR A 4 -7.17 7.84 7.14
CA THR A 4 -6.29 6.71 6.89
C THR A 4 -5.85 6.07 8.20
N GLY A 5 -6.69 6.15 9.21
CA GLY A 5 -6.35 5.57 10.51
C GLY A 5 -7.22 4.38 10.85
N LYS A 6 -7.46 3.53 9.86
CA LYS A 6 -8.28 2.33 10.05
C LYS A 6 -7.41 1.09 10.12
N GLU A 7 -6.88 0.68 8.97
CA GLU A 7 -6.04 -0.51 8.90
C GLU A 7 -4.78 -0.23 8.06
N LEU A 8 -3.67 0.03 8.74
CA LEU A 8 -2.41 0.32 8.07
C LEU A 8 -1.53 -0.92 8.02
N VAL A 9 -0.73 -1.04 6.96
CA VAL A 9 0.16 -2.17 6.79
C VAL A 9 1.58 -1.71 6.44
N LEU A 10 2.57 -2.45 6.93
CA LEU A 10 3.97 -2.11 6.67
C LEU A 10 4.60 -3.13 5.73
N ALA A 11 5.57 -2.68 4.94
CA ALA A 11 6.26 -3.55 4.01
C ALA A 11 7.52 -4.14 4.63
N LEU A 12 7.50 -5.46 4.84
CA LEU A 12 8.65 -6.14 5.43
C LEU A 12 9.72 -6.43 4.38
N TYR A 13 9.28 -6.65 3.14
CA TYR A 13 10.19 -6.94 2.04
C TYR A 13 10.06 -5.90 0.94
N ASP A 14 11.09 -5.80 0.11
CA ASP A 14 11.09 -4.84 -0.99
C ASP A 14 10.28 -5.37 -2.18
N TYR A 15 9.52 -4.48 -2.81
CA TYR A 15 8.69 -4.85 -3.94
C TYR A 15 8.66 -3.74 -4.98
N GLN A 16 8.30 -4.09 -6.21
CA GLN A 16 8.22 -3.13 -7.30
C GLN A 16 6.90 -3.25 -8.05
N GLU A 17 6.48 -2.15 -8.68
CA GLU A 17 5.23 -2.13 -9.43
C GLU A 17 5.48 -2.50 -10.89
N LYS A 18 4.64 -3.38 -11.43
CA LYS A 18 4.76 -3.81 -12.82
C LYS A 18 3.65 -3.21 -13.67
N SER A 19 2.52 -2.90 -13.03
CA SER A 19 1.39 -2.32 -13.74
C SER A 19 1.02 -0.96 -13.16
N PRO A 20 0.28 -0.16 -13.94
CA PRO A 20 -0.14 1.18 -13.53
C PRO A 20 -1.19 1.14 -12.43
N ARG A 21 -1.78 -0.03 -12.21
CA ARG A 21 -2.79 -0.21 -11.18
C ARG A 21 -2.15 -0.57 -9.84
N GLU A 22 -0.99 -1.24 -9.91
CA GLU A 22 -0.29 -1.65 -8.71
C GLU A 22 0.52 -0.50 -8.12
N VAL A 23 1.23 -0.77 -7.04
CA VAL A 23 2.05 0.25 -6.38
C VAL A 23 3.37 -0.34 -5.89
N THR A 24 4.42 0.47 -5.92
CA THR A 24 5.74 0.04 -5.48
C THR A 24 5.94 0.31 -4.00
N MET A 25 6.43 -0.70 -3.29
CA MET A 25 6.67 -0.58 -1.86
C MET A 25 8.06 -1.09 -1.49
N LYS A 26 8.61 -0.57 -0.40
CA LYS A 26 9.94 -0.97 0.06
C LYS A 26 9.94 -1.22 1.56
N LYS A 27 11.01 -1.84 2.05
CA LYS A 27 11.14 -2.13 3.48
C LYS A 27 10.90 -0.87 4.30
N GLY A 28 9.86 -0.90 5.11
CA GLY A 28 9.54 0.25 5.96
C GLY A 28 8.46 1.12 5.37
N ASP A 29 7.89 0.68 4.25
CA ASP A 29 6.83 1.44 3.59
C ASP A 29 5.50 1.24 4.28
N ILE A 30 4.74 2.32 4.43
CA ILE A 30 3.43 2.26 5.08
C ILE A 30 2.31 2.58 4.09
N LEU A 31 1.32 1.72 4.04
CA LEU A 31 0.17 1.91 3.14
C LEU A 31 -1.14 1.72 3.89
N THR A 32 -2.21 2.23 3.30
CA THR A 32 -3.55 2.11 3.90
C THR A 32 -4.30 0.92 3.35
N LEU A 33 -4.38 -0.14 4.13
CA LEU A 33 -5.07 -1.36 3.72
C LEU A 33 -6.53 -1.05 3.34
N LEU A 34 -6.84 -1.23 2.06
CA LEU A 34 -8.20 -0.98 1.57
C LEU A 34 -8.99 -2.28 1.46
N ASN A 35 -8.35 -3.31 0.93
CA ASN A 35 -9.00 -4.61 0.77
C ASN A 35 -8.04 -5.74 1.11
N SER A 36 -8.40 -6.54 2.11
CA SER A 36 -7.56 -7.66 2.53
C SER A 36 -8.37 -8.95 2.59
N THR A 37 -9.48 -8.97 1.87
CA THR A 37 -10.35 -10.14 1.83
C THR A 37 -9.58 -11.39 1.42
N ASN A 38 -8.50 -11.18 0.67
CA ASN A 38 -7.67 -12.29 0.21
C ASN A 38 -6.48 -12.51 1.13
N LYS A 39 -5.67 -13.50 0.81
CA LYS A 39 -4.48 -13.81 1.61
C LYS A 39 -3.21 -13.69 0.77
N ASP A 40 -3.39 -13.59 -0.54
CA ASP A 40 -2.26 -13.48 -1.46
C ASP A 40 -2.07 -12.03 -1.90
N TRP A 41 -3.05 -11.51 -2.64
CA TRP A 41 -2.99 -10.13 -3.13
C TRP A 41 -3.74 -9.20 -2.20
N TRP A 42 -3.05 -8.16 -1.72
CA TRP A 42 -3.66 -7.18 -0.83
C TRP A 42 -3.71 -5.81 -1.48
N LYS A 43 -4.85 -5.14 -1.36
CA LYS A 43 -5.03 -3.82 -1.93
C LYS A 43 -4.79 -2.74 -0.88
N VAL A 44 -3.88 -1.81 -1.18
CA VAL A 44 -3.57 -0.73 -0.25
C VAL A 44 -3.57 0.63 -0.97
N GLU A 45 -3.82 1.69 -0.21
CA GLU A 45 -3.85 3.03 -0.78
C GLU A 45 -2.57 3.80 -0.44
N VAL A 46 -2.04 4.52 -1.43
CA VAL A 46 -0.83 5.29 -1.25
C VAL A 46 -1.06 6.77 -1.57
N LYS A 47 -0.01 7.57 -1.42
CA LYS A 47 -0.09 9.00 -1.69
C LYS A 47 0.97 9.42 -2.70
N ILE A 48 0.53 9.92 -3.84
CA ILE A 48 1.45 10.37 -4.89
C ILE A 48 1.45 11.89 -4.99
N THR A 49 2.59 12.44 -5.41
CA THR A 49 2.74 13.89 -5.55
C THR A 49 3.13 14.25 -6.98
N VAL A 50 2.17 14.80 -7.73
CA VAL A 50 2.42 15.21 -9.11
C VAL A 50 2.11 16.68 -9.31
N ASN A 51 3.10 17.42 -9.81
CA ASN A 51 2.93 18.85 -10.07
C ASN A 51 2.52 19.58 -8.78
N GLY A 52 3.01 19.08 -7.65
CA GLY A 52 2.69 19.70 -6.38
C GLY A 52 1.28 19.35 -5.90
N LYS A 53 0.60 18.51 -6.67
CA LYS A 53 -0.76 18.10 -6.31
C LYS A 53 -0.77 16.68 -5.76
N THR A 54 -1.33 16.51 -4.57
CA THR A 54 -1.40 15.21 -3.93
C THR A 54 -2.54 14.37 -4.52
N TYR A 55 -2.24 13.12 -4.85
CA TYR A 55 -3.23 12.22 -5.43
C TYR A 55 -3.35 10.94 -4.60
N GLU A 56 -4.54 10.36 -4.59
CA GLU A 56 -4.79 9.13 -3.85
C GLU A 56 -5.25 8.01 -4.77
N ARG A 57 -4.80 6.79 -4.49
CA ARG A 57 -5.18 5.64 -5.30
C ARG A 57 -4.80 4.33 -4.59
N GLN A 58 -5.47 3.25 -4.97
CA GLN A 58 -5.20 1.95 -4.38
C GLN A 58 -4.51 1.03 -5.37
N GLY A 59 -3.62 0.18 -4.87
CA GLY A 59 -2.90 -0.74 -5.72
C GLY A 59 -2.78 -2.13 -5.12
N PHE A 60 -2.52 -3.12 -5.96
CA PHE A 60 -2.37 -4.50 -5.50
C PHE A 60 -0.92 -4.82 -5.16
N VAL A 61 -0.72 -5.58 -4.09
CA VAL A 61 0.62 -5.96 -3.67
C VAL A 61 0.61 -7.28 -2.92
N PRO A 62 1.76 -7.97 -2.91
CA PRO A 62 1.91 -9.26 -2.23
C PRO A 62 1.88 -9.12 -0.71
N ALA A 63 0.82 -9.64 -0.09
CA ALA A 63 0.67 -9.57 1.35
C ALA A 63 1.82 -10.28 2.06
N ALA A 64 2.33 -11.33 1.43
CA ALA A 64 3.44 -12.09 1.99
C ALA A 64 4.67 -11.21 2.17
N TYR A 65 4.69 -10.07 1.49
CA TYR A 65 5.82 -9.15 1.58
C TYR A 65 5.53 -8.05 2.60
N VAL A 66 4.27 -7.91 2.97
CA VAL A 66 3.87 -6.89 3.94
C VAL A 66 3.23 -7.53 5.16
N LYS A 67 2.75 -6.69 6.08
CA LYS A 67 2.11 -7.17 7.30
C LYS A 67 1.27 -6.07 7.95
N LYS A 68 0.51 -6.44 8.97
CA LYS A 68 -0.32 -5.48 9.68
C LYS A 68 0.50 -4.61 10.62
N LEU A 69 0.14 -3.34 10.72
CA LEU A 69 0.86 -2.41 11.59
C LEU A 69 0.94 -2.95 13.01
N ASP A 70 -0.04 -3.75 13.39
CA ASP A 70 -0.07 -4.35 14.72
C ASP A 70 -0.12 -3.26 15.79
N MET A 1 -11.83 13.03 6.00
CA MET A 1 -11.79 11.57 6.04
C MET A 1 -10.40 11.06 5.68
N ASP A 2 -9.38 11.88 5.91
CA ASP A 2 -8.01 11.51 5.61
C ASP A 2 -7.20 11.32 6.90
N GLU A 3 -7.57 10.31 7.66
CA GLU A 3 -6.88 10.01 8.92
C GLU A 3 -6.03 8.75 8.80
N THR A 4 -6.42 7.86 7.88
CA THR A 4 -5.69 6.62 7.66
C THR A 4 -5.45 5.89 8.97
N GLY A 5 -6.37 6.05 9.92
CA GLY A 5 -6.24 5.40 11.20
C GLY A 5 -7.20 4.24 11.37
N LYS A 6 -7.41 3.50 10.28
CA LYS A 6 -8.31 2.35 10.30
C LYS A 6 -7.55 1.05 10.03
N GLU A 7 -6.81 1.03 8.93
CA GLU A 7 -6.03 -0.15 8.55
C GLU A 7 -4.68 0.25 7.98
N LEU A 8 -3.63 0.11 8.79
CA LEU A 8 -2.28 0.46 8.36
C LEU A 8 -1.41 -0.78 8.23
N VAL A 9 -0.67 -0.87 7.12
CA VAL A 9 0.21 -2.01 6.88
C VAL A 9 1.61 -1.55 6.52
N LEU A 10 2.61 -2.25 7.04
CA LEU A 10 4.01 -1.92 6.77
C LEU A 10 4.64 -2.94 5.83
N ALA A 11 5.56 -2.47 4.99
CA ALA A 11 6.24 -3.35 4.05
C ALA A 11 7.53 -3.88 4.63
N LEU A 12 7.65 -5.20 4.71
CA LEU A 12 8.84 -5.84 5.26
C LEU A 12 9.89 -6.06 4.17
N TYR A 13 9.42 -6.29 2.95
CA TYR A 13 10.32 -6.51 1.81
C TYR A 13 10.15 -5.43 0.76
N ASP A 14 11.11 -5.33 -0.14
CA ASP A 14 11.06 -4.33 -1.20
C ASP A 14 10.40 -4.90 -2.46
N TYR A 15 9.75 -4.02 -3.22
CA TYR A 15 9.06 -4.43 -4.43
C TYR A 15 8.94 -3.27 -5.41
N GLN A 16 8.65 -3.58 -6.67
CA GLN A 16 8.51 -2.56 -7.70
C GLN A 16 7.23 -2.77 -8.49
N GLU A 17 6.48 -1.69 -8.73
CA GLU A 17 5.24 -1.77 -9.48
C GLU A 17 5.50 -2.17 -10.93
N LYS A 18 4.66 -3.06 -11.45
CA LYS A 18 4.80 -3.53 -12.83
C LYS A 18 3.59 -3.11 -13.67
N SER A 19 2.46 -2.91 -13.00
CA SER A 19 1.24 -2.51 -13.69
C SER A 19 0.70 -1.20 -13.13
N PRO A 20 -0.16 -0.54 -13.92
CA PRO A 20 -0.77 0.75 -13.53
C PRO A 20 -1.77 0.58 -12.39
N ARG A 21 -2.13 -0.65 -12.09
CA ARG A 21 -3.08 -0.94 -11.02
C ARG A 21 -2.36 -1.24 -9.72
N GLU A 22 -1.12 -1.72 -9.82
CA GLU A 22 -0.33 -2.05 -8.64
C GLU A 22 0.44 -0.82 -8.15
N VAL A 23 1.09 -0.96 -7.01
CA VAL A 23 1.87 0.13 -6.42
C VAL A 23 3.25 -0.34 -5.99
N THR A 24 4.22 0.56 -6.03
CA THR A 24 5.59 0.23 -5.64
C THR A 24 5.79 0.40 -4.14
N MET A 25 6.31 -0.64 -3.49
CA MET A 25 6.55 -0.62 -2.06
C MET A 25 8.01 -0.91 -1.75
N LYS A 26 8.48 -0.43 -0.61
CA LYS A 26 9.86 -0.64 -0.18
C LYS A 26 9.94 -0.88 1.31
N LYS A 27 11.07 -1.42 1.77
CA LYS A 27 11.28 -1.69 3.17
C LYS A 27 10.95 -0.48 4.03
N GLY A 28 9.97 -0.62 4.91
CA GLY A 28 9.57 0.48 5.78
C GLY A 28 8.47 1.33 5.17
N ASP A 29 7.87 0.82 4.10
CA ASP A 29 6.78 1.54 3.43
C ASP A 29 5.48 1.43 4.23
N ILE A 30 4.66 2.48 4.14
CA ILE A 30 3.39 2.51 4.85
C ILE A 30 2.23 2.69 3.90
N LEU A 31 1.28 1.76 3.93
CA LEU A 31 0.12 1.81 3.06
C LEU A 31 -1.17 1.62 3.87
N THR A 32 -2.28 2.12 3.32
CA THR A 32 -3.57 1.99 3.98
C THR A 32 -4.39 0.84 3.40
N LEU A 33 -4.54 -0.22 4.19
CA LEU A 33 -5.30 -1.39 3.75
C LEU A 33 -6.71 -1.00 3.34
N LEU A 34 -7.00 -1.12 2.05
CA LEU A 34 -8.33 -0.79 1.53
C LEU A 34 -9.18 -2.03 1.38
N ASN A 35 -8.56 -3.14 0.95
CA ASN A 35 -9.27 -4.39 0.77
C ASN A 35 -8.36 -5.57 1.06
N SER A 36 -8.70 -6.34 2.10
CA SER A 36 -7.90 -7.50 2.48
C SER A 36 -8.68 -8.79 2.26
N THR A 37 -9.60 -8.76 1.29
CA THR A 37 -10.41 -9.92 0.98
C THR A 37 -9.54 -11.13 0.61
N ASN A 38 -8.43 -10.85 -0.05
CA ASN A 38 -7.51 -11.91 -0.46
C ASN A 38 -6.38 -12.08 0.56
N LYS A 39 -5.68 -13.20 0.49
CA LYS A 39 -4.58 -13.49 1.40
C LYS A 39 -3.24 -13.26 0.72
N ASP A 40 -3.19 -13.54 -0.58
CA ASP A 40 -1.96 -13.36 -1.35
C ASP A 40 -1.84 -11.92 -1.86
N TRP A 41 -2.88 -11.45 -2.52
CA TRP A 41 -2.88 -10.09 -3.06
C TRP A 41 -3.70 -9.15 -2.17
N TRP A 42 -3.01 -8.24 -1.50
CA TRP A 42 -3.67 -7.30 -0.61
C TRP A 42 -3.82 -5.93 -1.29
N LYS A 43 -4.98 -5.32 -1.12
CA LYS A 43 -5.26 -4.01 -1.71
C LYS A 43 -5.01 -2.89 -0.70
N VAL A 44 -4.04 -2.04 -1.01
CA VAL A 44 -3.71 -0.93 -0.13
C VAL A 44 -3.69 0.39 -0.91
N GLU A 45 -3.78 1.50 -0.17
CA GLU A 45 -3.77 2.82 -0.79
C GLU A 45 -2.48 3.56 -0.47
N VAL A 46 -1.94 4.25 -1.47
CA VAL A 46 -0.70 5.01 -1.30
C VAL A 46 -0.93 6.49 -1.56
N LYS A 47 0.13 7.28 -1.39
CA LYS A 47 0.05 8.72 -1.61
C LYS A 47 1.09 9.17 -2.63
N ILE A 48 0.61 9.57 -3.81
CA ILE A 48 1.49 10.03 -4.87
C ILE A 48 1.53 11.55 -4.95
N THR A 49 2.69 12.10 -5.30
CA THR A 49 2.86 13.54 -5.41
C THR A 49 3.37 13.94 -6.79
N VAL A 50 2.49 14.51 -7.60
CA VAL A 50 2.86 14.93 -8.95
C VAL A 50 2.60 16.42 -9.14
N ASN A 51 3.62 17.14 -9.61
CA ASN A 51 3.51 18.56 -9.84
C ASN A 51 3.04 19.29 -8.59
N GLY A 52 3.44 18.78 -7.43
CA GLY A 52 3.05 19.38 -6.17
C GLY A 52 1.61 19.09 -5.81
N LYS A 53 1.04 18.05 -6.43
CA LYS A 53 -0.34 17.67 -6.17
C LYS A 53 -0.42 16.29 -5.54
N THR A 54 -1.11 16.19 -4.42
CA THR A 54 -1.26 14.91 -3.71
C THR A 54 -2.42 14.12 -4.26
N TYR A 55 -2.16 12.87 -4.64
CA TYR A 55 -3.19 12.00 -5.20
C TYR A 55 -3.26 10.70 -4.42
N GLU A 56 -4.48 10.14 -4.32
CA GLU A 56 -4.68 8.89 -3.60
C GLU A 56 -5.18 7.80 -4.55
N ARG A 57 -4.64 6.61 -4.40
CA ARG A 57 -5.04 5.48 -5.24
C ARG A 57 -4.77 4.15 -4.53
N GLN A 58 -5.58 3.14 -4.86
CA GLN A 58 -5.43 1.83 -4.25
C GLN A 58 -4.89 0.82 -5.26
N GLY A 59 -3.92 0.02 -4.83
CA GLY A 59 -3.33 -0.98 -5.70
C GLY A 59 -3.15 -2.32 -5.02
N PHE A 60 -2.77 -3.33 -5.79
CA PHE A 60 -2.57 -4.67 -5.26
C PHE A 60 -1.09 -4.92 -4.95
N VAL A 61 -0.84 -5.67 -3.89
CA VAL A 61 0.53 -5.98 -3.48
C VAL A 61 0.60 -7.30 -2.72
N PRO A 62 1.78 -7.93 -2.73
CA PRO A 62 2.00 -9.21 -2.06
C PRO A 62 1.99 -9.06 -0.53
N ALA A 63 0.95 -9.61 0.10
CA ALA A 63 0.82 -9.55 1.54
C ALA A 63 1.98 -10.25 2.24
N ALA A 64 2.54 -11.25 1.57
CA ALA A 64 3.66 -12.00 2.12
C ALA A 64 4.89 -11.12 2.26
N TYR A 65 4.87 -9.95 1.62
CA TYR A 65 5.98 -9.01 1.67
C TYR A 65 5.68 -7.88 2.64
N VAL A 66 4.48 -7.87 3.18
CA VAL A 66 4.07 -6.83 4.13
C VAL A 66 3.38 -7.44 5.34
N LYS A 67 2.92 -6.58 6.24
CA LYS A 67 2.23 -7.02 7.44
C LYS A 67 1.31 -5.94 7.99
N LYS A 68 0.36 -6.33 8.83
CA LYS A 68 -0.57 -5.39 9.43
C LYS A 68 -0.05 -4.87 10.77
N LEU A 69 -0.24 -3.58 11.02
CA LEU A 69 0.20 -2.97 12.27
C LEU A 69 -0.76 -3.29 13.40
N ASP A 70 -2.05 -3.28 13.11
CA ASP A 70 -3.08 -3.57 14.10
C ASP A 70 -2.88 -4.97 14.69
N MET A 1 0.10 13.66 12.77
CA MET A 1 0.34 12.24 12.49
C MET A 1 -0.73 11.37 13.13
N ASP A 2 -1.99 11.71 12.87
CA ASP A 2 -3.12 10.96 13.43
C ASP A 2 -4.03 10.44 12.32
N GLU A 3 -3.50 9.53 11.50
CA GLU A 3 -4.26 8.96 10.40
C GLU A 3 -3.96 7.48 10.25
N THR A 4 -4.21 6.71 11.30
CA THR A 4 -3.97 5.28 11.29
C THR A 4 -5.13 4.51 11.93
N GLY A 5 -6.29 5.16 11.99
CA GLY A 5 -7.45 4.52 12.58
C GLY A 5 -8.16 3.58 11.61
N LYS A 6 -7.75 3.63 10.35
CA LYS A 6 -8.36 2.79 9.32
C LYS A 6 -7.69 1.41 9.29
N GLU A 7 -6.50 1.36 8.68
CA GLU A 7 -5.76 0.10 8.57
C GLU A 7 -4.46 0.30 7.79
N LEU A 8 -3.40 0.64 8.51
CA LEU A 8 -2.10 0.86 7.88
C LEU A 8 -1.27 -0.42 7.88
N VAL A 9 -0.54 -0.65 6.79
CA VAL A 9 0.29 -1.84 6.66
C VAL A 9 1.73 -1.46 6.30
N LEU A 10 2.68 -2.20 6.86
CA LEU A 10 4.10 -1.95 6.61
C LEU A 10 4.69 -3.05 5.74
N ALA A 11 5.61 -2.67 4.85
CA ALA A 11 6.25 -3.63 3.96
C ALA A 11 7.54 -4.16 4.58
N LEU A 12 7.62 -5.48 4.72
CA LEU A 12 8.79 -6.12 5.30
C LEU A 12 9.85 -6.38 4.25
N TYR A 13 9.40 -6.66 3.02
CA TYR A 13 10.31 -6.93 1.91
C TYR A 13 10.12 -5.91 0.79
N ASP A 14 11.02 -5.95 -0.18
CA ASP A 14 10.96 -5.03 -1.31
C ASP A 14 10.09 -5.60 -2.43
N TYR A 15 9.27 -4.74 -3.02
CA TYR A 15 8.38 -5.16 -4.09
C TYR A 15 8.39 -4.14 -5.24
N GLN A 16 7.95 -4.58 -6.42
CA GLN A 16 7.90 -3.71 -7.59
C GLN A 16 6.57 -3.84 -8.31
N GLU A 17 6.13 -2.76 -8.94
CA GLU A 17 4.87 -2.76 -9.68
C GLU A 17 5.11 -2.79 -11.18
N LYS A 18 4.51 -3.77 -11.85
CA LYS A 18 4.66 -3.92 -13.29
C LYS A 18 3.56 -3.18 -14.04
N SER A 19 2.34 -3.26 -13.51
CA SER A 19 1.20 -2.59 -14.13
C SER A 19 0.86 -1.30 -13.39
N PRO A 20 0.11 -0.41 -14.07
CA PRO A 20 -0.30 0.87 -13.50
C PRO A 20 -1.32 0.72 -12.38
N ARG A 21 -1.82 -0.50 -12.21
CA ARG A 21 -2.81 -0.78 -11.18
C ARG A 21 -2.13 -1.10 -9.85
N GLU A 22 -0.86 -1.48 -9.91
CA GLU A 22 -0.11 -1.81 -8.71
C GLU A 22 0.78 -0.65 -8.29
N VAL A 23 1.33 -0.74 -7.09
CA VAL A 23 2.20 0.31 -6.55
C VAL A 23 3.53 -0.26 -6.10
N THR A 24 4.58 0.56 -6.18
CA THR A 24 5.91 0.13 -5.77
C THR A 24 6.13 0.37 -4.28
N MET A 25 6.46 -0.69 -3.56
CA MET A 25 6.70 -0.60 -2.12
C MET A 25 8.04 -1.23 -1.76
N LYS A 26 8.67 -0.69 -0.72
CA LYS A 26 9.96 -1.20 -0.26
C LYS A 26 9.96 -1.38 1.25
N LYS A 27 10.97 -2.09 1.76
CA LYS A 27 11.10 -2.33 3.19
C LYS A 27 10.99 -1.03 3.98
N GLY A 28 10.03 -0.97 4.89
CA GLY A 28 9.84 0.22 5.70
C GLY A 28 8.69 1.08 5.21
N ASP A 29 8.32 0.91 3.94
CA ASP A 29 7.22 1.67 3.35
C ASP A 29 5.89 1.27 3.98
N ILE A 30 5.01 2.25 4.16
CA ILE A 30 3.71 2.01 4.75
C ILE A 30 2.59 2.51 3.84
N LEU A 31 1.58 1.68 3.63
CA LEU A 31 0.45 2.04 2.77
C LEU A 31 -0.86 1.92 3.54
N THR A 32 -1.94 2.41 2.94
CA THR A 32 -3.25 2.36 3.56
C THR A 32 -4.06 1.19 3.02
N LEU A 33 -4.22 0.15 3.84
CA LEU A 33 -4.98 -1.03 3.45
C LEU A 33 -6.41 -0.66 3.06
N LEU A 34 -6.74 -0.84 1.79
CA LEU A 34 -8.07 -0.53 1.28
C LEU A 34 -8.93 -1.79 1.17
N ASN A 35 -8.28 -2.91 0.85
CA ASN A 35 -8.99 -4.17 0.72
C ASN A 35 -8.07 -5.34 1.07
N SER A 36 -8.42 -6.08 2.13
CA SER A 36 -7.62 -7.21 2.57
C SER A 36 -8.46 -8.49 2.56
N THR A 37 -9.52 -8.50 1.75
CA THR A 37 -10.40 -9.66 1.65
C THR A 37 -9.60 -10.93 1.37
N ASN A 38 -8.52 -10.79 0.62
CA ASN A 38 -7.67 -11.93 0.27
C ASN A 38 -6.53 -12.09 1.28
N LYS A 39 -5.78 -13.18 1.16
CA LYS A 39 -4.66 -13.45 2.05
C LYS A 39 -3.33 -13.33 1.31
N ASP A 40 -3.36 -13.60 0.00
CA ASP A 40 -2.16 -13.53 -0.82
C ASP A 40 -2.00 -12.13 -1.41
N TRP A 41 -3.04 -11.64 -2.07
CA TRP A 41 -3.01 -10.32 -2.68
C TRP A 41 -3.76 -9.29 -1.83
N TRP A 42 -3.05 -8.28 -1.36
CA TRP A 42 -3.64 -7.25 -0.54
C TRP A 42 -3.72 -5.92 -1.29
N LYS A 43 -4.90 -5.30 -1.26
CA LYS A 43 -5.11 -4.03 -1.95
C LYS A 43 -4.90 -2.86 -0.99
N VAL A 44 -3.88 -2.05 -1.28
CA VAL A 44 -3.58 -0.89 -0.46
C VAL A 44 -3.68 0.40 -1.25
N GLU A 45 -3.48 1.54 -0.58
CA GLU A 45 -3.56 2.84 -1.22
C GLU A 45 -2.30 3.64 -0.96
N VAL A 46 -1.79 4.31 -2.00
CA VAL A 46 -0.58 5.12 -1.87
C VAL A 46 -0.85 6.57 -2.30
N LYS A 47 -0.14 7.50 -1.68
CA LYS A 47 -0.30 8.92 -2.00
C LYS A 47 0.87 9.42 -2.84
N ILE A 48 0.57 10.17 -3.89
CA ILE A 48 1.60 10.72 -4.76
C ILE A 48 1.46 12.22 -4.91
N THR A 49 2.54 12.95 -4.64
CA THR A 49 2.54 14.40 -4.74
C THR A 49 3.00 14.85 -6.12
N VAL A 50 2.07 15.45 -6.88
CA VAL A 50 2.38 15.93 -8.21
C VAL A 50 1.95 17.38 -8.38
N ASN A 51 2.91 18.24 -8.73
CA ASN A 51 2.63 19.66 -8.93
C ASN A 51 1.98 20.26 -7.68
N GLY A 52 2.32 19.72 -6.52
CA GLY A 52 1.76 20.21 -5.27
C GLY A 52 0.36 19.70 -5.02
N LYS A 53 -0.01 18.62 -5.70
CA LYS A 53 -1.33 18.03 -5.54
C LYS A 53 -1.24 16.55 -5.19
N THR A 54 -1.70 16.20 -4.00
CA THR A 54 -1.66 14.82 -3.53
C THR A 54 -2.75 13.99 -4.20
N TYR A 55 -2.35 12.88 -4.81
CA TYR A 55 -3.29 12.00 -5.49
C TYR A 55 -3.32 10.61 -4.83
N GLU A 56 -4.48 9.98 -4.86
CA GLU A 56 -4.64 8.65 -4.26
C GLU A 56 -4.80 7.59 -5.35
N ARG A 57 -4.28 6.39 -5.08
CA ARG A 57 -4.36 5.29 -6.02
C ARG A 57 -4.26 3.94 -5.31
N GLN A 58 -4.91 2.93 -5.88
CA GLN A 58 -4.88 1.59 -5.29
C GLN A 58 -3.75 0.76 -5.89
N GLY A 59 -3.09 -0.04 -5.05
CA GLY A 59 -2.01 -0.89 -5.52
C GLY A 59 -2.06 -2.27 -4.92
N PHE A 60 -2.00 -3.29 -5.78
CA PHE A 60 -2.04 -4.67 -5.33
C PHE A 60 -0.64 -5.18 -5.02
N VAL A 61 -0.47 -5.73 -3.81
CA VAL A 61 0.82 -6.24 -3.39
C VAL A 61 0.66 -7.50 -2.54
N PRO A 62 1.69 -8.36 -2.54
CA PRO A 62 1.69 -9.61 -1.77
C PRO A 62 1.74 -9.36 -0.26
N ALA A 63 0.70 -9.79 0.44
CA ALA A 63 0.64 -9.63 1.89
C ALA A 63 1.78 -10.36 2.58
N ALA A 64 2.27 -11.42 1.93
CA ALA A 64 3.37 -12.20 2.49
C ALA A 64 4.65 -11.38 2.58
N TYR A 65 4.66 -10.24 1.89
CA TYR A 65 5.82 -9.36 1.89
C TYR A 65 5.59 -8.15 2.79
N VAL A 66 4.38 -8.03 3.32
CA VAL A 66 4.03 -6.92 4.19
C VAL A 66 3.28 -7.42 5.43
N LYS A 67 2.80 -6.47 6.24
CA LYS A 67 2.08 -6.81 7.46
C LYS A 67 1.13 -5.68 7.85
N LYS A 68 0.19 -5.98 8.74
CA LYS A 68 -0.77 -4.99 9.20
C LYS A 68 -0.43 -4.54 10.63
N LEU A 69 -0.43 -3.22 10.84
CA LEU A 69 -0.13 -2.67 12.15
C LEU A 69 -1.19 -3.08 13.17
N ASP A 70 -2.41 -3.33 12.70
CA ASP A 70 -3.51 -3.74 13.56
C ASP A 70 -3.33 -5.18 14.02
N MET A 1 -11.85 8.31 3.07
CA MET A 1 -11.28 9.48 3.72
C MET A 1 -9.76 9.39 3.79
N ASP A 2 -9.13 10.45 4.29
CA ASP A 2 -7.69 10.48 4.41
C ASP A 2 -7.25 10.39 5.87
N GLU A 3 -7.81 9.42 6.58
CA GLU A 3 -7.48 9.22 8.00
C GLU A 3 -6.33 8.24 8.16
N THR A 4 -6.33 7.20 7.34
CA THR A 4 -5.29 6.18 7.39
C THR A 4 -5.09 5.66 8.81
N GLY A 5 -6.17 5.68 9.59
CA GLY A 5 -6.09 5.21 10.97
C GLY A 5 -7.02 4.04 11.23
N LYS A 6 -7.41 3.35 10.17
CA LYS A 6 -8.30 2.20 10.29
C LYS A 6 -7.53 0.89 10.17
N GLU A 7 -6.97 0.64 8.99
CA GLU A 7 -6.20 -0.58 8.77
C GLU A 7 -4.89 -0.27 8.04
N LEU A 8 -3.86 0.08 8.82
CA LEU A 8 -2.56 0.41 8.25
C LEU A 8 -1.69 -0.84 8.13
N VAL A 9 -0.84 -0.87 7.11
CA VAL A 9 0.05 -2.01 6.89
C VAL A 9 1.46 -1.53 6.55
N LEU A 10 2.46 -2.25 7.06
CA LEU A 10 3.85 -1.91 6.80
C LEU A 10 4.51 -2.96 5.92
N ALA A 11 5.39 -2.51 5.02
CA ALA A 11 6.10 -3.40 4.12
C ALA A 11 7.32 -4.00 4.79
N LEU A 12 7.43 -5.32 4.75
CA LEU A 12 8.57 -6.02 5.36
C LEU A 12 9.70 -6.20 4.35
N TYR A 13 9.33 -6.47 3.10
CA TYR A 13 10.32 -6.66 2.03
C TYR A 13 10.16 -5.60 0.95
N ASP A 14 11.02 -5.68 -0.06
CA ASP A 14 10.98 -4.72 -1.17
C ASP A 14 10.28 -5.32 -2.38
N TYR A 15 9.45 -4.52 -3.04
CA TYR A 15 8.71 -4.98 -4.21
C TYR A 15 8.69 -3.89 -5.29
N GLN A 16 8.34 -4.29 -6.51
CA GLN A 16 8.27 -3.36 -7.62
C GLN A 16 6.92 -3.45 -8.34
N GLU A 17 6.51 -2.35 -8.97
CA GLU A 17 5.24 -2.31 -9.68
C GLU A 17 5.46 -2.43 -11.18
N LYS A 18 4.64 -3.24 -11.84
CA LYS A 18 4.74 -3.45 -13.28
C LYS A 18 3.58 -2.79 -14.00
N SER A 19 2.38 -2.96 -13.47
CA SER A 19 1.18 -2.38 -14.06
C SER A 19 0.83 -1.05 -13.39
N PRO A 20 0.02 -0.24 -14.09
CA PRO A 20 -0.41 1.07 -13.59
C PRO A 20 -1.38 0.94 -12.41
N ARG A 21 -1.89 -0.26 -12.19
CA ARG A 21 -2.82 -0.51 -11.09
C ARG A 21 -2.08 -0.89 -9.82
N GLU A 22 -0.88 -1.43 -9.97
CA GLU A 22 -0.07 -1.84 -8.84
C GLU A 22 0.66 -0.64 -8.24
N VAL A 23 1.36 -0.87 -7.12
CA VAL A 23 2.10 0.19 -6.45
C VAL A 23 3.45 -0.31 -5.97
N THR A 24 4.45 0.57 -5.98
CA THR A 24 5.79 0.21 -5.53
C THR A 24 5.93 0.37 -4.03
N MET A 25 6.35 -0.72 -3.37
CA MET A 25 6.52 -0.71 -1.92
C MET A 25 7.95 -1.11 -1.55
N LYS A 26 8.36 -0.74 -0.34
CA LYS A 26 9.70 -1.05 0.14
C LYS A 26 9.69 -1.33 1.64
N LYS A 27 10.61 -2.19 2.08
CA LYS A 27 10.71 -2.53 3.49
C LYS A 27 10.76 -1.29 4.36
N GLY A 28 9.66 -0.99 5.04
CA GLY A 28 9.61 0.18 5.90
C GLY A 28 8.54 1.16 5.47
N ASP A 29 7.91 0.90 4.33
CA ASP A 29 6.85 1.76 3.81
C ASP A 29 5.54 1.51 4.55
N ILE A 30 4.66 2.52 4.51
CA ILE A 30 3.36 2.41 5.17
C ILE A 30 2.23 2.75 4.22
N LEU A 31 1.31 1.79 4.04
CA LEU A 31 0.18 1.99 3.14
C LEU A 31 -1.14 1.78 3.89
N THR A 32 -2.23 2.25 3.29
CA THR A 32 -3.55 2.11 3.89
C THR A 32 -4.30 0.91 3.31
N LEU A 33 -4.42 -0.14 4.11
CA LEU A 33 -5.13 -1.35 3.68
C LEU A 33 -6.55 -1.03 3.24
N LEU A 34 -6.83 -1.22 1.96
CA LEU A 34 -8.16 -0.96 1.42
C LEU A 34 -9.00 -2.22 1.39
N ASN A 35 -8.40 -3.30 0.86
CA ASN A 35 -9.09 -4.58 0.76
C ASN A 35 -8.16 -5.73 1.12
N SER A 36 -8.47 -6.43 2.21
CA SER A 36 -7.66 -7.55 2.66
C SER A 36 -8.43 -8.86 2.56
N THR A 37 -9.52 -8.84 1.80
CA THR A 37 -10.35 -10.03 1.61
C THR A 37 -9.51 -11.22 1.16
N ASN A 38 -8.47 -10.94 0.39
CA ASN A 38 -7.58 -11.98 -0.11
C ASN A 38 -6.45 -12.25 0.87
N LYS A 39 -5.67 -13.29 0.60
CA LYS A 39 -4.54 -13.66 1.44
C LYS A 39 -3.22 -13.52 0.69
N ASP A 40 -3.30 -13.50 -0.63
CA ASP A 40 -2.11 -13.38 -1.46
C ASP A 40 -1.94 -11.94 -1.95
N TRP A 41 -2.97 -11.40 -2.58
CA TRP A 41 -2.93 -10.04 -3.08
C TRP A 41 -3.69 -9.09 -2.17
N TRP A 42 -2.96 -8.21 -1.49
CA TRP A 42 -3.56 -7.25 -0.58
C TRP A 42 -3.64 -5.86 -1.21
N LYS A 43 -4.80 -5.23 -1.11
CA LYS A 43 -5.00 -3.90 -1.67
C LYS A 43 -4.67 -2.82 -0.65
N VAL A 44 -3.92 -1.81 -1.08
CA VAL A 44 -3.54 -0.71 -0.20
C VAL A 44 -3.50 0.61 -0.95
N GLU A 45 -3.72 1.70 -0.24
CA GLU A 45 -3.71 3.03 -0.84
C GLU A 45 -2.43 3.77 -0.50
N VAL A 46 -1.86 4.44 -1.50
CA VAL A 46 -0.61 5.19 -1.31
C VAL A 46 -0.82 6.67 -1.61
N LYS A 47 0.23 7.46 -1.41
CA LYS A 47 0.17 8.89 -1.66
C LYS A 47 1.19 9.31 -2.71
N ILE A 48 0.69 9.68 -3.89
CA ILE A 48 1.56 10.11 -4.98
C ILE A 48 1.39 11.59 -5.27
N THR A 49 2.47 12.35 -5.09
CA THR A 49 2.45 13.79 -5.33
C THR A 49 2.94 14.12 -6.74
N VAL A 50 2.10 14.78 -7.52
CA VAL A 50 2.45 15.17 -8.88
C VAL A 50 2.12 16.63 -9.15
N ASN A 51 3.09 17.37 -9.66
CA ASN A 51 2.90 18.78 -9.96
C ASN A 51 2.41 19.54 -8.73
N GLY A 52 2.92 19.16 -7.56
CA GLY A 52 2.52 19.80 -6.33
C GLY A 52 1.11 19.45 -5.92
N LYS A 53 0.59 18.37 -6.45
CA LYS A 53 -0.77 17.92 -6.15
C LYS A 53 -0.76 16.50 -5.59
N THR A 54 -1.24 16.35 -4.36
CA THR A 54 -1.29 15.05 -3.71
C THR A 54 -2.43 14.20 -4.27
N TYR A 55 -2.10 12.99 -4.70
CA TYR A 55 -3.08 12.07 -5.26
C TYR A 55 -3.16 10.78 -4.46
N GLU A 56 -4.35 10.20 -4.40
CA GLU A 56 -4.55 8.95 -3.67
C GLU A 56 -5.09 7.86 -4.58
N ARG A 57 -4.48 6.68 -4.51
CA ARG A 57 -4.90 5.56 -5.34
C ARG A 57 -4.59 4.23 -4.64
N GLN A 58 -5.39 3.21 -4.94
CA GLN A 58 -5.21 1.89 -4.35
C GLN A 58 -4.56 0.93 -5.33
N GLY A 59 -3.63 0.13 -4.85
CA GLY A 59 -2.95 -0.83 -5.70
C GLY A 59 -2.82 -2.19 -5.05
N PHE A 60 -2.58 -3.21 -5.88
CA PHE A 60 -2.44 -4.58 -5.38
C PHE A 60 -0.98 -4.90 -5.09
N VAL A 61 -0.74 -5.55 -3.95
CA VAL A 61 0.61 -5.92 -3.54
C VAL A 61 0.62 -7.25 -2.81
N PRO A 62 1.78 -7.93 -2.82
CA PRO A 62 1.95 -9.22 -2.15
C PRO A 62 1.92 -9.10 -0.63
N ALA A 63 0.88 -9.65 -0.01
CA ALA A 63 0.74 -9.61 1.43
C ALA A 63 1.90 -10.32 2.11
N ALA A 64 2.47 -11.31 1.44
CA ALA A 64 3.58 -12.07 1.99
C ALA A 64 4.81 -11.19 2.17
N TYR A 65 4.79 -10.01 1.55
CA TYR A 65 5.90 -9.07 1.63
C TYR A 65 5.60 -7.96 2.64
N VAL A 66 4.36 -7.94 3.12
CA VAL A 66 3.94 -6.92 4.09
C VAL A 66 3.30 -7.56 5.32
N LYS A 67 2.92 -6.74 6.28
CA LYS A 67 2.30 -7.23 7.51
C LYS A 67 1.50 -6.13 8.18
N LYS A 68 0.56 -6.52 9.04
CA LYS A 68 -0.28 -5.56 9.74
C LYS A 68 0.57 -4.55 10.50
N LEU A 69 0.16 -3.28 10.45
CA LEU A 69 0.88 -2.21 11.13
C LEU A 69 0.19 -1.81 12.42
N ASP A 70 -1.14 -1.84 12.39
CA ASP A 70 -1.94 -1.49 13.57
C ASP A 70 -1.74 -2.51 14.68
N MET A 1 0.44 10.23 3.73
CA MET A 1 0.57 8.81 3.45
C MET A 1 0.13 7.97 4.64
N ASP A 2 0.66 8.31 5.82
CA ASP A 2 0.32 7.59 7.04
C ASP A 2 -0.49 8.47 7.98
N GLU A 3 -1.61 8.99 7.47
CA GLU A 3 -2.48 9.86 8.27
C GLU A 3 -3.88 9.25 8.39
N THR A 4 -4.13 8.20 7.62
CA THR A 4 -5.42 7.53 7.64
C THR A 4 -5.84 7.18 9.07
N GLY A 5 -4.86 6.84 9.89
CA GLY A 5 -5.13 6.48 11.27
C GLY A 5 -6.23 5.44 11.39
N LYS A 6 -6.30 4.54 10.41
CA LYS A 6 -7.31 3.49 10.42
C LYS A 6 -6.67 2.12 10.28
N GLU A 7 -6.22 1.79 9.08
CA GLU A 7 -5.59 0.51 8.81
C GLU A 7 -4.36 0.68 7.92
N LEU A 8 -3.19 0.72 8.54
CA LEU A 8 -1.93 0.88 7.80
C LEU A 8 -1.11 -0.41 7.84
N VAL A 9 -0.54 -0.77 6.70
CA VAL A 9 0.28 -1.98 6.59
C VAL A 9 1.72 -1.64 6.25
N LEU A 10 2.67 -2.25 6.96
CA LEU A 10 4.08 -2.01 6.73
C LEU A 10 4.69 -3.14 5.91
N ALA A 11 5.50 -2.77 4.93
CA ALA A 11 6.16 -3.74 4.06
C ALA A 11 7.44 -4.26 4.69
N LEU A 12 7.54 -5.59 4.81
CA LEU A 12 8.72 -6.21 5.41
C LEU A 12 9.79 -6.45 4.34
N TYR A 13 9.36 -6.81 3.15
CA TYR A 13 10.29 -7.07 2.05
C TYR A 13 10.14 -6.02 0.95
N ASP A 14 10.92 -6.17 -0.12
CA ASP A 14 10.87 -5.24 -1.24
C ASP A 14 10.02 -5.80 -2.37
N TYR A 15 9.19 -4.94 -2.96
CA TYR A 15 8.32 -5.35 -4.06
C TYR A 15 8.41 -4.36 -5.23
N GLN A 16 8.34 -4.88 -6.44
CA GLN A 16 8.41 -4.05 -7.64
C GLN A 16 7.07 -4.04 -8.38
N GLU A 17 6.73 -2.90 -8.96
CA GLU A 17 5.48 -2.76 -9.70
C GLU A 17 5.67 -3.09 -11.17
N LYS A 18 4.77 -3.92 -11.70
CA LYS A 18 4.84 -4.33 -13.10
C LYS A 18 3.80 -3.60 -13.93
N SER A 19 2.64 -3.34 -13.32
CA SER A 19 1.55 -2.64 -14.00
C SER A 19 1.33 -1.25 -13.41
N PRO A 20 0.67 -0.38 -14.18
CA PRO A 20 0.37 0.99 -13.75
C PRO A 20 -0.66 1.04 -12.63
N ARG A 21 -1.31 -0.09 -12.38
CA ARG A 21 -2.31 -0.18 -11.32
C ARG A 21 -1.67 -0.56 -9.98
N GLU A 22 -0.54 -1.25 -10.05
CA GLU A 22 0.17 -1.68 -8.85
C GLU A 22 1.09 -0.58 -8.35
N VAL A 23 1.36 -0.59 -7.04
CA VAL A 23 2.23 0.40 -6.43
C VAL A 23 3.54 -0.23 -5.96
N THR A 24 4.62 0.54 -6.03
CA THR A 24 5.93 0.06 -5.62
C THR A 24 6.14 0.26 -4.13
N MET A 25 6.45 -0.82 -3.43
CA MET A 25 6.68 -0.77 -1.99
C MET A 25 8.00 -1.43 -1.62
N LYS A 26 8.67 -0.89 -0.60
CA LYS A 26 9.95 -1.42 -0.16
C LYS A 26 9.95 -1.65 1.36
N LYS A 27 10.82 -2.53 1.82
CA LYS A 27 10.92 -2.84 3.24
C LYS A 27 11.04 -1.56 4.06
N GLY A 28 9.96 -1.20 4.75
CA GLY A 28 9.96 -0.01 5.56
C GLY A 28 8.82 0.93 5.22
N ASP A 29 8.31 0.82 4.00
CA ASP A 29 7.21 1.66 3.56
C ASP A 29 5.91 1.27 4.23
N ILE A 30 4.92 2.15 4.18
CA ILE A 30 3.62 1.90 4.80
C ILE A 30 2.49 2.41 3.92
N LEU A 31 1.49 1.57 3.71
CA LEU A 31 0.33 1.94 2.88
C LEU A 31 -0.97 1.80 3.68
N THR A 32 -2.06 2.32 3.11
CA THR A 32 -3.35 2.26 3.76
C THR A 32 -4.18 1.10 3.22
N LEU A 33 -4.37 0.08 4.05
CA LEU A 33 -5.15 -1.09 3.66
C LEU A 33 -6.56 -0.70 3.24
N LEU A 34 -6.88 -0.88 1.97
CA LEU A 34 -8.19 -0.55 1.45
C LEU A 34 -9.05 -1.80 1.27
N ASN A 35 -8.42 -2.88 0.82
CA ASN A 35 -9.11 -4.15 0.63
C ASN A 35 -8.22 -5.33 1.00
N SER A 36 -8.65 -6.08 2.01
CA SER A 36 -7.89 -7.24 2.47
C SER A 36 -8.72 -8.52 2.36
N THR A 37 -9.73 -8.49 1.50
CA THR A 37 -10.60 -9.63 1.29
C THR A 37 -9.79 -10.89 1.01
N ASN A 38 -8.64 -10.72 0.37
CA ASN A 38 -7.77 -11.84 0.04
C ASN A 38 -6.64 -11.98 1.06
N LYS A 39 -5.78 -12.96 0.86
CA LYS A 39 -4.65 -13.20 1.76
C LYS A 39 -3.32 -13.07 1.02
N ASP A 40 -3.33 -13.42 -0.27
CA ASP A 40 -2.12 -13.34 -1.09
C ASP A 40 -1.96 -11.94 -1.67
N TRP A 41 -3.01 -11.47 -2.34
CA TRP A 41 -2.98 -10.14 -2.96
C TRP A 41 -3.78 -9.15 -2.13
N TRP A 42 -3.08 -8.20 -1.51
CA TRP A 42 -3.73 -7.18 -0.70
C TRP A 42 -3.80 -5.86 -1.43
N LYS A 43 -4.96 -5.20 -1.36
CA LYS A 43 -5.16 -3.92 -2.01
C LYS A 43 -5.03 -2.77 -1.03
N VAL A 44 -4.00 -1.95 -1.22
CA VAL A 44 -3.76 -0.81 -0.35
C VAL A 44 -3.85 0.51 -1.12
N GLU A 45 -3.70 1.62 -0.40
CA GLU A 45 -3.77 2.94 -1.02
C GLU A 45 -2.52 3.75 -0.73
N VAL A 46 -2.02 4.45 -1.73
CA VAL A 46 -0.82 5.27 -1.59
C VAL A 46 -1.09 6.73 -1.98
N LYS A 47 -0.18 7.61 -1.60
CA LYS A 47 -0.32 9.03 -1.92
C LYS A 47 0.73 9.46 -2.93
N ILE A 48 0.29 10.16 -3.98
CA ILE A 48 1.19 10.63 -5.02
C ILE A 48 1.10 12.14 -5.18
N THR A 49 2.24 12.82 -5.04
CA THR A 49 2.27 14.27 -5.18
C THR A 49 2.51 14.68 -6.62
N VAL A 50 1.46 15.18 -7.28
CA VAL A 50 1.55 15.61 -8.66
C VAL A 50 1.38 17.11 -8.78
N ASN A 51 2.48 17.82 -9.06
CA ASN A 51 2.45 19.26 -9.20
C ASN A 51 1.99 19.93 -7.90
N GLY A 52 2.31 19.30 -6.77
CA GLY A 52 1.92 19.84 -5.49
C GLY A 52 0.57 19.33 -5.03
N LYS A 53 -0.15 18.67 -5.94
CA LYS A 53 -1.47 18.13 -5.61
C LYS A 53 -1.37 16.66 -5.22
N THR A 54 -1.76 16.35 -3.99
CA THR A 54 -1.72 14.98 -3.50
C THR A 54 -2.89 14.17 -4.04
N TYR A 55 -2.58 13.01 -4.61
CA TYR A 55 -3.61 12.13 -5.17
C TYR A 55 -3.56 10.75 -4.51
N GLU A 56 -4.72 10.09 -4.47
CA GLU A 56 -4.81 8.77 -3.87
C GLU A 56 -5.10 7.71 -4.94
N ARG A 57 -4.46 6.56 -4.81
CA ARG A 57 -4.66 5.47 -5.76
C ARG A 57 -4.51 4.12 -5.07
N GLN A 58 -5.13 3.08 -5.65
CA GLN A 58 -5.06 1.74 -5.09
C GLN A 58 -3.93 0.94 -5.74
N GLY A 59 -3.23 0.16 -4.91
CA GLY A 59 -2.14 -0.65 -5.42
C GLY A 59 -2.16 -2.06 -4.89
N PHE A 60 -2.00 -3.04 -5.78
CA PHE A 60 -2.01 -4.45 -5.40
C PHE A 60 -0.60 -4.92 -5.04
N VAL A 61 -0.46 -5.53 -3.86
CA VAL A 61 0.83 -6.03 -3.41
C VAL A 61 0.66 -7.32 -2.60
N PRO A 62 1.72 -8.15 -2.59
CA PRO A 62 1.71 -9.41 -1.86
C PRO A 62 1.73 -9.22 -0.35
N ALA A 63 0.65 -9.64 0.30
CA ALA A 63 0.53 -9.51 1.75
C ALA A 63 1.63 -10.30 2.46
N ALA A 64 2.09 -11.36 1.81
CA ALA A 64 3.14 -12.19 2.38
C ALA A 64 4.44 -11.43 2.52
N TYR A 65 4.52 -10.27 1.87
CA TYR A 65 5.71 -9.44 1.93
C TYR A 65 5.51 -8.24 2.85
N VAL A 66 4.29 -8.11 3.36
CA VAL A 66 3.96 -7.01 4.26
C VAL A 66 3.23 -7.51 5.50
N LYS A 67 2.90 -6.60 6.40
CA LYS A 67 2.19 -6.95 7.63
C LYS A 67 1.40 -5.76 8.16
N LYS A 68 0.61 -6.01 9.20
CA LYS A 68 -0.21 -4.96 9.80
C LYS A 68 0.61 -4.13 10.80
N LEU A 69 0.54 -2.81 10.67
CA LEU A 69 1.27 -1.91 11.54
C LEU A 69 0.91 -2.17 13.00
N ASP A 70 -0.38 -2.37 13.26
CA ASP A 70 -0.86 -2.64 14.62
C ASP A 70 -0.11 -3.81 15.24
N MET A 1 -11.52 13.42 5.75
CA MET A 1 -10.27 14.17 5.70
C MET A 1 -9.12 13.34 6.26
N ASP A 2 -9.44 12.44 7.17
CA ASP A 2 -8.43 11.58 7.79
C ASP A 2 -8.90 10.13 7.84
N GLU A 3 -9.27 9.60 6.68
CA GLU A 3 -9.74 8.22 6.58
C GLU A 3 -8.64 7.30 6.04
N THR A 4 -7.40 7.61 6.41
CA THR A 4 -6.26 6.81 5.97
C THR A 4 -5.44 6.31 7.15
N GLY A 5 -6.07 6.28 8.33
CA GLY A 5 -5.39 5.81 9.52
C GLY A 5 -6.16 4.73 10.25
N LYS A 6 -7.02 4.02 9.50
CA LYS A 6 -7.82 2.95 10.09
C LYS A 6 -7.05 1.63 10.09
N GLU A 7 -6.69 1.15 8.90
CA GLU A 7 -5.96 -0.10 8.77
C GLU A 7 -4.72 0.09 7.90
N LEU A 8 -3.62 0.48 8.52
CA LEU A 8 -2.37 0.70 7.80
C LEU A 8 -1.49 -0.54 7.85
N VAL A 9 -0.73 -0.77 6.78
CA VAL A 9 0.16 -1.92 6.72
C VAL A 9 1.60 -1.49 6.39
N LEU A 10 2.56 -2.20 6.97
CA LEU A 10 3.97 -1.90 6.74
C LEU A 10 4.61 -2.92 5.81
N ALA A 11 5.55 -2.48 4.99
CA ALA A 11 6.25 -3.36 4.07
C ALA A 11 7.47 -3.98 4.71
N LEU A 12 7.56 -5.31 4.65
CA LEU A 12 8.69 -6.03 5.23
C LEU A 12 9.72 -6.38 4.16
N TYR A 13 9.29 -6.43 2.91
CA TYR A 13 10.18 -6.75 1.80
C TYR A 13 10.06 -5.70 0.69
N ASP A 14 11.06 -5.68 -0.19
CA ASP A 14 11.08 -4.73 -1.29
C ASP A 14 10.27 -5.25 -2.48
N TYR A 15 9.49 -4.38 -3.09
CA TYR A 15 8.67 -4.76 -4.23
C TYR A 15 8.63 -3.64 -5.27
N GLN A 16 8.21 -3.98 -6.49
CA GLN A 16 8.12 -2.99 -7.56
C GLN A 16 6.82 -3.15 -8.33
N GLU A 17 6.34 -2.06 -8.91
CA GLU A 17 5.10 -2.07 -9.68
C GLU A 17 5.37 -2.35 -11.16
N LYS A 18 4.70 -3.36 -11.69
CA LYS A 18 4.87 -3.72 -13.09
C LYS A 18 3.71 -3.22 -13.94
N SER A 19 2.56 -3.04 -13.30
CA SER A 19 1.36 -2.55 -13.99
C SER A 19 0.88 -1.24 -13.39
N PRO A 20 0.06 -0.50 -14.15
CA PRO A 20 -0.49 0.78 -13.72
C PRO A 20 -1.53 0.62 -12.60
N ARG A 21 -1.90 -0.62 -12.32
CA ARG A 21 -2.88 -0.92 -11.29
C ARG A 21 -2.19 -1.26 -9.97
N GLU A 22 -0.97 -1.79 -10.06
CA GLU A 22 -0.20 -2.15 -8.88
C GLU A 22 0.54 -0.95 -8.32
N VAL A 23 1.27 -1.16 -7.22
CA VAL A 23 2.03 -0.09 -6.59
C VAL A 23 3.38 -0.61 -6.09
N THR A 24 4.34 0.29 -5.97
CA THR A 24 5.68 -0.06 -5.50
C THR A 24 5.83 0.18 -4.01
N MET A 25 6.33 -0.81 -3.30
CA MET A 25 6.52 -0.70 -1.86
C MET A 25 7.94 -1.11 -1.47
N LYS A 26 8.46 -0.51 -0.40
CA LYS A 26 9.79 -0.80 0.08
C LYS A 26 9.80 -1.03 1.59
N LYS A 27 10.71 -1.86 2.06
CA LYS A 27 10.83 -2.15 3.48
C LYS A 27 10.81 -0.86 4.31
N GLY A 28 9.81 -0.73 5.17
CA GLY A 28 9.71 0.44 6.01
C GLY A 28 8.57 1.36 5.57
N ASP A 29 8.07 1.14 4.36
CA ASP A 29 6.98 1.95 3.83
C ASP A 29 5.65 1.58 4.49
N ILE A 30 4.73 2.54 4.52
CA ILE A 30 3.42 2.31 5.12
C ILE A 30 2.30 2.73 4.17
N LEU A 31 1.38 1.81 3.90
CA LEU A 31 0.26 2.09 3.01
C LEU A 31 -1.06 1.93 3.75
N THR A 32 -2.15 2.34 3.10
CA THR A 32 -3.48 2.25 3.68
C THR A 32 -4.24 1.04 3.14
N LEU A 33 -4.36 0.01 3.96
CA LEU A 33 -5.06 -1.20 3.58
C LEU A 33 -6.51 -0.89 3.19
N LEU A 34 -6.78 -0.86 1.89
CA LEU A 34 -8.11 -0.58 1.38
C LEU A 34 -8.95 -1.85 1.32
N ASN A 35 -8.39 -2.90 0.74
CA ASN A 35 -9.08 -4.18 0.62
C ASN A 35 -8.17 -5.34 1.01
N SER A 36 -8.60 -6.12 1.98
CA SER A 36 -7.83 -7.27 2.46
C SER A 36 -8.63 -8.56 2.36
N THR A 37 -9.68 -8.54 1.53
CA THR A 37 -10.53 -9.71 1.36
C THR A 37 -9.71 -10.94 1.00
N ASN A 38 -8.61 -10.74 0.28
CA ASN A 38 -7.75 -11.83 -0.12
C ASN A 38 -6.62 -12.04 0.90
N LYS A 39 -5.90 -13.14 0.75
CA LYS A 39 -4.79 -13.45 1.66
C LYS A 39 -3.45 -13.33 0.94
N ASP A 40 -3.46 -13.54 -0.37
CA ASP A 40 -2.25 -13.46 -1.17
C ASP A 40 -2.06 -12.05 -1.70
N TRP A 41 -3.06 -11.53 -2.40
CA TRP A 41 -3.00 -10.19 -2.96
C TRP A 41 -3.75 -9.19 -2.08
N TRP A 42 -3.00 -8.31 -1.42
CA TRP A 42 -3.59 -7.31 -0.55
C TRP A 42 -3.65 -5.95 -1.24
N LYS A 43 -4.80 -5.28 -1.12
CA LYS A 43 -4.98 -3.97 -1.74
C LYS A 43 -4.68 -2.85 -0.74
N VAL A 44 -3.83 -1.91 -1.16
CA VAL A 44 -3.47 -0.79 -0.31
C VAL A 44 -3.40 0.51 -1.10
N GLU A 45 -3.63 1.63 -0.42
CA GLU A 45 -3.59 2.93 -1.06
C GLU A 45 -2.29 3.66 -0.76
N VAL A 46 -1.72 4.28 -1.79
CA VAL A 46 -0.47 5.02 -1.64
C VAL A 46 -0.64 6.49 -2.00
N LYS A 47 0.17 7.34 -1.39
CA LYS A 47 0.11 8.78 -1.65
C LYS A 47 1.11 9.18 -2.72
N ILE A 48 0.61 9.70 -3.84
CA ILE A 48 1.47 10.13 -4.93
C ILE A 48 1.49 11.65 -5.05
N THR A 49 2.67 12.20 -5.32
CA THR A 49 2.83 13.63 -5.45
C THR A 49 2.89 14.05 -6.92
N VAL A 50 1.89 14.83 -7.34
CA VAL A 50 1.82 15.29 -8.73
C VAL A 50 1.73 16.81 -8.79
N ASN A 51 2.83 17.45 -9.18
CA ASN A 51 2.88 18.91 -9.28
C ASN A 51 2.46 19.55 -7.96
N GLY A 52 2.91 18.98 -6.86
CA GLY A 52 2.59 19.51 -5.55
C GLY A 52 1.20 19.11 -5.08
N LYS A 53 0.50 18.34 -5.92
CA LYS A 53 -0.84 17.88 -5.59
C LYS A 53 -0.79 16.53 -4.89
N THR A 54 -1.74 16.31 -3.98
CA THR A 54 -1.81 15.05 -3.24
C THR A 54 -2.73 14.05 -3.93
N TYR A 55 -2.16 12.94 -4.37
CA TYR A 55 -2.93 11.90 -5.05
C TYR A 55 -3.02 10.64 -4.20
N GLU A 56 -4.05 9.83 -4.45
CA GLU A 56 -4.25 8.60 -3.71
C GLU A 56 -4.88 7.53 -4.59
N ARG A 57 -4.18 6.41 -4.73
CA ARG A 57 -4.66 5.31 -5.56
C ARG A 57 -4.40 3.96 -4.88
N GLN A 58 -5.30 3.01 -5.09
CA GLN A 58 -5.17 1.68 -4.51
C GLN A 58 -4.50 0.72 -5.47
N GLY A 59 -3.59 -0.10 -4.95
CA GLY A 59 -2.90 -1.06 -5.78
C GLY A 59 -2.75 -2.42 -5.12
N PHE A 60 -2.60 -3.46 -5.92
CA PHE A 60 -2.46 -4.82 -5.40
C PHE A 60 -1.00 -5.13 -5.09
N VAL A 61 -0.77 -5.81 -3.97
CA VAL A 61 0.59 -6.17 -3.56
C VAL A 61 0.59 -7.47 -2.77
N PRO A 62 1.74 -8.16 -2.77
CA PRO A 62 1.91 -9.43 -2.06
C PRO A 62 1.91 -9.24 -0.54
N ALA A 63 0.88 -9.77 0.11
CA ALA A 63 0.76 -9.67 1.56
C ALA A 63 1.93 -10.35 2.26
N ALA A 64 2.48 -11.37 1.61
CA ALA A 64 3.61 -12.12 2.17
C ALA A 64 4.85 -11.23 2.28
N TYR A 65 4.81 -10.09 1.59
CA TYR A 65 5.93 -9.15 1.61
C TYR A 65 5.66 -7.99 2.56
N VAL A 66 4.47 -7.97 3.14
CA VAL A 66 4.07 -6.92 4.07
C VAL A 66 3.36 -7.49 5.28
N LYS A 67 2.86 -6.61 6.15
CA LYS A 67 2.15 -7.02 7.35
C LYS A 67 1.34 -5.87 7.92
N LYS A 68 0.52 -6.18 8.93
CA LYS A 68 -0.31 -5.17 9.58
C LYS A 68 0.54 -4.20 10.39
N LEU A 69 0.09 -2.96 10.49
CA LEU A 69 0.81 -1.93 11.24
C LEU A 69 0.15 -1.70 12.60
N ASP A 70 -1.16 -1.87 12.66
CA ASP A 70 -1.90 -1.69 13.90
C ASP A 70 -1.49 -2.72 14.94
N MET A 1 0.98 7.22 10.85
CA MET A 1 0.10 8.33 10.47
C MET A 1 -1.30 8.13 11.04
N ASP A 2 -2.03 9.22 11.19
CA ASP A 2 -3.39 9.16 11.73
C ASP A 2 -4.39 9.78 10.75
N GLU A 3 -4.21 9.48 9.46
CA GLU A 3 -5.09 10.00 8.43
C GLU A 3 -6.53 9.59 8.69
N THR A 4 -6.83 8.31 8.47
CA THR A 4 -8.17 7.78 8.67
C THR A 4 -8.24 6.93 9.93
N GLY A 5 -7.16 6.19 10.20
CA GLY A 5 -7.13 5.34 11.37
C GLY A 5 -8.07 4.15 11.26
N LYS A 6 -7.89 3.36 10.22
CA LYS A 6 -8.72 2.19 10.00
C LYS A 6 -7.88 0.92 9.92
N GLU A 7 -7.05 0.83 8.89
CA GLU A 7 -6.18 -0.34 8.71
C GLU A 7 -4.90 0.05 7.98
N LEU A 8 -3.80 0.04 8.71
CA LEU A 8 -2.50 0.39 8.14
C LEU A 8 -1.59 -0.83 8.05
N VAL A 9 -0.75 -0.86 7.03
CA VAL A 9 0.17 -1.98 6.82
C VAL A 9 1.58 -1.48 6.53
N LEU A 10 2.57 -2.19 7.06
CA LEU A 10 3.97 -1.82 6.86
C LEU A 10 4.69 -2.86 6.00
N ALA A 11 5.33 -2.38 4.94
CA ALA A 11 6.07 -3.27 4.03
C ALA A 11 7.23 -3.93 4.74
N LEU A 12 7.42 -5.22 4.49
CA LEU A 12 8.50 -5.98 5.10
C LEU A 12 9.63 -6.21 4.10
N TYR A 13 9.28 -6.33 2.83
CA TYR A 13 10.26 -6.55 1.78
C TYR A 13 10.12 -5.52 0.66
N ASP A 14 11.11 -5.46 -0.22
CA ASP A 14 11.08 -4.53 -1.34
C ASP A 14 10.32 -5.12 -2.52
N TYR A 15 9.36 -4.35 -3.03
CA TYR A 15 8.55 -4.79 -4.17
C TYR A 15 8.52 -3.73 -5.26
N GLN A 16 8.53 -4.18 -6.50
CA GLN A 16 8.50 -3.26 -7.65
C GLN A 16 7.18 -3.37 -8.39
N GLU A 17 6.68 -2.24 -8.89
CA GLU A 17 5.43 -2.21 -9.62
C GLU A 17 5.67 -2.31 -11.13
N LYS A 18 4.91 -3.17 -11.79
CA LYS A 18 5.04 -3.36 -13.23
C LYS A 18 3.83 -2.80 -13.96
N SER A 19 2.64 -3.07 -13.43
CA SER A 19 1.41 -2.59 -14.04
C SER A 19 0.97 -1.27 -13.42
N PRO A 20 0.10 -0.53 -14.13
CA PRO A 20 -0.41 0.75 -13.68
C PRO A 20 -1.36 0.62 -12.48
N ARG A 21 -1.83 -0.61 -12.25
CA ARG A 21 -2.73 -0.88 -11.15
C ARG A 21 -1.97 -1.21 -9.87
N GLU A 22 -0.75 -1.72 -10.03
CA GLU A 22 0.08 -2.07 -8.89
C GLU A 22 0.86 -0.86 -8.39
N VAL A 23 1.31 -0.93 -7.14
CA VAL A 23 2.07 0.16 -6.54
C VAL A 23 3.39 -0.33 -5.97
N THR A 24 4.38 0.56 -5.92
CA THR A 24 5.69 0.21 -5.40
C THR A 24 5.75 0.37 -3.89
N MET A 25 6.36 -0.60 -3.22
CA MET A 25 6.49 -0.57 -1.76
C MET A 25 7.81 -1.16 -1.33
N LYS A 26 8.58 -0.39 -0.57
CA LYS A 26 9.88 -0.83 -0.07
C LYS A 26 9.79 -1.23 1.40
N LYS A 27 10.61 -2.21 1.79
CA LYS A 27 10.63 -2.69 3.16
C LYS A 27 10.73 -1.52 4.14
N GLY A 28 9.63 -1.21 4.81
CA GLY A 28 9.61 -0.12 5.77
C GLY A 28 8.56 0.92 5.45
N ASP A 29 8.00 0.85 4.25
CA ASP A 29 6.98 1.80 3.81
C ASP A 29 5.67 1.55 4.55
N ILE A 30 4.74 2.49 4.42
CA ILE A 30 3.44 2.38 5.07
C ILE A 30 2.31 2.71 4.11
N LEU A 31 1.38 1.78 3.95
CA LEU A 31 0.25 1.96 3.05
C LEU A 31 -1.08 1.78 3.81
N THR A 32 -2.16 2.27 3.22
CA THR A 32 -3.48 2.17 3.83
C THR A 32 -4.22 0.95 3.30
N LEU A 33 -4.36 -0.08 4.13
CA LEU A 33 -5.06 -1.30 3.75
C LEU A 33 -6.49 -1.01 3.34
N LEU A 34 -6.77 -1.08 2.04
CA LEU A 34 -8.11 -0.83 1.53
C LEU A 34 -8.94 -2.11 1.51
N ASN A 35 -8.35 -3.19 0.98
CA ASN A 35 -9.04 -4.47 0.91
C ASN A 35 -8.15 -5.59 1.42
N SER A 36 -8.68 -6.38 2.34
CA SER A 36 -7.93 -7.50 2.92
C SER A 36 -8.71 -8.80 2.78
N THR A 37 -9.71 -8.80 1.90
CA THR A 37 -10.53 -9.99 1.68
C THR A 37 -9.67 -11.16 1.20
N ASN A 38 -8.58 -10.85 0.52
CA ASN A 38 -7.67 -11.88 0.01
C ASN A 38 -6.55 -12.15 1.00
N LYS A 39 -5.70 -13.11 0.67
CA LYS A 39 -4.58 -13.47 1.52
C LYS A 39 -3.25 -13.29 0.78
N ASP A 40 -3.28 -13.52 -0.53
CA ASP A 40 -2.08 -13.38 -1.35
C ASP A 40 -1.93 -11.94 -1.85
N TRP A 41 -2.97 -11.45 -2.52
CA TRP A 41 -2.96 -10.09 -3.06
C TRP A 41 -3.74 -9.14 -2.16
N TRP A 42 -3.08 -8.08 -1.72
CA TRP A 42 -3.73 -7.10 -0.86
C TRP A 42 -3.81 -5.73 -1.54
N LYS A 43 -4.95 -5.07 -1.39
CA LYS A 43 -5.15 -3.75 -1.99
C LYS A 43 -4.90 -2.65 -0.98
N VAL A 44 -3.84 -1.89 -1.18
CA VAL A 44 -3.49 -0.79 -0.28
C VAL A 44 -3.43 0.54 -1.03
N GLU A 45 -3.71 1.62 -0.31
CA GLU A 45 -3.69 2.95 -0.92
C GLU A 45 -2.37 3.67 -0.61
N VAL A 46 -1.82 4.33 -1.63
CA VAL A 46 -0.56 5.05 -1.48
C VAL A 46 -0.75 6.54 -1.73
N LYS A 47 0.33 7.30 -1.62
CA LYS A 47 0.29 8.74 -1.84
C LYS A 47 1.25 9.14 -2.96
N ILE A 48 0.71 9.74 -4.01
CA ILE A 48 1.52 10.18 -5.14
C ILE A 48 1.53 11.71 -5.26
N THR A 49 2.68 12.25 -5.62
CA THR A 49 2.82 13.70 -5.77
C THR A 49 2.84 14.11 -7.24
N VAL A 50 1.82 14.85 -7.66
CA VAL A 50 1.71 15.31 -9.04
C VAL A 50 1.63 16.82 -9.11
N ASN A 51 2.68 17.45 -9.63
CA ASN A 51 2.72 18.91 -9.75
C ASN A 51 2.54 19.57 -8.39
N GLY A 52 2.87 18.84 -7.33
CA GLY A 52 2.73 19.38 -5.99
C GLY A 52 1.38 19.06 -5.37
N LYS A 53 0.53 18.39 -6.14
CA LYS A 53 -0.80 18.02 -5.65
C LYS A 53 -0.79 16.62 -5.06
N THR A 54 -1.42 16.48 -3.90
CA THR A 54 -1.49 15.19 -3.22
C THR A 54 -2.50 14.26 -3.90
N TYR A 55 -2.03 13.10 -4.32
CA TYR A 55 -2.89 12.13 -4.99
C TYR A 55 -2.95 10.82 -4.21
N GLU A 56 -3.99 10.04 -4.45
CA GLU A 56 -4.17 8.76 -3.76
C GLU A 56 -4.76 7.71 -4.71
N ARG A 57 -4.39 6.46 -4.49
CA ARG A 57 -4.88 5.37 -5.31
C ARG A 57 -4.57 4.02 -4.68
N GLN A 58 -5.48 3.06 -4.86
CA GLN A 58 -5.29 1.73 -4.30
C GLN A 58 -4.66 0.78 -5.31
N GLY A 59 -3.69 0.00 -4.85
CA GLY A 59 -3.02 -0.93 -5.74
C GLY A 59 -2.83 -2.30 -5.11
N PHE A 60 -2.68 -3.32 -5.95
CA PHE A 60 -2.48 -4.69 -5.47
C PHE A 60 -1.02 -4.95 -5.13
N VAL A 61 -0.79 -5.70 -4.06
CA VAL A 61 0.57 -6.02 -3.63
C VAL A 61 0.59 -7.33 -2.85
N PRO A 62 1.76 -7.99 -2.83
CA PRO A 62 1.95 -9.25 -2.12
C PRO A 62 1.93 -9.07 -0.61
N ALA A 63 0.86 -9.57 0.02
CA ALA A 63 0.72 -9.47 1.47
C ALA A 63 1.84 -10.20 2.19
N ALA A 64 2.38 -11.23 1.54
CA ALA A 64 3.46 -12.01 2.12
C ALA A 64 4.74 -11.18 2.24
N TYR A 65 4.74 -10.03 1.58
CA TYR A 65 5.90 -9.14 1.62
C TYR A 65 5.64 -7.93 2.50
N VAL A 66 4.49 -7.94 3.18
CA VAL A 66 4.12 -6.85 4.07
C VAL A 66 3.44 -7.38 5.33
N LYS A 67 3.11 -6.47 6.24
CA LYS A 67 2.45 -6.84 7.49
C LYS A 67 1.45 -5.77 7.92
N LYS A 68 0.67 -6.08 8.94
CA LYS A 68 -0.33 -5.15 9.45
C LYS A 68 0.11 -4.55 10.78
N LEU A 69 -0.24 -3.29 11.01
CA LEU A 69 0.11 -2.61 12.25
C LEU A 69 -1.08 -2.59 13.22
N ASP A 70 -2.24 -2.24 12.70
CA ASP A 70 -3.45 -2.18 13.51
C ASP A 70 -4.66 -1.81 12.67
N MET A 1 -7.94 15.02 9.49
CA MET A 1 -7.14 14.30 10.47
C MET A 1 -7.55 12.84 10.55
N ASP A 2 -7.37 12.12 9.44
CA ASP A 2 -7.72 10.71 9.39
C ASP A 2 -6.47 9.84 9.38
N GLU A 3 -5.48 10.22 10.18
CA GLU A 3 -4.23 9.47 10.27
C GLU A 3 -4.17 8.68 11.57
N THR A 4 -5.31 8.21 12.03
CA THR A 4 -5.38 7.44 13.28
C THR A 4 -4.85 6.03 13.07
N GLY A 5 -4.88 5.56 11.82
CA GLY A 5 -4.39 4.23 11.52
C GLY A 5 -5.49 3.19 11.54
N LYS A 6 -6.57 3.46 10.82
CA LYS A 6 -7.70 2.53 10.76
C LYS A 6 -7.24 1.12 10.43
N GLU A 7 -6.25 1.03 9.54
CA GLU A 7 -5.72 -0.27 9.14
C GLU A 7 -4.49 -0.10 8.25
N LEU A 8 -3.42 0.47 8.83
CA LEU A 8 -2.19 0.69 8.09
C LEU A 8 -1.31 -0.57 8.10
N VAL A 9 -0.71 -0.87 6.96
CA VAL A 9 0.16 -2.04 6.84
C VAL A 9 1.59 -1.63 6.50
N LEU A 10 2.55 -2.31 7.12
CA LEU A 10 3.96 -2.01 6.88
C LEU A 10 4.60 -3.09 6.00
N ALA A 11 5.44 -2.65 5.07
CA ALA A 11 6.11 -3.58 4.17
C ALA A 11 7.41 -4.12 4.80
N LEU A 12 7.57 -5.43 4.77
CA LEU A 12 8.75 -6.07 5.33
C LEU A 12 9.80 -6.31 4.25
N TYR A 13 9.35 -6.49 3.02
CA TYR A 13 10.26 -6.72 1.90
C TYR A 13 10.11 -5.63 0.84
N ASP A 14 10.99 -5.68 -0.15
CA ASP A 14 10.96 -4.69 -1.23
C ASP A 14 10.21 -5.23 -2.45
N TYR A 15 9.29 -4.43 -2.98
CA TYR A 15 8.51 -4.83 -4.13
C TYR A 15 8.48 -3.73 -5.18
N GLN A 16 8.26 -4.11 -6.44
CA GLN A 16 8.22 -3.15 -7.53
C GLN A 16 6.90 -3.26 -8.29
N GLU A 17 6.48 -2.16 -8.90
CA GLU A 17 5.24 -2.12 -9.66
C GLU A 17 5.51 -2.27 -11.15
N LYS A 18 4.74 -3.11 -11.82
CA LYS A 18 4.89 -3.35 -13.25
C LYS A 18 3.69 -2.81 -14.02
N SER A 19 2.54 -2.74 -13.34
CA SER A 19 1.32 -2.25 -13.96
C SER A 19 0.91 -0.89 -13.38
N PRO A 20 0.07 -0.17 -14.12
CA PRO A 20 -0.42 1.15 -13.69
C PRO A 20 -1.37 1.06 -12.51
N ARG A 21 -1.76 -0.15 -12.15
CA ARG A 21 -2.67 -0.37 -11.02
C ARG A 21 -1.89 -0.78 -9.78
N GLU A 22 -0.71 -1.36 -9.98
CA GLU A 22 0.13 -1.79 -8.87
C GLU A 22 0.91 -0.62 -8.28
N VAL A 23 1.28 -0.74 -7.01
CA VAL A 23 2.03 0.30 -6.33
C VAL A 23 3.39 -0.20 -5.88
N THR A 24 4.40 0.65 -5.96
CA THR A 24 5.76 0.29 -5.55
C THR A 24 5.96 0.50 -4.05
N MET A 25 6.27 -0.57 -3.34
CA MET A 25 6.49 -0.50 -1.90
C MET A 25 7.87 -1.04 -1.54
N LYS A 26 8.40 -0.57 -0.41
CA LYS A 26 9.71 -1.00 0.05
C LYS A 26 9.70 -1.28 1.54
N LYS A 27 10.63 -2.13 2.00
CA LYS A 27 10.73 -2.47 3.41
C LYS A 27 10.77 -1.22 4.28
N GLY A 28 9.66 -0.92 4.95
CA GLY A 28 9.60 0.24 5.81
C GLY A 28 8.44 1.15 5.46
N ASP A 29 7.93 1.02 4.24
CA ASP A 29 6.81 1.83 3.78
C ASP A 29 5.52 1.44 4.50
N ILE A 30 4.59 2.39 4.58
CA ILE A 30 3.31 2.14 5.24
C ILE A 30 2.15 2.61 4.37
N LEU A 31 1.19 1.73 4.13
CA LEU A 31 0.02 2.06 3.32
C LEU A 31 -1.26 1.76 4.08
N THR A 32 -2.39 2.23 3.54
CA THR A 32 -3.68 2.01 4.17
C THR A 32 -4.40 0.81 3.55
N LEU A 33 -4.59 -0.23 4.35
CA LEU A 33 -5.26 -1.44 3.88
C LEU A 33 -6.69 -1.13 3.45
N LEU A 34 -6.92 -1.14 2.13
CA LEU A 34 -8.24 -0.87 1.60
C LEU A 34 -9.04 -2.16 1.46
N ASN A 35 -8.42 -3.19 0.89
CA ASN A 35 -9.09 -4.48 0.71
C ASN A 35 -8.15 -5.63 1.08
N SER A 36 -8.60 -6.45 2.04
CA SER A 36 -7.80 -7.58 2.49
C SER A 36 -8.58 -8.89 2.34
N THR A 37 -9.62 -8.86 1.52
CA THR A 37 -10.44 -10.03 1.28
C THR A 37 -9.60 -11.23 0.90
N ASN A 38 -8.50 -10.99 0.19
CA ASN A 38 -7.60 -12.05 -0.24
C ASN A 38 -6.47 -12.23 0.76
N LYS A 39 -5.67 -13.28 0.56
CA LYS A 39 -4.54 -13.56 1.44
C LYS A 39 -3.22 -13.41 0.69
N ASP A 40 -3.28 -13.50 -0.63
CA ASP A 40 -2.08 -13.37 -1.46
C ASP A 40 -1.91 -11.93 -1.94
N TRP A 41 -2.94 -11.41 -2.60
CA TRP A 41 -2.90 -10.05 -3.11
C TRP A 41 -3.66 -9.09 -2.20
N TRP A 42 -2.94 -8.20 -1.55
CA TRP A 42 -3.54 -7.23 -0.64
C TRP A 42 -3.61 -5.84 -1.28
N LYS A 43 -4.78 -5.23 -1.26
CA LYS A 43 -4.97 -3.91 -1.83
C LYS A 43 -4.80 -2.83 -0.78
N VAL A 44 -3.87 -1.89 -1.02
CA VAL A 44 -3.61 -0.81 -0.09
C VAL A 44 -3.60 0.54 -0.80
N GLU A 45 -3.85 1.60 -0.06
CA GLU A 45 -3.87 2.95 -0.61
C GLU A 45 -2.58 3.70 -0.28
N VAL A 46 -2.04 4.40 -1.27
CA VAL A 46 -0.81 5.16 -1.09
C VAL A 46 -1.01 6.63 -1.44
N LYS A 47 0.05 7.42 -1.31
CA LYS A 47 -0.01 8.84 -1.62
C LYS A 47 1.03 9.22 -2.67
N ILE A 48 0.56 9.56 -3.86
CA ILE A 48 1.45 9.94 -4.95
C ILE A 48 1.30 11.43 -5.28
N THR A 49 2.39 12.17 -5.10
CA THR A 49 2.39 13.60 -5.38
C THR A 49 2.93 13.89 -6.79
N VAL A 50 2.10 14.52 -7.61
CA VAL A 50 2.49 14.85 -8.97
C VAL A 50 2.16 16.31 -9.30
N ASN A 51 3.13 17.02 -9.87
CA ASN A 51 2.95 18.42 -10.22
C ASN A 51 2.57 19.24 -9.00
N GLY A 52 3.08 18.85 -7.84
CA GLY A 52 2.78 19.57 -6.61
C GLY A 52 1.37 19.31 -6.13
N LYS A 53 0.76 18.23 -6.62
CA LYS A 53 -0.60 17.87 -6.21
C LYS A 53 -0.65 16.45 -5.68
N THR A 54 -1.10 16.30 -4.44
CA THR A 54 -1.19 14.99 -3.80
C THR A 54 -2.37 14.20 -4.36
N TYR A 55 -2.12 12.95 -4.75
CA TYR A 55 -3.15 12.10 -5.30
C TYR A 55 -3.28 10.80 -4.49
N GLU A 56 -4.50 10.28 -4.40
CA GLU A 56 -4.75 9.05 -3.66
C GLU A 56 -5.23 7.94 -4.60
N ARG A 57 -4.77 6.72 -4.33
CA ARG A 57 -5.15 5.58 -5.16
C ARG A 57 -4.76 4.27 -4.47
N GLN A 58 -5.44 3.19 -4.84
CA GLN A 58 -5.17 1.88 -4.26
C GLN A 58 -4.41 1.00 -5.23
N GLY A 59 -3.56 0.12 -4.70
CA GLY A 59 -2.78 -0.77 -5.54
C GLY A 59 -2.68 -2.17 -4.97
N PHE A 60 -2.44 -3.15 -5.84
CA PHE A 60 -2.32 -4.53 -5.41
C PHE A 60 -0.87 -4.89 -5.11
N VAL A 61 -0.65 -5.52 -3.96
CA VAL A 61 0.69 -5.92 -3.56
C VAL A 61 0.67 -7.25 -2.80
N PRO A 62 1.81 -7.96 -2.81
CA PRO A 62 1.95 -9.25 -2.14
C PRO A 62 1.93 -9.11 -0.62
N ALA A 63 0.89 -9.66 0.00
CA ALA A 63 0.76 -9.60 1.45
C ALA A 63 1.92 -10.30 2.14
N ALA A 64 2.47 -11.31 1.47
CA ALA A 64 3.59 -12.07 2.02
C ALA A 64 4.83 -11.19 2.17
N TYR A 65 4.80 -10.02 1.54
CA TYR A 65 5.92 -9.09 1.60
C TYR A 65 5.64 -7.96 2.58
N VAL A 66 4.41 -7.93 3.09
CA VAL A 66 4.00 -6.90 4.05
C VAL A 66 3.31 -7.52 5.25
N LYS A 67 2.84 -6.67 6.16
CA LYS A 67 2.17 -7.13 7.37
C LYS A 67 1.36 -6.01 8.00
N LYS A 68 0.48 -6.36 8.94
CA LYS A 68 -0.35 -5.39 9.63
C LYS A 68 0.47 -4.57 10.62
N LEU A 69 0.31 -3.25 10.58
CA LEU A 69 1.03 -2.36 11.47
C LEU A 69 0.36 -2.31 12.85
N ASP A 70 -0.94 -2.57 12.87
CA ASP A 70 -1.69 -2.56 14.12
C ASP A 70 -1.94 -3.98 14.63
N MET A 1 -6.98 12.88 3.20
CA MET A 1 -5.87 12.47 4.04
C MET A 1 -5.77 10.95 4.12
N ASP A 2 -4.57 10.43 3.97
CA ASP A 2 -4.35 8.98 4.02
C ASP A 2 -3.70 8.57 5.34
N GLU A 3 -3.93 9.38 6.37
CA GLU A 3 -3.37 9.10 7.69
C GLU A 3 -4.47 8.82 8.70
N THR A 4 -5.52 8.14 8.25
CA THR A 4 -6.64 7.81 9.12
C THR A 4 -6.18 7.02 10.34
N GLY A 5 -5.10 6.27 10.18
CA GLY A 5 -4.58 5.47 11.28
C GLY A 5 -5.56 4.43 11.76
N LYS A 6 -6.07 3.63 10.82
CA LYS A 6 -7.02 2.57 11.15
C LYS A 6 -6.47 1.20 10.76
N GLU A 7 -6.22 1.02 9.47
CA GLU A 7 -5.69 -0.24 8.97
C GLU A 7 -4.45 -0.02 8.11
N LEU A 8 -3.37 0.42 8.74
CA LEU A 8 -2.12 0.68 8.02
C LEU A 8 -1.22 -0.54 8.05
N VAL A 9 -0.63 -0.87 6.90
CA VAL A 9 0.26 -2.02 6.79
C VAL A 9 1.69 -1.57 6.48
N LEU A 10 2.65 -2.27 7.08
CA LEU A 10 4.07 -1.94 6.86
C LEU A 10 4.72 -2.95 5.92
N ALA A 11 5.54 -2.45 5.01
CA ALA A 11 6.24 -3.30 4.05
C ALA A 11 7.44 -3.97 4.69
N LEU A 12 7.51 -5.29 4.57
CA LEU A 12 8.62 -6.05 5.13
C LEU A 12 9.66 -6.38 4.05
N TYR A 13 9.22 -6.39 2.80
CA TYR A 13 10.10 -6.69 1.68
C TYR A 13 10.03 -5.60 0.62
N ASP A 14 11.00 -5.60 -0.28
CA ASP A 14 11.06 -4.61 -1.35
C ASP A 14 10.30 -5.10 -2.58
N TYR A 15 9.49 -4.22 -3.17
CA TYR A 15 8.71 -4.56 -4.35
C TYR A 15 8.84 -3.49 -5.42
N GLN A 16 8.43 -3.83 -6.64
CA GLN A 16 8.51 -2.88 -7.75
C GLN A 16 7.20 -2.88 -8.55
N GLU A 17 6.71 -1.69 -8.89
CA GLU A 17 5.48 -1.55 -9.64
C GLU A 17 5.69 -1.95 -11.10
N LYS A 18 4.87 -2.88 -11.58
CA LYS A 18 4.96 -3.35 -12.96
C LYS A 18 3.67 -3.07 -13.71
N SER A 19 2.54 -3.20 -13.02
CA SER A 19 1.23 -2.97 -13.63
C SER A 19 0.75 -1.55 -13.34
N PRO A 20 -0.21 -1.09 -14.15
CA PRO A 20 -0.79 0.26 -14.01
C PRO A 20 -1.64 0.39 -12.74
N ARG A 21 -2.01 -0.75 -12.16
CA ARG A 21 -2.83 -0.76 -10.95
C ARG A 21 -2.00 -1.17 -9.73
N GLU A 22 -0.82 -1.73 -10.00
CA GLU A 22 0.06 -2.17 -8.92
C GLU A 22 0.86 -1.00 -8.35
N VAL A 23 1.06 -1.01 -7.05
CA VAL A 23 1.80 0.05 -6.38
C VAL A 23 3.13 -0.46 -5.83
N THR A 24 4.08 0.45 -5.67
CA THR A 24 5.40 0.09 -5.15
C THR A 24 5.41 0.09 -3.63
N MET A 25 6.27 -0.74 -3.05
CA MET A 25 6.38 -0.84 -1.60
C MET A 25 7.79 -1.27 -1.20
N LYS A 26 8.43 -0.48 -0.35
CA LYS A 26 9.78 -0.78 0.12
C LYS A 26 9.79 -1.01 1.63
N LYS A 27 10.70 -1.87 2.09
CA LYS A 27 10.82 -2.18 3.51
C LYS A 27 10.82 -0.90 4.34
N GLY A 28 9.80 -0.74 5.18
CA GLY A 28 9.71 0.43 6.03
C GLY A 28 8.55 1.34 5.62
N ASP A 29 8.05 1.15 4.41
CA ASP A 29 6.95 1.97 3.91
C ASP A 29 5.64 1.58 4.59
N ILE A 30 4.65 2.46 4.50
CA ILE A 30 3.35 2.22 5.10
C ILE A 30 2.22 2.60 4.15
N LEU A 31 1.24 1.71 4.02
CA LEU A 31 0.09 1.95 3.15
C LEU A 31 -1.22 1.75 3.90
N THR A 32 -2.31 2.20 3.31
CA THR A 32 -3.62 2.07 3.92
C THR A 32 -4.38 0.87 3.33
N LEU A 33 -4.59 -0.14 4.15
CA LEU A 33 -5.30 -1.34 3.73
C LEU A 33 -6.73 -1.01 3.32
N LEU A 34 -7.02 -1.13 2.03
CA LEU A 34 -8.36 -0.85 1.51
C LEU A 34 -9.17 -2.13 1.37
N ASN A 35 -8.55 -3.16 0.83
CA ASN A 35 -9.22 -4.45 0.64
C ASN A 35 -8.29 -5.60 1.01
N SER A 36 -8.71 -6.42 1.96
CA SER A 36 -7.92 -7.55 2.41
C SER A 36 -8.70 -8.85 2.27
N THR A 37 -9.70 -8.84 1.39
CA THR A 37 -10.54 -10.02 1.16
C THR A 37 -9.68 -11.24 0.81
N ASN A 38 -8.56 -10.99 0.14
CA ASN A 38 -7.65 -12.07 -0.24
C ASN A 38 -6.53 -12.24 0.77
N LYS A 39 -5.78 -13.33 0.64
CA LYS A 39 -4.67 -13.60 1.55
C LYS A 39 -3.34 -13.44 0.84
N ASP A 40 -3.35 -13.57 -0.48
CA ASP A 40 -2.13 -13.44 -1.28
C ASP A 40 -1.99 -12.01 -1.81
N TRP A 41 -3.02 -11.53 -2.49
CA TRP A 41 -3.00 -10.19 -3.05
C TRP A 41 -3.79 -9.22 -2.17
N TRP A 42 -3.09 -8.32 -1.50
CA TRP A 42 -3.73 -7.34 -0.63
C TRP A 42 -3.83 -5.98 -1.32
N LYS A 43 -5.00 -5.35 -1.20
CA LYS A 43 -5.22 -4.05 -1.81
C LYS A 43 -4.99 -2.93 -0.80
N VAL A 44 -4.03 -2.06 -1.11
CA VAL A 44 -3.70 -0.94 -0.23
C VAL A 44 -3.68 0.38 -1.00
N GLU A 45 -3.78 1.48 -0.27
CA GLU A 45 -3.77 2.80 -0.89
C GLU A 45 -2.48 3.54 -0.57
N VAL A 46 -1.92 4.22 -1.57
CA VAL A 46 -0.68 4.97 -1.39
C VAL A 46 -0.89 6.44 -1.69
N LYS A 47 0.18 7.22 -1.56
CA LYS A 47 0.11 8.66 -1.82
C LYS A 47 1.17 9.08 -2.83
N ILE A 48 0.75 9.82 -3.85
CA ILE A 48 1.66 10.28 -4.89
C ILE A 48 1.61 11.80 -5.03
N THR A 49 2.75 12.41 -5.33
CA THR A 49 2.83 13.85 -5.49
C THR A 49 3.13 14.22 -6.94
N VAL A 50 2.27 15.07 -7.52
CA VAL A 50 2.45 15.50 -8.89
C VAL A 50 2.14 16.99 -9.05
N ASN A 51 3.10 17.73 -9.59
CA ASN A 51 2.94 19.17 -9.79
C ASN A 51 2.65 19.86 -8.46
N GLY A 52 3.12 19.27 -7.37
CA GLY A 52 2.89 19.85 -6.06
C GLY A 52 1.54 19.50 -5.49
N LYS A 53 0.82 18.61 -6.18
CA LYS A 53 -0.51 18.20 -5.73
C LYS A 53 -0.47 16.77 -5.20
N THR A 54 -1.36 16.49 -4.24
CA THR A 54 -1.43 15.16 -3.64
C THR A 54 -2.47 14.30 -4.33
N TYR A 55 -2.12 13.05 -4.62
CA TYR A 55 -3.03 12.13 -5.27
C TYR A 55 -3.12 10.81 -4.51
N GLU A 56 -4.28 10.16 -4.60
CA GLU A 56 -4.50 8.89 -3.91
C GLU A 56 -4.92 7.80 -4.89
N ARG A 57 -4.54 6.57 -4.61
CA ARG A 57 -4.89 5.44 -5.46
C ARG A 57 -4.62 4.11 -4.75
N GLN A 58 -5.43 3.11 -5.06
CA GLN A 58 -5.29 1.79 -4.45
C GLN A 58 -4.66 0.80 -5.43
N GLY A 59 -3.76 -0.03 -4.94
CA GLY A 59 -3.11 -1.02 -5.79
C GLY A 59 -2.93 -2.35 -5.09
N PHE A 60 -2.78 -3.41 -5.87
CA PHE A 60 -2.60 -4.74 -5.33
C PHE A 60 -1.12 -5.01 -5.02
N VAL A 61 -0.88 -5.76 -3.95
CA VAL A 61 0.48 -6.09 -3.54
C VAL A 61 0.52 -7.40 -2.76
N PRO A 62 1.69 -8.06 -2.78
CA PRO A 62 1.89 -9.33 -2.07
C PRO A 62 1.88 -9.17 -0.56
N ALA A 63 0.83 -9.69 0.08
CA ALA A 63 0.71 -9.60 1.53
C ALA A 63 1.86 -10.33 2.22
N ALA A 64 2.39 -11.35 1.56
CA ALA A 64 3.50 -12.12 2.12
C ALA A 64 4.76 -11.27 2.24
N TYR A 65 4.75 -10.11 1.58
CA TYR A 65 5.90 -9.21 1.61
C TYR A 65 5.64 -8.04 2.55
N VAL A 66 4.48 -8.04 3.19
CA VAL A 66 4.12 -6.99 4.12
C VAL A 66 3.44 -7.56 5.36
N LYS A 67 3.07 -6.68 6.28
CA LYS A 67 2.40 -7.09 7.52
C LYS A 67 1.58 -5.95 8.10
N LYS A 68 0.68 -6.28 9.02
CA LYS A 68 -0.17 -5.28 9.67
C LYS A 68 0.64 -4.45 10.65
N LEU A 69 0.49 -3.13 10.57
CA LEU A 69 1.20 -2.21 11.45
C LEU A 69 0.57 -2.20 12.84
N ASP A 70 -0.77 -2.14 12.87
CA ASP A 70 -1.50 -2.11 14.13
C ASP A 70 -1.43 -3.47 14.83
N MET A 1 -7.84 15.71 6.07
CA MET A 1 -8.55 14.44 6.11
C MET A 1 -7.84 13.46 7.04
N ASP A 2 -8.51 13.08 8.13
CA ASP A 2 -7.95 12.15 9.08
C ASP A 2 -8.76 10.85 9.13
N GLU A 3 -8.83 10.16 8.00
CA GLU A 3 -9.58 8.91 7.90
C GLU A 3 -8.77 7.83 7.21
N THR A 4 -7.46 7.81 7.47
CA THR A 4 -6.57 6.83 6.87
C THR A 4 -5.82 6.05 7.93
N GLY A 5 -6.35 6.03 9.15
CA GLY A 5 -5.71 5.32 10.23
C GLY A 5 -6.55 4.15 10.74
N LYS A 6 -7.30 3.52 9.83
CA LYS A 6 -8.14 2.40 10.19
C LYS A 6 -7.35 1.10 10.20
N GLU A 7 -6.89 0.67 9.03
CA GLU A 7 -6.11 -0.55 8.91
C GLU A 7 -4.85 -0.32 8.10
N LEU A 8 -3.79 0.10 8.77
CA LEU A 8 -2.51 0.36 8.11
C LEU A 8 -1.63 -0.88 8.11
N VAL A 9 -0.77 -0.99 7.10
CA VAL A 9 0.13 -2.13 6.99
C VAL A 9 1.57 -1.67 6.77
N LEU A 10 2.51 -2.46 7.28
CA LEU A 10 3.93 -2.14 7.14
C LEU A 10 4.60 -3.04 6.12
N ALA A 11 5.40 -2.45 5.24
CA ALA A 11 6.10 -3.20 4.21
C ALA A 11 7.43 -3.75 4.73
N LEU A 12 7.59 -5.06 4.65
CA LEU A 12 8.82 -5.71 5.12
C LEU A 12 9.85 -5.78 4.00
N TYR A 13 9.38 -5.90 2.77
CA TYR A 13 10.27 -5.98 1.62
C TYR A 13 9.98 -4.85 0.63
N ASP A 14 10.83 -4.73 -0.39
CA ASP A 14 10.67 -3.69 -1.40
C ASP A 14 10.12 -4.28 -2.69
N TYR A 15 8.83 -4.05 -2.93
CA TYR A 15 8.18 -4.56 -4.13
C TYR A 15 8.12 -3.49 -5.22
N GLN A 16 7.95 -3.92 -6.46
CA GLN A 16 7.88 -3.00 -7.59
C GLN A 16 6.58 -3.20 -8.37
N GLU A 17 5.94 -2.08 -8.74
CA GLU A 17 4.69 -2.13 -9.48
C GLU A 17 4.96 -2.23 -10.98
N LYS A 18 4.39 -3.26 -11.61
CA LYS A 18 4.57 -3.47 -13.04
C LYS A 18 3.39 -2.89 -13.83
N SER A 19 2.24 -2.77 -13.16
CA SER A 19 1.05 -2.24 -13.78
C SER A 19 0.60 -0.94 -13.11
N PRO A 20 -0.23 -0.16 -13.82
CA PRO A 20 -0.74 1.12 -13.31
C PRO A 20 -1.74 0.93 -12.18
N ARG A 21 -2.13 -0.33 -11.94
CA ARG A 21 -3.08 -0.64 -10.88
C ARG A 21 -2.36 -0.96 -9.57
N GLU A 22 -1.14 -1.48 -9.68
CA GLU A 22 -0.35 -1.83 -8.51
C GLU A 22 0.52 -0.65 -8.07
N VAL A 23 0.90 -0.65 -6.81
CA VAL A 23 1.74 0.41 -6.27
C VAL A 23 3.08 -0.13 -5.78
N THR A 24 4.06 0.76 -5.64
CA THR A 24 5.39 0.37 -5.19
C THR A 24 5.55 0.62 -3.70
N MET A 25 5.95 -0.43 -2.97
CA MET A 25 6.15 -0.32 -1.53
C MET A 25 7.56 -0.77 -1.14
N LYS A 26 8.25 0.08 -0.39
CA LYS A 26 9.61 -0.21 0.05
C LYS A 26 9.63 -0.62 1.52
N LYS A 27 10.52 -1.54 1.86
CA LYS A 27 10.64 -2.02 3.24
C LYS A 27 10.78 -0.84 4.20
N GLY A 28 9.81 -0.69 5.09
CA GLY A 28 9.85 0.38 6.06
C GLY A 28 8.71 1.37 5.88
N ASP A 29 8.09 1.34 4.70
CA ASP A 29 6.98 2.23 4.40
C ASP A 29 5.66 1.66 4.90
N ILE A 30 4.67 2.52 5.08
CA ILE A 30 3.36 2.09 5.55
C ILE A 30 2.26 2.54 4.59
N LEU A 31 1.29 1.66 4.35
CA LEU A 31 0.18 1.96 3.46
C LEU A 31 -1.16 1.77 4.17
N THR A 32 -2.24 2.12 3.48
CA THR A 32 -3.57 1.99 4.05
C THR A 32 -4.32 0.82 3.43
N LEU A 33 -4.43 -0.27 4.16
CA LEU A 33 -5.12 -1.47 3.69
C LEU A 33 -6.52 -1.12 3.18
N LEU A 34 -6.69 -1.12 1.85
CA LEU A 34 -7.97 -0.81 1.23
C LEU A 34 -8.84 -2.05 1.13
N ASN A 35 -8.23 -3.16 0.71
CA ASN A 35 -8.96 -4.41 0.56
C ASN A 35 -8.07 -5.60 0.94
N SER A 36 -8.51 -6.35 1.95
CA SER A 36 -7.76 -7.51 2.41
C SER A 36 -8.56 -8.80 2.22
N THR A 37 -9.48 -8.77 1.26
CA THR A 37 -10.32 -9.93 0.99
C THR A 37 -9.47 -11.14 0.61
N ASN A 38 -8.35 -10.89 -0.05
CA ASN A 38 -7.45 -11.97 -0.47
C ASN A 38 -6.32 -12.14 0.54
N LYS A 39 -5.65 -13.28 0.47
CA LYS A 39 -4.54 -13.57 1.39
C LYS A 39 -3.20 -13.39 0.69
N ASP A 40 -3.18 -13.65 -0.62
CA ASP A 40 -1.95 -13.50 -1.40
C ASP A 40 -1.78 -12.06 -1.89
N TRP A 41 -2.81 -11.55 -2.56
CA TRP A 41 -2.78 -10.18 -3.07
C TRP A 41 -3.55 -9.23 -2.15
N TRP A 42 -2.81 -8.34 -1.49
CA TRP A 42 -3.42 -7.38 -0.57
C TRP A 42 -3.52 -5.99 -1.23
N LYS A 43 -4.66 -5.34 -1.06
CA LYS A 43 -4.88 -4.02 -1.62
C LYS A 43 -4.62 -2.94 -0.59
N VAL A 44 -3.73 -2.00 -0.93
CA VAL A 44 -3.40 -0.90 -0.04
C VAL A 44 -3.38 0.43 -0.77
N GLU A 45 -3.56 1.52 -0.02
CA GLU A 45 -3.56 2.85 -0.61
C GLU A 45 -2.25 3.58 -0.30
N VAL A 46 -1.72 4.27 -1.31
CA VAL A 46 -0.47 5.01 -1.16
C VAL A 46 -0.66 6.47 -1.52
N LYS A 47 0.42 7.25 -1.40
CA LYS A 47 0.37 8.67 -1.73
C LYS A 47 1.34 9.01 -2.85
N ILE A 48 0.80 9.50 -3.96
CA ILE A 48 1.62 9.87 -5.11
C ILE A 48 1.73 11.38 -5.25
N THR A 49 2.91 11.85 -5.68
CA THR A 49 3.14 13.28 -5.86
C THR A 49 3.38 13.62 -7.33
N VAL A 50 2.40 14.25 -7.95
CA VAL A 50 2.49 14.63 -9.36
C VAL A 50 2.28 16.13 -9.53
N ASN A 51 3.25 16.81 -10.12
CA ASN A 51 3.16 18.24 -10.35
C ASN A 51 2.92 18.99 -9.04
N GLY A 52 3.44 18.43 -7.95
CA GLY A 52 3.27 19.06 -6.65
C GLY A 52 1.91 18.79 -6.04
N LYS A 53 1.09 18.00 -6.75
CA LYS A 53 -0.24 17.66 -6.27
C LYS A 53 -0.27 16.26 -5.69
N THR A 54 -0.78 16.14 -4.47
CA THR A 54 -0.87 14.85 -3.79
C THR A 54 -2.09 14.07 -4.26
N TYR A 55 -1.87 12.83 -4.68
CA TYR A 55 -2.95 11.98 -5.15
C TYR A 55 -3.04 10.70 -4.33
N GLU A 56 -4.24 10.15 -4.23
CA GLU A 56 -4.47 8.93 -3.46
C GLU A 56 -5.07 7.84 -4.34
N ARG A 57 -4.63 6.60 -4.14
CA ARG A 57 -5.12 5.47 -4.91
C ARG A 57 -4.73 4.15 -4.25
N GLN A 58 -5.55 3.12 -4.48
CA GLN A 58 -5.27 1.80 -3.92
C GLN A 58 -4.80 0.83 -4.99
N GLY A 59 -3.76 0.06 -4.67
CA GLY A 59 -3.23 -0.90 -5.62
C GLY A 59 -3.01 -2.26 -5.01
N PHE A 60 -2.74 -3.25 -5.84
CA PHE A 60 -2.51 -4.62 -5.37
C PHE A 60 -1.04 -4.84 -5.07
N VAL A 61 -0.77 -5.63 -4.04
CA VAL A 61 0.61 -5.93 -3.64
C VAL A 61 0.68 -7.27 -2.91
N PRO A 62 1.88 -7.89 -2.93
CA PRO A 62 2.11 -9.18 -2.28
C PRO A 62 2.10 -9.06 -0.75
N ALA A 63 1.08 -9.65 -0.13
CA ALA A 63 0.95 -9.62 1.33
C ALA A 63 2.15 -10.28 1.99
N ALA A 64 2.72 -11.27 1.32
CA ALA A 64 3.88 -11.99 1.86
C ALA A 64 5.09 -11.07 1.99
N TYR A 65 5.01 -9.91 1.35
CA TYR A 65 6.09 -8.94 1.40
C TYR A 65 5.80 -7.83 2.41
N VAL A 66 4.58 -7.84 2.95
CA VAL A 66 4.18 -6.84 3.93
C VAL A 66 3.53 -7.50 5.14
N LYS A 67 3.09 -6.67 6.09
CA LYS A 67 2.45 -7.18 7.30
C LYS A 67 1.35 -6.23 7.76
N LYS A 68 0.41 -6.75 8.54
CA LYS A 68 -0.69 -5.95 9.06
C LYS A 68 -0.27 -5.20 10.32
N LEU A 69 -0.56 -3.91 10.36
CA LEU A 69 -0.22 -3.07 11.50
C LEU A 69 -1.44 -2.84 12.39
N ASP A 70 -2.62 -2.90 11.79
CA ASP A 70 -3.87 -2.70 12.52
C ASP A 70 -4.87 -3.80 12.22
N MET A 1 -5.78 10.29 3.07
CA MET A 1 -5.62 9.85 4.45
C MET A 1 -5.04 10.97 5.33
N ASP A 2 -5.76 11.34 6.37
CA ASP A 2 -5.33 12.39 7.27
C ASP A 2 -4.80 11.80 8.58
N GLU A 3 -3.80 10.94 8.47
CA GLU A 3 -3.21 10.31 9.65
C GLU A 3 -4.28 9.64 10.51
N THR A 4 -5.05 8.76 9.89
CA THR A 4 -6.12 8.05 10.59
C THR A 4 -5.57 6.89 11.40
N GLY A 5 -4.56 6.20 10.85
CA GLY A 5 -3.96 5.08 11.54
C GLY A 5 -4.99 4.06 11.99
N LYS A 6 -5.83 3.62 11.06
CA LYS A 6 -6.86 2.64 11.36
C LYS A 6 -6.42 1.25 10.95
N GLU A 7 -6.17 1.06 9.66
CA GLU A 7 -5.74 -0.24 9.14
C GLU A 7 -4.52 -0.08 8.24
N LEU A 8 -3.42 0.39 8.81
CA LEU A 8 -2.19 0.59 8.06
C LEU A 8 -1.33 -0.68 8.07
N VAL A 9 -0.70 -0.97 6.95
CA VAL A 9 0.16 -2.15 6.83
C VAL A 9 1.60 -1.76 6.54
N LEU A 10 2.54 -2.42 7.20
CA LEU A 10 3.96 -2.15 7.01
C LEU A 10 4.60 -3.18 6.10
N ALA A 11 5.44 -2.71 5.18
CA ALA A 11 6.12 -3.59 4.24
C ALA A 11 7.37 -4.19 4.87
N LEU A 12 7.48 -5.52 4.83
CA LEU A 12 8.63 -6.21 5.40
C LEU A 12 9.72 -6.40 4.35
N TYR A 13 9.30 -6.60 3.10
CA TYR A 13 10.24 -6.80 2.00
C TYR A 13 10.09 -5.70 0.95
N ASP A 14 10.97 -5.73 -0.05
CA ASP A 14 10.93 -4.73 -1.12
C ASP A 14 10.24 -5.29 -2.35
N TYR A 15 9.43 -4.45 -3.00
CA TYR A 15 8.70 -4.86 -4.19
C TYR A 15 8.70 -3.74 -5.24
N GLN A 16 8.39 -4.11 -6.47
CA GLN A 16 8.36 -3.14 -7.56
C GLN A 16 7.04 -3.22 -8.32
N GLU A 17 6.62 -2.09 -8.90
CA GLU A 17 5.37 -2.03 -9.64
C GLU A 17 5.63 -2.19 -11.14
N LYS A 18 4.93 -3.14 -11.76
CA LYS A 18 5.07 -3.40 -13.18
C LYS A 18 3.74 -3.23 -13.91
N SER A 19 2.68 -3.73 -13.29
CA SER A 19 1.34 -3.63 -13.88
C SER A 19 0.76 -2.24 -13.69
N PRO A 20 -0.25 -1.90 -14.49
CA PRO A 20 -0.92 -0.59 -14.44
C PRO A 20 -1.75 -0.43 -13.16
N ARG A 21 -1.90 -1.52 -12.42
CA ARG A 21 -2.68 -1.49 -11.19
C ARG A 21 -1.85 -2.01 -10.01
N GLU A 22 -0.66 -1.44 -9.82
CA GLU A 22 0.22 -1.85 -8.74
C GLU A 22 1.04 -0.67 -8.23
N VAL A 23 1.38 -0.71 -6.94
CA VAL A 23 2.16 0.36 -6.33
C VAL A 23 3.51 -0.16 -5.84
N THR A 24 4.50 0.73 -5.77
CA THR A 24 5.83 0.36 -5.31
C THR A 24 5.93 0.44 -3.79
N MET A 25 6.44 -0.64 -3.19
CA MET A 25 6.59 -0.69 -1.75
C MET A 25 7.99 -1.18 -1.36
N LYS A 26 8.52 -0.63 -0.26
CA LYS A 26 9.85 -1.02 0.21
C LYS A 26 9.81 -1.37 1.69
N LYS A 27 10.66 -2.32 2.08
CA LYS A 27 10.72 -2.75 3.48
C LYS A 27 10.87 -1.56 4.41
N GLY A 28 9.78 -1.22 5.11
CA GLY A 28 9.81 -0.09 6.02
C GLY A 28 8.72 0.91 5.74
N ASP A 29 8.14 0.84 4.55
CA ASP A 29 7.07 1.75 4.15
C ASP A 29 5.74 1.34 4.78
N ILE A 30 4.75 2.21 4.69
CA ILE A 30 3.43 1.94 5.25
C ILE A 30 2.33 2.42 4.31
N LEU A 31 1.26 1.63 4.20
CA LEU A 31 0.14 1.98 3.35
C LEU A 31 -1.18 1.75 4.07
N THR A 32 -2.26 2.28 3.50
CA THR A 32 -3.59 2.13 4.09
C THR A 32 -4.31 0.91 3.51
N LEU A 33 -4.47 -0.11 4.34
CA LEU A 33 -5.15 -1.33 3.91
C LEU A 33 -6.60 -1.06 3.55
N LEU A 34 -6.88 -1.06 2.25
CA LEU A 34 -8.24 -0.81 1.76
C LEU A 34 -9.02 -2.10 1.64
N ASN A 35 -8.37 -3.13 1.11
CA ASN A 35 -9.01 -4.44 0.93
C ASN A 35 -8.04 -5.57 1.24
N SER A 36 -8.46 -6.47 2.12
CA SER A 36 -7.62 -7.61 2.51
C SER A 36 -8.35 -8.92 2.31
N THR A 37 -9.45 -8.87 1.54
CA THR A 37 -10.25 -10.07 1.28
C THR A 37 -9.38 -11.20 0.74
N ASN A 38 -8.33 -10.84 0.01
CA ASN A 38 -7.43 -11.83 -0.56
C ASN A 38 -6.30 -12.16 0.41
N LYS A 39 -5.50 -13.17 0.06
CA LYS A 39 -4.39 -13.59 0.90
C LYS A 39 -3.06 -13.39 0.18
N ASP A 40 -3.12 -13.24 -1.14
CA ASP A 40 -1.92 -13.03 -1.95
C ASP A 40 -1.77 -11.56 -2.34
N TRP A 41 -2.82 -11.01 -2.95
CA TRP A 41 -2.80 -9.62 -3.38
C TRP A 41 -3.64 -8.75 -2.45
N TRP A 42 -3.04 -7.69 -1.93
CA TRP A 42 -3.73 -6.78 -1.03
C TRP A 42 -3.87 -5.39 -1.64
N LYS A 43 -5.04 -4.78 -1.47
CA LYS A 43 -5.28 -3.45 -2.01
C LYS A 43 -5.05 -2.38 -0.94
N VAL A 44 -3.95 -1.64 -1.08
CA VAL A 44 -3.63 -0.59 -0.13
C VAL A 44 -3.57 0.77 -0.83
N GLU A 45 -3.85 1.82 -0.06
CA GLU A 45 -3.83 3.18 -0.60
C GLU A 45 -2.51 3.87 -0.29
N VAL A 46 -1.97 4.59 -1.27
CA VAL A 46 -0.71 5.30 -1.10
C VAL A 46 -0.88 6.78 -1.39
N LYS A 47 0.22 7.53 -1.26
CA LYS A 47 0.20 8.97 -1.51
C LYS A 47 1.15 9.34 -2.65
N ILE A 48 0.58 9.82 -3.75
CA ILE A 48 1.38 10.21 -4.91
C ILE A 48 1.32 11.72 -5.12
N THR A 49 2.45 12.28 -5.56
CA THR A 49 2.53 13.72 -5.82
C THR A 49 2.77 14.00 -7.29
N VAL A 50 1.91 14.83 -7.88
CA VAL A 50 2.03 15.18 -9.28
C VAL A 50 1.74 16.67 -9.50
N ASN A 51 2.67 17.35 -10.17
CA ASN A 51 2.52 18.78 -10.44
C ASN A 51 2.30 19.56 -9.15
N GLY A 52 2.83 19.02 -8.05
CA GLY A 52 2.68 19.69 -6.77
C GLY A 52 1.33 19.45 -6.14
N LYS A 53 0.64 18.42 -6.61
CA LYS A 53 -0.69 18.08 -6.10
C LYS A 53 -0.68 16.73 -5.41
N THR A 54 -1.44 16.62 -4.33
CA THR A 54 -1.52 15.36 -3.58
C THR A 54 -2.62 14.46 -4.13
N TYR A 55 -2.26 13.21 -4.39
CA TYR A 55 -3.21 12.23 -4.93
C TYR A 55 -3.25 10.98 -4.07
N GLU A 56 -4.41 10.33 -4.02
CA GLU A 56 -4.58 9.12 -3.23
C GLU A 56 -5.30 8.05 -4.04
N ARG A 57 -4.67 6.88 -4.18
CA ARG A 57 -5.25 5.77 -4.92
C ARG A 57 -4.85 4.43 -4.31
N GLN A 58 -5.62 3.40 -4.61
CA GLN A 58 -5.34 2.06 -4.09
C GLN A 58 -4.61 1.22 -5.12
N GLY A 59 -3.73 0.34 -4.64
CA GLY A 59 -2.98 -0.52 -5.55
C GLY A 59 -2.78 -1.91 -5.00
N PHE A 60 -2.52 -2.87 -5.88
CA PHE A 60 -2.31 -4.25 -5.47
C PHE A 60 -0.86 -4.48 -5.05
N VAL A 61 -0.68 -5.24 -3.96
CA VAL A 61 0.65 -5.54 -3.45
C VAL A 61 0.69 -6.91 -2.80
N PRO A 62 1.89 -7.52 -2.76
CA PRO A 62 2.08 -8.84 -2.16
C PRO A 62 1.95 -8.80 -0.64
N ALA A 63 0.85 -9.35 -0.14
CA ALA A 63 0.60 -9.39 1.31
C ALA A 63 1.68 -10.19 2.02
N ALA A 64 2.21 -11.21 1.35
CA ALA A 64 3.25 -12.04 1.93
C ALA A 64 4.54 -11.26 2.15
N TYR A 65 4.61 -10.07 1.55
CA TYR A 65 5.78 -9.21 1.68
C TYR A 65 5.53 -8.11 2.69
N VAL A 66 4.31 -8.04 3.21
CA VAL A 66 3.95 -7.03 4.19
C VAL A 66 3.25 -7.64 5.39
N LYS A 67 2.82 -6.80 6.32
CA LYS A 67 2.13 -7.27 7.52
C LYS A 67 1.37 -6.12 8.19
N LYS A 68 0.32 -6.47 8.92
CA LYS A 68 -0.49 -5.48 9.62
C LYS A 68 0.35 -4.70 10.62
N LEU A 69 0.20 -3.38 10.62
CA LEU A 69 0.95 -2.52 11.53
C LEU A 69 0.73 -2.95 12.98
N ASP A 70 -0.49 -3.39 13.29
CA ASP A 70 -0.83 -3.83 14.64
C ASP A 70 -0.50 -5.31 14.82
N MET A 1 -8.73 6.88 19.03
CA MET A 1 -8.67 6.04 17.84
C MET A 1 -7.95 6.76 16.70
N ASP A 2 -6.75 7.25 16.98
CA ASP A 2 -5.97 7.96 15.97
C ASP A 2 -4.66 7.22 15.69
N GLU A 3 -4.78 5.96 15.28
CA GLU A 3 -3.60 5.15 14.97
C GLU A 3 -3.18 5.31 13.52
N THR A 4 -4.14 5.66 12.67
CA THR A 4 -3.88 5.85 11.25
C THR A 4 -5.15 6.28 10.51
N GLY A 5 -6.28 5.76 10.94
CA GLY A 5 -7.55 6.10 10.31
C GLY A 5 -8.43 4.90 10.06
N LYS A 6 -7.88 3.91 9.35
CA LYS A 6 -8.62 2.69 9.06
C LYS A 6 -7.76 1.45 9.30
N GLU A 7 -6.80 1.22 8.40
CA GLU A 7 -5.91 0.07 8.52
C GLU A 7 -4.59 0.34 7.79
N LEU A 8 -3.51 0.44 8.56
CA LEU A 8 -2.19 0.69 7.99
C LEU A 8 -1.39 -0.60 7.90
N VAL A 9 -0.52 -0.69 6.90
CA VAL A 9 0.32 -1.86 6.70
C VAL A 9 1.77 -1.47 6.40
N LEU A 10 2.70 -2.15 7.05
CA LEU A 10 4.12 -1.88 6.86
C LEU A 10 4.78 -2.96 6.01
N ALA A 11 5.52 -2.55 5.00
CA ALA A 11 6.20 -3.48 4.12
C ALA A 11 7.46 -4.04 4.77
N LEU A 12 7.54 -5.37 4.87
CA LEU A 12 8.69 -6.02 5.47
C LEU A 12 9.77 -6.30 4.43
N TYR A 13 9.35 -6.67 3.23
CA TYR A 13 10.28 -6.95 2.15
C TYR A 13 10.18 -5.92 1.04
N ASP A 14 10.89 -6.14 -0.06
CA ASP A 14 10.87 -5.23 -1.19
C ASP A 14 10.01 -5.78 -2.32
N TYR A 15 9.26 -4.91 -2.97
CA TYR A 15 8.38 -5.31 -4.06
C TYR A 15 8.42 -4.28 -5.19
N GLN A 16 8.04 -4.73 -6.39
CA GLN A 16 8.04 -3.85 -7.55
C GLN A 16 6.69 -3.89 -8.26
N GLU A 17 6.35 -2.80 -8.94
CA GLU A 17 5.08 -2.71 -9.67
C GLU A 17 5.27 -3.04 -11.14
N LYS A 18 4.39 -3.88 -11.67
CA LYS A 18 4.45 -4.26 -13.08
C LYS A 18 3.23 -3.77 -13.85
N SER A 19 2.06 -3.89 -13.23
CA SER A 19 0.81 -3.45 -13.85
C SER A 19 0.51 -2.00 -13.50
N PRO A 20 -0.35 -1.37 -14.31
CA PRO A 20 -0.74 0.03 -14.10
C PRO A 20 -1.61 0.22 -12.86
N ARG A 21 -2.12 -0.89 -12.33
CA ARG A 21 -2.97 -0.85 -11.15
C ARG A 21 -2.22 -1.38 -9.93
N GLU A 22 -0.89 -1.28 -9.96
CA GLU A 22 -0.06 -1.74 -8.86
C GLU A 22 0.85 -0.62 -8.37
N VAL A 23 1.27 -0.72 -7.10
CA VAL A 23 2.16 0.28 -6.52
C VAL A 23 3.46 -0.35 -6.04
N THR A 24 4.55 0.39 -6.17
CA THR A 24 5.86 -0.09 -5.75
C THR A 24 6.11 0.19 -4.28
N MET A 25 6.47 -0.84 -3.53
CA MET A 25 6.74 -0.71 -2.10
C MET A 25 8.10 -1.31 -1.74
N LYS A 26 8.63 -0.90 -0.60
CA LYS A 26 9.93 -1.40 -0.14
C LYS A 26 9.92 -1.61 1.38
N LYS A 27 10.82 -2.46 1.85
CA LYS A 27 10.91 -2.75 3.28
C LYS A 27 11.03 -1.46 4.09
N GLY A 28 9.94 -1.09 4.76
CA GLY A 28 9.94 0.12 5.56
C GLY A 28 8.89 1.10 5.11
N ASP A 29 8.25 0.82 3.97
CA ASP A 29 7.22 1.69 3.43
C ASP A 29 5.89 1.49 4.17
N ILE A 30 5.05 2.51 4.13
CA ILE A 30 3.75 2.44 4.79
C ILE A 30 2.61 2.66 3.80
N LEU A 31 1.72 1.68 3.69
CA LEU A 31 0.59 1.77 2.78
C LEU A 31 -0.73 1.72 3.54
N THR A 32 -1.79 2.24 2.93
CA THR A 32 -3.12 2.26 3.55
C THR A 32 -3.97 1.10 3.04
N LEU A 33 -4.12 0.08 3.89
CA LEU A 33 -4.92 -1.09 3.54
C LEU A 33 -6.33 -0.69 3.12
N LEU A 34 -6.64 -0.86 1.85
CA LEU A 34 -7.96 -0.52 1.33
C LEU A 34 -8.82 -1.77 1.13
N ASN A 35 -8.18 -2.84 0.66
CA ASN A 35 -8.88 -4.09 0.42
C ASN A 35 -8.03 -5.28 0.86
N SER A 36 -8.57 -6.09 1.77
CA SER A 36 -7.87 -7.25 2.28
C SER A 36 -8.71 -8.52 2.12
N THR A 37 -9.67 -8.46 1.20
CA THR A 37 -10.55 -9.60 0.95
C THR A 37 -9.74 -10.88 0.73
N ASN A 38 -8.54 -10.72 0.17
CA ASN A 38 -7.68 -11.86 -0.11
C ASN A 38 -6.63 -12.02 0.99
N LYS A 39 -5.84 -13.09 0.91
CA LYS A 39 -4.80 -13.36 1.88
C LYS A 39 -3.42 -13.31 1.25
N ASP A 40 -3.38 -13.51 -0.06
CA ASP A 40 -2.11 -13.50 -0.80
C ASP A 40 -1.89 -12.14 -1.46
N TRP A 41 -2.91 -11.65 -2.17
CA TRP A 41 -2.83 -10.37 -2.85
C TRP A 41 -3.62 -9.30 -2.10
N TRP A 42 -2.90 -8.36 -1.49
CA TRP A 42 -3.53 -7.28 -0.74
C TRP A 42 -3.51 -5.98 -1.53
N LYS A 43 -4.62 -5.27 -1.52
CA LYS A 43 -4.73 -4.00 -2.23
C LYS A 43 -4.72 -2.82 -1.26
N VAL A 44 -3.67 -2.01 -1.34
CA VAL A 44 -3.54 -0.84 -0.47
C VAL A 44 -3.64 0.45 -1.27
N GLU A 45 -3.50 1.58 -0.57
CA GLU A 45 -3.58 2.89 -1.21
C GLU A 45 -2.35 3.73 -0.87
N VAL A 46 -1.86 4.48 -1.86
CA VAL A 46 -0.69 5.33 -1.67
C VAL A 46 -1.02 6.79 -1.97
N LYS A 47 -0.18 7.69 -1.49
CA LYS A 47 -0.38 9.12 -1.71
C LYS A 47 0.81 9.73 -2.44
N ILE A 48 0.59 10.18 -3.67
CA ILE A 48 1.64 10.78 -4.47
C ILE A 48 1.36 12.26 -4.71
N THR A 49 2.34 13.10 -4.36
CA THR A 49 2.20 14.53 -4.53
C THR A 49 2.78 14.99 -5.86
N VAL A 50 1.92 15.50 -6.73
CA VAL A 50 2.35 15.97 -8.05
C VAL A 50 1.88 17.40 -8.30
N ASN A 51 2.80 18.27 -8.68
CA ASN A 51 2.48 19.66 -8.96
C ASN A 51 1.79 20.31 -7.76
N GLY A 52 2.22 19.94 -6.57
CA GLY A 52 1.63 20.48 -5.35
C GLY A 52 0.22 19.97 -5.10
N LYS A 53 -0.11 18.84 -5.72
CA LYS A 53 -1.43 18.25 -5.57
C LYS A 53 -1.32 16.79 -5.14
N THR A 54 -1.88 16.48 -3.98
CA THR A 54 -1.86 15.11 -3.46
C THR A 54 -2.84 14.22 -4.19
N TYR A 55 -2.35 13.09 -4.68
CA TYR A 55 -3.20 12.14 -5.41
C TYR A 55 -3.23 10.79 -4.71
N GLU A 56 -4.36 10.09 -4.85
CA GLU A 56 -4.52 8.78 -4.21
C GLU A 56 -4.76 7.70 -5.27
N ARG A 57 -4.14 6.55 -5.08
CA ARG A 57 -4.29 5.44 -6.01
C ARG A 57 -4.15 4.09 -5.29
N GLN A 58 -4.92 3.11 -5.73
CA GLN A 58 -4.87 1.78 -5.13
C GLN A 58 -3.91 0.87 -5.88
N GLY A 59 -3.11 0.11 -5.13
CA GLY A 59 -2.16 -0.79 -5.75
C GLY A 59 -2.14 -2.16 -5.10
N PHE A 60 -2.01 -3.21 -5.91
CA PHE A 60 -1.98 -4.57 -5.40
C PHE A 60 -0.56 -4.99 -5.04
N VAL A 61 -0.42 -5.72 -3.94
CA VAL A 61 0.89 -6.19 -3.50
C VAL A 61 0.76 -7.46 -2.67
N PRO A 62 1.84 -8.25 -2.61
CA PRO A 62 1.88 -9.50 -1.85
C PRO A 62 1.85 -9.27 -0.35
N ALA A 63 0.75 -9.68 0.29
CA ALA A 63 0.61 -9.51 1.73
C ALA A 63 1.69 -10.28 2.49
N ALA A 64 2.17 -11.36 1.88
CA ALA A 64 3.20 -12.19 2.49
C ALA A 64 4.50 -11.41 2.63
N TYR A 65 4.60 -10.28 1.94
CA TYR A 65 5.80 -9.46 1.98
C TYR A 65 5.58 -8.23 2.88
N VAL A 66 4.37 -8.10 3.41
CA VAL A 66 4.03 -6.99 4.28
C VAL A 66 3.27 -7.45 5.51
N LYS A 67 2.94 -6.51 6.39
CA LYS A 67 2.21 -6.83 7.60
C LYS A 67 1.32 -5.65 8.03
N LYS A 68 0.47 -5.89 9.01
CA LYS A 68 -0.43 -4.86 9.51
C LYS A 68 0.17 -4.13 10.71
N LEU A 69 0.02 -2.82 10.74
CA LEU A 69 0.56 -2.01 11.83
C LEU A 69 -0.04 -2.45 13.17
N ASP A 70 -1.36 -2.56 13.21
CA ASP A 70 -2.05 -2.97 14.43
C ASP A 70 -2.25 -4.48 14.46
#